data_1WI0
#
_entry.id   1WI0
#
_entity_poly.entity_id   1
_entity_poly.type   'polypeptide(L)'
_entity_poly.pdbx_seq_one_letter_code
;GSSGSSGPFCAMENQVLVIRIKIPNSGAVDWTVHSGPQLLFRDVLDVIGQVLPEATTTAFEYEDEDGDRITVRSDEEMKA
MLSYYYSTVMEQQVNGQLIEPLQIFPRSGPSSG
;
_entity_poly.pdbx_strand_id   A
#
# COMPACT_ATOMS: atom_id res chain seq x y z
N GLY A 1 14.17 -6.00 -0.97
CA GLY A 1 13.76 -5.44 0.30
C GLY A 1 14.79 -4.45 0.84
N SER A 2 15.06 -4.57 2.12
CA SER A 2 16.03 -3.69 2.76
C SER A 2 17.35 -4.42 2.96
N SER A 3 18.32 -4.07 2.11
CA SER A 3 19.63 -4.69 2.17
C SER A 3 20.41 -4.14 3.37
N GLY A 4 20.78 -5.04 4.27
CA GLY A 4 21.52 -4.66 5.45
C GLY A 4 20.58 -4.45 6.64
N SER A 5 19.98 -5.55 7.08
CA SER A 5 19.07 -5.50 8.21
C SER A 5 19.84 -5.34 9.51
N SER A 6 20.84 -6.21 9.68
CA SER A 6 21.67 -6.18 10.87
C SER A 6 20.78 -6.23 12.12
N GLY A 7 20.27 -7.42 12.40
CA GLY A 7 19.40 -7.61 13.55
C GLY A 7 17.98 -7.95 13.12
N PRO A 8 17.69 -9.29 13.15
CA PRO A 8 16.37 -9.76 12.77
C PRO A 8 15.34 -9.47 13.87
N PHE A 9 14.90 -8.23 13.92
CA PHE A 9 13.93 -7.80 14.91
C PHE A 9 12.84 -6.93 14.28
N CYS A 10 13.30 -5.92 13.55
CA CYS A 10 12.39 -5.00 12.89
C CYS A 10 11.68 -4.18 13.97
N ALA A 11 12.15 -2.95 14.14
CA ALA A 11 11.58 -2.06 15.13
C ALA A 11 10.48 -1.22 14.47
N MET A 12 9.47 -0.88 15.28
CA MET A 12 8.36 -0.09 14.78
C MET A 12 7.40 0.26 15.92
N GLU A 13 7.12 1.55 16.03
CA GLU A 13 6.22 2.04 17.07
C GLU A 13 4.76 1.85 16.64
N ASN A 14 4.47 2.33 15.43
CA ASN A 14 3.13 2.22 14.89
C ASN A 14 2.90 0.80 14.38
N GLN A 15 1.70 0.31 14.60
CA GLN A 15 1.34 -1.03 14.16
C GLN A 15 1.82 -1.26 12.73
N VAL A 16 1.89 -2.54 12.37
CA VAL A 16 2.33 -2.91 11.05
C VAL A 16 1.35 -2.35 10.01
N LEU A 17 1.76 -2.45 8.75
CA LEU A 17 0.94 -1.95 7.65
C LEU A 17 0.48 -3.13 6.79
N VAL A 18 -0.72 -2.98 6.24
CA VAL A 18 -1.27 -4.03 5.39
C VAL A 18 -1.72 -3.40 4.07
N ILE A 19 -1.00 -3.75 3.01
CA ILE A 19 -1.32 -3.24 1.69
C ILE A 19 -2.19 -4.25 0.95
N ARG A 20 -3.28 -3.75 0.40
CA ARG A 20 -4.21 -4.61 -0.33
C ARG A 20 -4.12 -4.31 -1.82
N ILE A 21 -3.43 -5.19 -2.53
CA ILE A 21 -3.26 -5.05 -3.97
C ILE A 21 -4.53 -5.55 -4.68
N LYS A 22 -5.16 -4.63 -5.39
CA LYS A 22 -6.38 -4.96 -6.12
C LYS A 22 -6.03 -5.88 -7.29
N ILE A 23 -6.39 -7.16 -7.13
CA ILE A 23 -6.12 -8.15 -8.15
C ILE A 23 -7.24 -8.11 -9.19
N PRO A 24 -6.82 -8.26 -10.48
CA PRO A 24 -7.78 -8.24 -11.58
C PRO A 24 -8.58 -9.55 -11.63
N ASN A 25 -9.87 -9.43 -11.39
CA ASN A 25 -10.75 -10.59 -11.40
C ASN A 25 -10.10 -11.73 -10.62
N SER A 26 -9.83 -11.45 -9.35
CA SER A 26 -9.21 -12.44 -8.49
C SER A 26 -9.05 -11.89 -7.08
N GLY A 27 -10.04 -11.11 -6.67
CA GLY A 27 -10.03 -10.51 -5.35
C GLY A 27 -8.83 -9.58 -5.18
N ALA A 28 -8.20 -9.68 -4.01
CA ALA A 28 -7.04 -8.85 -3.71
C ALA A 28 -6.16 -9.58 -2.70
N VAL A 29 -4.86 -9.31 -2.80
CA VAL A 29 -3.90 -9.94 -1.89
C VAL A 29 -3.41 -8.89 -0.90
N ASP A 30 -3.17 -9.36 0.33
CA ASP A 30 -2.69 -8.48 1.38
C ASP A 30 -1.20 -8.75 1.63
N TRP A 31 -0.41 -7.70 1.43
CA TRP A 31 1.02 -7.81 1.62
C TRP A 31 1.33 -7.38 3.05
N THR A 32 1.59 -8.37 3.89
CA THR A 32 1.91 -8.11 5.29
C THR A 32 3.17 -7.25 5.40
N VAL A 33 2.97 -5.97 5.62
CA VAL A 33 4.08 -5.04 5.74
C VAL A 33 4.25 -4.64 7.21
N HIS A 34 5.46 -4.83 7.70
CA HIS A 34 5.77 -4.49 9.08
C HIS A 34 6.46 -3.12 9.14
N SER A 35 7.23 -2.84 8.11
CA SER A 35 7.94 -1.58 8.03
C SER A 35 7.09 -0.54 7.31
N GLY A 36 5.86 -0.41 7.76
CA GLY A 36 4.94 0.55 7.16
C GLY A 36 5.64 1.86 6.83
N PRO A 37 6.35 2.41 7.85
CA PRO A 37 7.06 3.66 7.68
C PRO A 37 8.34 3.45 6.87
N GLN A 38 9.08 2.40 7.24
CA GLN A 38 10.32 2.08 6.56
C GLN A 38 10.03 1.31 5.27
N LEU A 39 9.16 1.89 4.46
CA LEU A 39 8.80 1.27 3.18
C LEU A 39 9.19 2.21 2.04
N LEU A 40 9.67 1.59 0.97
CA LEU A 40 10.09 2.35 -0.20
C LEU A 40 9.18 2.00 -1.38
N PHE A 41 9.22 2.85 -2.40
CA PHE A 41 8.41 2.65 -3.58
C PHE A 41 8.77 1.34 -4.27
N ARG A 42 10.07 1.18 -4.52
CA ARG A 42 10.56 -0.02 -5.17
C ARG A 42 10.05 -1.27 -4.46
N ASP A 43 10.21 -1.27 -3.14
CA ASP A 43 9.78 -2.39 -2.33
C ASP A 43 8.40 -2.85 -2.80
N VAL A 44 7.49 -1.88 -2.93
CA VAL A 44 6.14 -2.18 -3.38
C VAL A 44 6.20 -2.90 -4.73
N LEU A 45 6.94 -2.30 -5.65
CA LEU A 45 7.09 -2.87 -6.98
C LEU A 45 7.78 -4.24 -6.87
N ASP A 46 8.64 -4.35 -5.88
CA ASP A 46 9.37 -5.59 -5.65
C ASP A 46 8.40 -6.67 -5.18
N VAL A 47 7.35 -6.22 -4.48
CA VAL A 47 6.36 -7.13 -3.97
C VAL A 47 5.32 -7.42 -5.07
N ILE A 48 4.70 -6.35 -5.53
CA ILE A 48 3.68 -6.47 -6.58
C ILE A 48 4.19 -7.42 -7.66
N GLY A 49 5.47 -7.27 -7.99
CA GLY A 49 6.08 -8.12 -9.00
C GLY A 49 5.77 -9.59 -8.75
N GLN A 50 5.60 -9.92 -7.48
CA GLN A 50 5.30 -11.29 -7.10
C GLN A 50 3.79 -11.54 -7.19
N VAL A 51 3.03 -10.47 -7.08
CA VAL A 51 1.58 -10.57 -7.14
C VAL A 51 1.14 -10.64 -8.61
N LEU A 52 1.66 -9.69 -9.39
CA LEU A 52 1.34 -9.63 -10.80
C LEU A 52 2.62 -9.76 -11.62
N PRO A 53 3.11 -11.02 -11.72
CA PRO A 53 4.33 -11.29 -12.47
C PRO A 53 4.07 -11.24 -13.98
N GLU A 54 2.80 -11.40 -14.34
CA GLU A 54 2.41 -11.37 -15.74
C GLU A 54 1.79 -10.01 -16.08
N ALA A 55 1.84 -9.11 -15.11
CA ALA A 55 1.31 -7.77 -15.31
C ALA A 55 2.18 -6.77 -14.56
N THR A 56 2.94 -6.01 -15.33
CA THR A 56 3.83 -5.01 -14.76
C THR A 56 3.03 -4.06 -13.86
N THR A 57 3.77 -3.19 -13.19
CA THR A 57 3.16 -2.22 -12.29
C THR A 57 3.94 -0.91 -12.30
N THR A 58 5.09 -0.94 -11.64
CA THR A 58 5.95 0.23 -11.57
C THR A 58 5.37 1.25 -10.58
N ALA A 59 4.13 1.62 -10.82
CA ALA A 59 3.46 2.58 -9.95
C ALA A 59 2.10 2.01 -9.54
N PHE A 60 1.48 2.69 -8.57
CA PHE A 60 0.19 2.27 -8.07
C PHE A 60 -0.63 3.46 -7.58
N GLU A 61 -1.91 3.23 -7.40
CA GLU A 61 -2.81 4.28 -6.94
C GLU A 61 -3.46 3.87 -5.61
N TYR A 62 -3.90 4.88 -4.88
CA TYR A 62 -4.54 4.65 -3.59
C TYR A 62 -5.57 5.72 -3.28
N GLU A 63 -6.77 5.28 -2.96
CA GLU A 63 -7.85 6.19 -2.64
C GLU A 63 -7.48 7.06 -1.45
N ASP A 64 -7.74 8.35 -1.60
CA ASP A 64 -7.44 9.30 -0.54
C ASP A 64 -8.71 9.57 0.27
N GLU A 65 -8.76 10.77 0.85
CA GLU A 65 -9.91 11.17 1.65
C GLU A 65 -11.13 11.39 0.76
N ASP A 66 -10.86 11.97 -0.41
CA ASP A 66 -11.93 12.25 -1.36
C ASP A 66 -12.00 11.11 -2.38
N GLY A 67 -11.42 9.98 -2.01
CA GLY A 67 -11.40 8.82 -2.88
C GLY A 67 -11.24 9.24 -4.34
N ASP A 68 -10.15 9.96 -4.60
CA ASP A 68 -9.86 10.42 -5.94
C ASP A 68 -8.78 9.53 -6.56
N ARG A 69 -8.39 8.53 -5.80
CA ARG A 69 -7.35 7.61 -6.26
C ARG A 69 -6.09 8.37 -6.66
N ILE A 70 -5.13 8.36 -5.76
CA ILE A 70 -3.87 9.05 -6.00
C ILE A 70 -2.95 8.14 -6.82
N THR A 71 -1.79 8.68 -7.18
CA THR A 71 -0.82 7.94 -7.96
C THR A 71 0.57 8.08 -7.36
N VAL A 72 1.25 6.94 -7.24
CA VAL A 72 2.58 6.92 -6.68
C VAL A 72 3.58 6.49 -7.75
N ARG A 73 4.34 7.46 -8.23
CA ARG A 73 5.33 7.19 -9.26
C ARG A 73 6.73 7.53 -8.76
N SER A 74 6.78 7.94 -7.50
CA SER A 74 8.05 8.30 -6.89
C SER A 74 7.95 8.18 -5.36
N ASP A 75 9.05 7.75 -4.77
CA ASP A 75 9.10 7.58 -3.32
C ASP A 75 8.38 8.75 -2.65
N GLU A 76 8.45 9.90 -3.30
CA GLU A 76 7.82 11.10 -2.78
C GLU A 76 6.33 10.85 -2.54
N GLU A 77 5.66 10.38 -3.59
CA GLU A 77 4.24 10.09 -3.50
C GLU A 77 3.97 9.04 -2.43
N MET A 78 4.87 8.06 -2.37
CA MET A 78 4.73 6.99 -1.40
C MET A 78 4.56 7.55 0.02
N LYS A 79 5.61 8.18 0.50
CA LYS A 79 5.59 8.76 1.83
C LYS A 79 4.27 9.50 2.04
N ALA A 80 3.75 10.02 0.93
CA ALA A 80 2.50 10.76 0.98
C ALA A 80 1.35 9.79 1.23
N MET A 81 1.26 8.77 0.38
CA MET A 81 0.22 7.77 0.51
C MET A 81 0.18 7.21 1.93
N LEU A 82 1.37 6.98 2.48
CA LEU A 82 1.47 6.44 3.82
C LEU A 82 1.11 7.52 4.84
N SER A 83 1.38 8.76 4.45
CA SER A 83 1.08 9.89 5.31
C SER A 83 -0.42 10.04 5.48
N TYR A 84 -1.15 9.54 4.50
CA TYR A 84 -2.60 9.61 4.53
C TYR A 84 -3.19 8.41 5.26
N TYR A 85 -2.74 7.23 4.87
CA TYR A 85 -3.22 6.01 5.49
C TYR A 85 -3.18 6.11 7.02
N TYR A 86 -2.06 6.61 7.52
CA TYR A 86 -1.90 6.76 8.96
C TYR A 86 -2.74 7.92 9.48
N SER A 87 -2.89 8.94 8.65
CA SER A 87 -3.67 10.11 9.03
C SER A 87 -5.16 9.76 9.05
N THR A 88 -5.51 8.76 8.24
CA THR A 88 -6.89 8.32 8.17
C THR A 88 -7.11 7.11 9.09
N VAL A 89 -6.14 6.22 9.07
CA VAL A 89 -6.22 5.01 9.89
C VAL A 89 -6.49 5.41 11.34
N MET A 90 -5.61 6.26 11.86
CA MET A 90 -5.74 6.74 13.22
C MET A 90 -7.13 7.32 13.49
N GLU A 91 -7.73 7.83 12.42
CA GLU A 91 -9.05 8.42 12.51
C GLU A 91 -10.12 7.32 12.56
N GLN A 92 -9.82 6.21 11.90
CA GLN A 92 -10.74 5.08 11.86
C GLN A 92 -10.78 4.39 13.23
N GLN A 93 -9.73 4.62 14.01
CA GLN A 93 -9.63 4.02 15.33
C GLN A 93 -10.38 4.88 16.35
N VAL A 94 -10.12 6.18 16.29
CA VAL A 94 -10.75 7.12 17.20
C VAL A 94 -12.27 7.08 16.99
N ASN A 95 -12.66 6.76 15.77
CA ASN A 95 -14.06 6.69 15.42
C ASN A 95 -14.66 5.41 16.01
N GLY A 96 -14.11 4.29 15.58
CA GLY A 96 -14.58 2.99 16.06
C GLY A 96 -14.40 1.92 15.00
N GLN A 97 -14.95 2.18 13.83
CA GLN A 97 -14.86 1.24 12.71
C GLN A 97 -13.45 0.63 12.66
N LEU A 98 -13.39 -0.57 12.11
CA LEU A 98 -12.13 -1.28 12.00
C LEU A 98 -11.27 -0.60 10.92
N ILE A 99 -9.97 -0.78 11.06
CA ILE A 99 -9.03 -0.20 10.09
C ILE A 99 -9.09 -0.99 8.78
N GLU A 100 -8.89 -0.27 7.69
CA GLU A 100 -8.92 -0.90 6.38
C GLU A 100 -7.50 -0.98 5.81
N PRO A 101 -7.31 -2.00 4.92
CA PRO A 101 -6.00 -2.20 4.31
C PRO A 101 -5.74 -1.16 3.22
N LEU A 102 -4.49 -0.75 3.12
CA LEU A 102 -4.11 0.24 2.13
C LEU A 102 -4.45 -0.28 0.73
N GLN A 103 -5.69 -0.04 0.33
CA GLN A 103 -6.15 -0.49 -0.97
C GLN A 103 -5.36 0.21 -2.08
N ILE A 104 -4.46 -0.55 -2.69
CA ILE A 104 -3.64 -0.02 -3.77
C ILE A 104 -3.92 -0.80 -5.05
N PHE A 105 -3.61 -0.16 -6.17
CA PHE A 105 -3.83 -0.77 -7.46
C PHE A 105 -2.54 -0.76 -8.29
N PRO A 106 -2.17 -1.98 -8.78
CA PRO A 106 -0.97 -2.12 -9.59
C PRO A 106 -1.19 -1.58 -11.01
N ARG A 107 -0.79 -0.34 -11.20
CA ARG A 107 -0.93 0.30 -12.51
C ARG A 107 -0.27 -0.55 -13.59
N SER A 108 -1.06 -1.46 -14.15
CA SER A 108 -0.57 -2.34 -15.19
C SER A 108 -0.89 -1.75 -16.57
N GLY A 109 0.13 -1.69 -17.40
CA GLY A 109 -0.03 -1.15 -18.74
C GLY A 109 0.37 -2.18 -19.81
N PRO A 110 0.19 -1.79 -21.09
CA PRO A 110 0.53 -2.65 -22.20
C PRO A 110 2.05 -2.72 -22.40
N SER A 111 2.64 -1.55 -22.61
CA SER A 111 4.07 -1.45 -22.82
C SER A 111 4.81 -2.02 -21.61
N SER A 112 6.05 -2.40 -21.84
CA SER A 112 6.88 -2.95 -20.77
C SER A 112 8.24 -3.36 -21.33
N GLY A 113 9.11 -2.35 -21.46
CA GLY A 113 10.44 -2.58 -21.97
C GLY A 113 11.45 -2.79 -20.83
N GLY A 1 -25.51 5.21 23.74
CA GLY A 1 -25.63 6.64 23.58
C GLY A 1 -24.79 7.39 24.61
N SER A 2 -23.60 7.79 24.18
CA SER A 2 -22.69 8.51 25.06
C SER A 2 -21.80 9.43 24.24
N SER A 3 -21.07 8.82 23.31
CA SER A 3 -20.17 9.55 22.45
C SER A 3 -19.08 10.23 23.29
N GLY A 4 -17.94 10.47 22.65
CA GLY A 4 -16.82 11.09 23.33
C GLY A 4 -15.49 10.43 22.93
N SER A 5 -14.42 11.13 23.20
CA SER A 5 -13.09 10.63 22.88
C SER A 5 -12.36 10.23 24.16
N SER A 6 -11.26 9.52 23.98
CA SER A 6 -10.46 9.06 25.10
C SER A 6 -8.99 9.43 24.89
N GLY A 7 -8.45 8.95 23.78
CA GLY A 7 -7.05 9.22 23.44
C GLY A 7 -6.95 10.05 22.16
N PRO A 8 -6.81 11.39 22.35
CA PRO A 8 -6.70 12.30 21.22
C PRO A 8 -5.32 12.22 20.59
N PHE A 9 -4.30 12.24 21.44
CA PHE A 9 -2.94 12.16 20.97
C PHE A 9 -2.08 11.28 21.89
N CYS A 10 -1.51 10.25 21.31
CA CYS A 10 -0.67 9.33 22.05
C CYS A 10 -0.16 8.24 21.10
N ALA A 11 1.09 7.86 21.32
CA ALA A 11 1.72 6.84 20.48
C ALA A 11 1.61 7.26 19.02
N MET A 12 2.25 6.47 18.16
CA MET A 12 2.24 6.75 16.74
C MET A 12 1.71 5.54 15.95
N GLU A 13 2.33 4.40 16.19
CA GLU A 13 1.93 3.17 15.51
C GLU A 13 1.33 2.19 16.52
N ASN A 14 0.39 1.39 16.02
CA ASN A 14 -0.26 0.41 16.85
C ASN A 14 -0.30 -0.94 16.12
N GLN A 15 -0.69 -0.88 14.85
CA GLN A 15 -0.77 -2.07 14.03
C GLN A 15 0.08 -1.91 12.77
N VAL A 16 0.45 -3.05 12.20
CA VAL A 16 1.27 -3.05 11.00
C VAL A 16 0.42 -2.56 9.81
N LEU A 17 1.12 -2.18 8.75
CA LEU A 17 0.45 -1.70 7.56
C LEU A 17 0.11 -2.89 6.65
N VAL A 18 -1.09 -2.84 6.10
CA VAL A 18 -1.55 -3.91 5.21
C VAL A 18 -1.95 -3.30 3.86
N ILE A 19 -1.14 -3.59 2.85
CA ILE A 19 -1.41 -3.09 1.52
C ILE A 19 -2.12 -4.17 0.70
N ARG A 20 -3.36 -3.86 0.32
CA ARG A 20 -4.15 -4.79 -0.46
C ARG A 20 -4.03 -4.46 -1.96
N ILE A 21 -3.25 -5.29 -2.64
CA ILE A 21 -3.04 -5.11 -4.06
C ILE A 21 -4.28 -5.58 -4.82
N LYS A 22 -4.90 -4.65 -5.53
CA LYS A 22 -6.10 -4.97 -6.30
C LYS A 22 -5.72 -5.93 -7.44
N ILE A 23 -6.25 -7.14 -7.33
CA ILE A 23 -5.98 -8.16 -8.33
C ILE A 23 -7.02 -8.04 -9.46
N PRO A 24 -6.53 -8.24 -10.71
CA PRO A 24 -7.40 -8.17 -11.87
C PRO A 24 -8.29 -9.41 -11.98
N ASN A 25 -9.59 -9.18 -11.84
CA ASN A 25 -10.55 -10.27 -11.93
C ASN A 25 -9.99 -11.49 -11.20
N SER A 26 -9.94 -11.38 -9.88
CA SER A 26 -9.43 -12.47 -9.06
C SER A 26 -9.75 -12.20 -7.58
N GLY A 27 -9.56 -10.96 -7.18
CA GLY A 27 -9.82 -10.56 -5.81
C GLY A 27 -8.83 -9.48 -5.35
N ALA A 28 -8.02 -9.86 -4.38
CA ALA A 28 -7.03 -8.93 -3.84
C ALA A 28 -6.16 -9.66 -2.81
N VAL A 29 -4.89 -9.30 -2.80
CA VAL A 29 -3.95 -9.91 -1.86
C VAL A 29 -3.43 -8.84 -0.90
N ASP A 30 -3.30 -9.25 0.36
CA ASP A 30 -2.82 -8.34 1.39
C ASP A 30 -1.32 -8.59 1.62
N TRP A 31 -0.57 -7.50 1.54
CA TRP A 31 0.87 -7.58 1.73
C TRP A 31 1.19 -7.08 3.15
N THR A 32 1.46 -8.03 4.02
CA THR A 32 1.78 -7.71 5.40
C THR A 32 3.02 -6.82 5.47
N VAL A 33 2.79 -5.56 5.79
CA VAL A 33 3.88 -4.61 5.89
C VAL A 33 4.04 -4.17 7.35
N HIS A 34 5.22 -4.45 7.88
CA HIS A 34 5.52 -4.09 9.26
C HIS A 34 6.30 -2.77 9.30
N SER A 35 6.99 -2.51 8.20
CA SER A 35 7.77 -1.28 8.10
C SER A 35 7.00 -0.22 7.31
N GLY A 36 5.73 -0.08 7.69
CA GLY A 36 4.87 0.89 7.03
C GLY A 36 5.64 2.18 6.70
N PRO A 37 6.30 2.74 7.74
CA PRO A 37 7.07 3.95 7.58
C PRO A 37 8.39 3.67 6.86
N GLN A 38 9.01 2.57 7.23
CA GLN A 38 10.27 2.17 6.65
C GLN A 38 10.04 1.39 5.35
N LEU A 39 9.15 1.93 4.53
CA LEU A 39 8.81 1.29 3.26
C LEU A 39 9.24 2.21 2.11
N LEU A 40 9.70 1.58 1.04
CA LEU A 40 10.14 2.32 -0.13
C LEU A 40 9.21 2.00 -1.31
N PHE A 41 9.31 2.84 -2.33
CA PHE A 41 8.48 2.66 -3.51
C PHE A 41 8.86 1.37 -4.25
N ARG A 42 10.16 1.14 -4.33
CA ARG A 42 10.66 -0.05 -5.00
C ARG A 42 10.14 -1.31 -4.31
N ASP A 43 10.25 -1.31 -2.98
CA ASP A 43 9.79 -2.44 -2.19
C ASP A 43 8.43 -2.90 -2.71
N VAL A 44 7.54 -1.94 -2.87
CA VAL A 44 6.20 -2.23 -3.36
C VAL A 44 6.29 -2.93 -4.71
N LEU A 45 6.95 -2.28 -5.64
CA LEU A 45 7.12 -2.82 -6.97
C LEU A 45 7.79 -4.19 -6.88
N ASP A 46 8.65 -4.33 -5.88
CA ASP A 46 9.37 -5.57 -5.66
C ASP A 46 8.38 -6.64 -5.16
N VAL A 47 7.35 -6.17 -4.47
CA VAL A 47 6.33 -7.06 -3.94
C VAL A 47 5.32 -7.40 -5.04
N ILE A 48 4.71 -6.36 -5.57
CA ILE A 48 3.73 -6.52 -6.63
C ILE A 48 4.24 -7.54 -7.64
N GLY A 49 5.50 -7.36 -8.02
CA GLY A 49 6.12 -8.27 -8.99
C GLY A 49 5.80 -9.72 -8.65
N GLN A 50 5.58 -9.98 -7.38
CA GLN A 50 5.27 -11.32 -6.93
C GLN A 50 3.77 -11.59 -7.08
N VAL A 51 2.98 -10.56 -6.79
CA VAL A 51 1.54 -10.68 -6.89
C VAL A 51 1.14 -10.75 -8.36
N LEU A 52 1.79 -9.93 -9.17
CA LEU A 52 1.51 -9.89 -10.59
C LEU A 52 2.78 -10.22 -11.37
N PRO A 53 3.11 -11.55 -11.41
CA PRO A 53 4.30 -12.00 -12.12
C PRO A 53 4.09 -11.96 -13.63
N GLU A 54 2.82 -11.96 -14.02
CA GLU A 54 2.47 -11.92 -15.43
C GLU A 54 2.01 -10.51 -15.83
N ALA A 55 2.08 -9.61 -14.86
CA ALA A 55 1.69 -8.23 -15.10
C ALA A 55 2.54 -7.30 -14.24
N THR A 56 3.74 -7.04 -14.72
CA THR A 56 4.66 -6.16 -14.00
C THR A 56 3.97 -4.86 -13.63
N THR A 57 4.68 -4.04 -12.85
CA THR A 57 4.15 -2.76 -12.43
C THR A 57 5.27 -1.88 -11.85
N THR A 58 5.19 -0.61 -12.18
CA THR A 58 6.20 0.34 -11.69
C THR A 58 5.57 1.30 -10.69
N ALA A 59 4.34 1.69 -10.97
CA ALA A 59 3.62 2.61 -10.10
C ALA A 59 2.30 1.97 -9.67
N PHE A 60 1.64 2.62 -8.73
CA PHE A 60 0.37 2.13 -8.22
C PHE A 60 -0.47 3.27 -7.65
N GLU A 61 -1.78 3.14 -7.82
CA GLU A 61 -2.71 4.16 -7.33
C GLU A 61 -3.35 3.70 -6.02
N TYR A 62 -3.82 4.69 -5.26
CA TYR A 62 -4.45 4.41 -3.99
C TYR A 62 -5.51 5.45 -3.65
N GLU A 63 -6.67 4.96 -3.23
CA GLU A 63 -7.77 5.84 -2.89
C GLU A 63 -7.41 6.68 -1.66
N ASP A 64 -7.48 7.99 -1.83
CA ASP A 64 -7.17 8.92 -0.76
C ASP A 64 -8.42 9.15 0.09
N GLU A 65 -8.45 10.29 0.76
CA GLU A 65 -9.57 10.65 1.60
C GLU A 65 -10.80 10.97 0.75
N ASP A 66 -10.54 11.57 -0.40
CA ASP A 66 -11.61 11.94 -1.31
C ASP A 66 -11.75 10.86 -2.39
N GLY A 67 -11.19 9.70 -2.09
CA GLY A 67 -11.25 8.58 -3.03
C GLY A 67 -11.11 9.07 -4.47
N ASP A 68 -10.01 9.76 -4.72
CA ASP A 68 -9.74 10.29 -6.05
C ASP A 68 -8.67 9.43 -6.73
N ARG A 69 -8.29 8.36 -6.04
CA ARG A 69 -7.28 7.46 -6.56
C ARG A 69 -6.01 8.23 -6.92
N ILE A 70 -5.05 8.20 -6.01
CA ILE A 70 -3.79 8.89 -6.22
C ILE A 70 -2.87 8.02 -7.08
N THR A 71 -1.72 8.57 -7.41
CA THR A 71 -0.75 7.86 -8.23
C THR A 71 0.65 8.02 -7.66
N VAL A 72 1.21 6.90 -7.20
CA VAL A 72 2.54 6.91 -6.62
C VAL A 72 3.56 6.56 -7.70
N ARG A 73 4.20 7.59 -8.24
CA ARG A 73 5.19 7.41 -9.28
C ARG A 73 6.58 7.76 -8.75
N SER A 74 6.68 7.82 -7.43
CA SER A 74 7.95 8.14 -6.79
C SER A 74 7.80 8.02 -5.27
N ASP A 75 8.95 7.85 -4.61
CA ASP A 75 8.97 7.72 -3.16
C ASP A 75 8.15 8.86 -2.55
N GLU A 76 8.30 10.03 -3.13
CA GLU A 76 7.60 11.21 -2.64
C GLU A 76 6.13 10.87 -2.39
N GLU A 77 5.48 10.39 -3.44
CA GLU A 77 4.07 10.03 -3.35
C GLU A 77 3.87 8.95 -2.27
N MET A 78 4.75 7.97 -2.31
CA MET A 78 4.68 6.87 -1.35
C MET A 78 4.48 7.40 0.07
N LYS A 79 5.52 8.05 0.58
CA LYS A 79 5.47 8.61 1.92
C LYS A 79 4.12 9.30 2.13
N ALA A 80 3.71 10.04 1.11
CA ALA A 80 2.45 10.75 1.17
C ALA A 80 1.31 9.75 1.39
N MET A 81 1.22 8.79 0.47
CA MET A 81 0.19 7.78 0.55
C MET A 81 0.15 7.15 1.95
N LEU A 82 1.33 6.91 2.49
CA LEU A 82 1.45 6.30 3.81
C LEU A 82 1.07 7.34 4.86
N SER A 83 1.47 8.58 4.61
CA SER A 83 1.17 9.67 5.53
C SER A 83 -0.34 9.81 5.70
N TYR A 84 -1.04 9.65 4.58
CA TYR A 84 -2.50 9.77 4.60
C TYR A 84 -3.13 8.56 5.28
N TYR A 85 -2.94 7.40 4.67
CA TYR A 85 -3.49 6.17 5.22
C TYR A 85 -3.47 6.19 6.74
N TYR A 86 -2.33 6.60 7.29
CA TYR A 86 -2.16 6.66 8.73
C TYR A 86 -2.96 7.82 9.32
N SER A 87 -2.84 8.97 8.68
CA SER A 87 -3.55 10.16 9.13
C SER A 87 -5.04 9.86 9.26
N THR A 88 -5.50 8.96 8.42
CA THR A 88 -6.90 8.57 8.43
C THR A 88 -7.11 7.32 9.28
N VAL A 89 -6.28 6.33 9.02
CA VAL A 89 -6.36 5.08 9.75
C VAL A 89 -6.48 5.37 11.25
N MET A 90 -5.60 6.25 11.72
CA MET A 90 -5.60 6.63 13.11
C MET A 90 -6.96 7.21 13.53
N GLU A 91 -7.61 7.86 12.57
CA GLU A 91 -8.90 8.46 12.83
C GLU A 91 -9.99 7.38 12.90
N GLN A 92 -9.72 6.28 12.22
CA GLN A 92 -10.66 5.16 12.20
C GLN A 92 -10.61 4.40 13.51
N GLN A 93 -9.49 4.57 14.22
CA GLN A 93 -9.30 3.90 15.50
C GLN A 93 -9.95 4.72 16.62
N VAL A 94 -9.74 6.02 16.56
CA VAL A 94 -10.31 6.92 17.57
C VAL A 94 -11.83 6.86 17.49
N ASN A 95 -12.33 6.64 16.29
CA ASN A 95 -13.77 6.55 16.07
C ASN A 95 -14.28 5.21 16.58
N GLY A 96 -13.74 4.16 16.00
CA GLY A 96 -14.14 2.80 16.38
C GLY A 96 -14.08 1.86 15.19
N GLN A 97 -14.64 2.31 14.08
CA GLN A 97 -14.66 1.51 12.87
C GLN A 97 -13.32 0.78 12.69
N LEU A 98 -13.39 -0.36 12.03
CA LEU A 98 -12.20 -1.16 11.78
C LEU A 98 -11.33 -0.46 10.73
N ILE A 99 -10.04 -0.74 10.80
CA ILE A 99 -9.10 -0.16 9.86
C ILE A 99 -9.17 -0.90 8.53
N GLU A 100 -9.02 -0.14 7.46
CA GLU A 100 -9.07 -0.72 6.12
C GLU A 100 -7.66 -0.84 5.54
N PRO A 101 -7.50 -1.86 4.65
CA PRO A 101 -6.21 -2.09 4.02
C PRO A 101 -5.93 -1.05 2.93
N LEU A 102 -4.68 -0.64 2.85
CA LEU A 102 -4.27 0.35 1.87
C LEU A 102 -4.58 -0.19 0.46
N GLN A 103 -5.83 0.03 0.04
CA GLN A 103 -6.26 -0.41 -1.27
C GLN A 103 -5.45 0.28 -2.36
N ILE A 104 -4.58 -0.50 -3.00
CA ILE A 104 -3.74 0.02 -4.06
C ILE A 104 -3.98 -0.78 -5.33
N PHE A 105 -3.60 -0.19 -6.45
CA PHE A 105 -3.77 -0.83 -7.74
C PHE A 105 -2.46 -0.85 -8.52
N PRO A 106 -2.08 -2.07 -9.00
CA PRO A 106 -0.85 -2.22 -9.76
C PRO A 106 -1.01 -1.69 -11.18
N ARG A 107 -0.35 -0.58 -11.44
CA ARG A 107 -0.40 0.04 -12.76
C ARG A 107 0.58 -0.63 -13.71
N SER A 108 0.04 -1.39 -14.65
CA SER A 108 0.86 -2.08 -15.62
C SER A 108 1.24 -1.14 -16.76
N GLY A 109 2.49 -0.70 -16.74
CA GLY A 109 2.97 0.22 -17.76
C GLY A 109 4.47 0.51 -17.56
N PRO A 110 5.11 0.99 -18.66
CA PRO A 110 6.53 1.30 -18.62
C PRO A 110 6.77 2.62 -17.88
N SER A 111 8.03 3.01 -17.84
CA SER A 111 8.41 4.24 -17.16
C SER A 111 9.92 4.47 -17.30
N SER A 112 10.25 5.51 -18.06
CA SER A 112 11.65 5.85 -18.28
C SER A 112 12.37 4.69 -18.96
N GLY A 113 12.76 4.93 -20.21
CA GLY A 113 13.45 3.92 -20.98
C GLY A 113 14.69 3.41 -20.25
N GLY A 1 -5.77 -32.06 1.51
CA GLY A 1 -4.71 -31.33 0.85
C GLY A 1 -4.06 -30.32 1.81
N SER A 2 -2.97 -30.75 2.42
CA SER A 2 -2.24 -29.91 3.35
C SER A 2 -1.93 -28.56 2.70
N SER A 3 -1.97 -27.52 3.52
CA SER A 3 -1.70 -26.19 3.04
C SER A 3 -0.19 -25.90 3.12
N GLY A 4 0.38 -25.58 1.96
CA GLY A 4 1.80 -25.28 1.88
C GLY A 4 2.62 -26.38 2.56
N SER A 5 3.85 -26.01 2.91
CA SER A 5 4.75 -26.95 3.57
C SER A 5 5.26 -26.35 4.87
N SER A 6 5.91 -25.20 4.74
CA SER A 6 6.46 -24.52 5.90
C SER A 6 6.18 -23.01 5.79
N GLY A 7 6.32 -22.34 6.92
CA GLY A 7 6.09 -20.90 6.98
C GLY A 7 4.91 -20.57 7.90
N PRO A 8 5.27 -20.13 9.14
CA PRO A 8 4.26 -19.77 10.12
C PRO A 8 3.62 -18.43 9.79
N PHE A 9 2.59 -18.09 10.55
CA PHE A 9 1.88 -16.84 10.34
C PHE A 9 1.75 -16.06 11.65
N CYS A 10 2.37 -14.89 11.68
CA CYS A 10 2.33 -14.05 12.86
C CYS A 10 0.87 -13.68 13.14
N ALA A 11 0.65 -13.17 14.35
CA ALA A 11 -0.69 -12.79 14.76
C ALA A 11 -1.27 -11.80 13.73
N MET A 12 -2.59 -11.86 13.60
CA MET A 12 -3.27 -10.98 12.66
C MET A 12 -4.58 -10.46 13.25
N GLU A 13 -4.61 -9.17 13.52
CA GLU A 13 -5.79 -8.55 14.08
C GLU A 13 -5.57 -7.04 14.24
N ASN A 14 -5.81 -6.31 13.16
CA ASN A 14 -5.64 -4.87 13.16
C ASN A 14 -4.27 -4.53 13.74
N GLN A 15 -3.28 -4.49 12.84
CA GLN A 15 -1.92 -4.18 13.24
C GLN A 15 -1.05 -3.95 12.00
N VAL A 16 0.10 -3.32 12.24
CA VAL A 16 1.03 -3.04 11.15
C VAL A 16 0.26 -2.49 9.96
N LEU A 17 0.96 -2.39 8.84
CA LEU A 17 0.36 -1.88 7.62
C LEU A 17 0.08 -3.04 6.67
N VAL A 18 -1.10 -3.02 6.08
CA VAL A 18 -1.51 -4.06 5.15
C VAL A 18 -1.88 -3.42 3.81
N ILE A 19 -1.08 -3.73 2.80
CA ILE A 19 -1.32 -3.19 1.47
C ILE A 19 -2.13 -4.20 0.65
N ARG A 20 -3.37 -3.82 0.37
CA ARG A 20 -4.26 -4.67 -0.40
C ARG A 20 -4.10 -4.40 -1.90
N ILE A 21 -3.33 -5.26 -2.54
CA ILE A 21 -3.09 -5.12 -3.97
C ILE A 21 -4.31 -5.63 -4.73
N LYS A 22 -4.97 -4.70 -5.42
CA LYS A 22 -6.15 -5.04 -6.20
C LYS A 22 -5.75 -5.98 -7.34
N ILE A 23 -6.35 -7.16 -7.33
CA ILE A 23 -6.07 -8.15 -8.35
C ILE A 23 -7.13 -8.05 -9.45
N PRO A 24 -6.66 -8.21 -10.72
CA PRO A 24 -7.55 -8.15 -11.86
C PRO A 24 -8.40 -9.42 -11.98
N ASN A 25 -9.69 -9.24 -11.80
CA ASN A 25 -10.63 -10.36 -11.88
C ASN A 25 -9.99 -11.59 -11.23
N SER A 26 -9.95 -11.56 -9.90
CA SER A 26 -9.38 -12.66 -9.14
C SER A 26 -9.60 -12.44 -7.65
N GLY A 27 -9.44 -11.19 -7.24
CA GLY A 27 -9.63 -10.83 -5.84
C GLY A 27 -8.62 -9.76 -5.41
N ALA A 28 -7.95 -10.03 -4.30
CA ALA A 28 -6.97 -9.10 -3.78
C ALA A 28 -6.07 -9.82 -2.78
N VAL A 29 -4.83 -9.37 -2.71
CA VAL A 29 -3.86 -9.97 -1.80
C VAL A 29 -3.39 -8.91 -0.80
N ASP A 30 -3.13 -9.36 0.42
CA ASP A 30 -2.68 -8.47 1.47
C ASP A 30 -1.17 -8.68 1.70
N TRP A 31 -0.42 -7.61 1.49
CA TRP A 31 1.02 -7.66 1.68
C TRP A 31 1.34 -7.16 3.08
N THR A 32 1.65 -8.09 3.96
CA THR A 32 1.98 -7.77 5.33
C THR A 32 3.17 -6.80 5.38
N VAL A 33 2.89 -5.57 5.79
CA VAL A 33 3.91 -4.56 5.89
C VAL A 33 4.02 -4.08 7.34
N HIS A 34 5.21 -4.23 7.89
CA HIS A 34 5.46 -3.81 9.26
C HIS A 34 6.28 -2.52 9.27
N SER A 35 7.11 -2.38 8.24
CA SER A 35 7.95 -1.20 8.12
C SER A 35 7.22 -0.13 7.31
N GLY A 36 5.96 0.08 7.66
CA GLY A 36 5.16 1.08 6.99
C GLY A 36 5.97 2.34 6.68
N PRO A 37 6.62 2.87 7.76
CA PRO A 37 7.43 4.07 7.62
C PRO A 37 8.76 3.75 6.92
N GLN A 38 9.26 2.55 7.18
CA GLN A 38 10.51 2.12 6.59
C GLN A 38 10.25 1.35 5.29
N LEU A 39 9.34 1.89 4.50
CA LEU A 39 8.98 1.26 3.24
C LEU A 39 9.42 2.18 2.09
N LEU A 40 9.77 1.55 0.97
CA LEU A 40 10.21 2.29 -0.19
C LEU A 40 9.28 1.97 -1.37
N PHE A 41 9.30 2.84 -2.36
CA PHE A 41 8.46 2.66 -3.53
C PHE A 41 8.84 1.37 -4.27
N ARG A 42 10.13 1.17 -4.43
CA ARG A 42 10.63 -0.01 -5.11
C ARG A 42 10.11 -1.27 -4.42
N ASP A 43 10.23 -1.29 -3.10
CA ASP A 43 9.78 -2.43 -2.32
C ASP A 43 8.39 -2.85 -2.80
N VAL A 44 7.50 -1.87 -2.87
CA VAL A 44 6.14 -2.13 -3.31
C VAL A 44 6.17 -2.83 -4.66
N LEU A 45 6.92 -2.24 -5.58
CA LEU A 45 7.04 -2.80 -6.92
C LEU A 45 7.68 -4.18 -6.83
N ASP A 46 8.62 -4.31 -5.91
CA ASP A 46 9.31 -5.58 -5.71
C ASP A 46 8.30 -6.63 -5.22
N VAL A 47 7.30 -6.15 -4.51
CA VAL A 47 6.28 -7.03 -3.98
C VAL A 47 5.23 -7.30 -5.07
N ILE A 48 4.59 -6.22 -5.51
CA ILE A 48 3.58 -6.31 -6.54
C ILE A 48 4.03 -7.31 -7.60
N GLY A 49 5.30 -7.19 -7.98
CA GLY A 49 5.88 -8.07 -8.99
C GLY A 49 5.53 -9.54 -8.70
N GLN A 50 5.56 -9.88 -7.42
CA GLN A 50 5.26 -11.23 -7.00
C GLN A 50 3.75 -11.50 -7.14
N VAL A 51 2.97 -10.45 -6.95
CA VAL A 51 1.53 -10.57 -7.05
C VAL A 51 1.13 -10.65 -8.53
N LEU A 52 1.74 -9.79 -9.32
CA LEU A 52 1.46 -9.75 -10.75
C LEU A 52 2.75 -10.02 -11.53
N PRO A 53 3.12 -11.32 -11.59
CA PRO A 53 4.32 -11.72 -12.29
C PRO A 53 4.11 -11.67 -13.81
N GLU A 54 2.85 -11.71 -14.20
CA GLU A 54 2.50 -11.67 -15.61
C GLU A 54 2.06 -10.25 -16.01
N ALA A 55 2.05 -9.37 -15.02
CA ALA A 55 1.65 -8.00 -15.25
C ALA A 55 2.55 -7.07 -14.43
N THR A 56 3.76 -6.85 -14.94
CA THR A 56 4.71 -5.99 -14.27
C THR A 56 4.07 -4.65 -13.92
N THR A 57 4.52 -4.08 -12.81
CA THR A 57 4.00 -2.81 -12.36
C THR A 57 5.12 -1.94 -11.77
N THR A 58 5.13 -0.69 -12.19
CA THR A 58 6.15 0.25 -11.72
C THR A 58 5.54 1.25 -10.74
N ALA A 59 4.29 1.62 -11.03
CA ALA A 59 3.58 2.57 -10.18
C ALA A 59 2.23 1.99 -9.79
N PHE A 60 1.61 2.62 -8.79
CA PHE A 60 0.31 2.18 -8.32
C PHE A 60 -0.52 3.35 -7.83
N GLU A 61 -1.83 3.11 -7.74
CA GLU A 61 -2.74 4.15 -7.28
C GLU A 61 -3.41 3.73 -5.97
N TYR A 62 -3.78 4.73 -5.19
CA TYR A 62 -4.42 4.48 -3.91
C TYR A 62 -5.47 5.55 -3.60
N GLU A 63 -6.67 5.10 -3.29
CA GLU A 63 -7.77 6.01 -2.97
C GLU A 63 -7.38 6.89 -1.79
N ASP A 64 -7.44 8.20 -2.03
CA ASP A 64 -7.10 9.17 -1.00
C ASP A 64 -8.33 9.43 -0.14
N GLU A 65 -8.18 10.37 0.79
CA GLU A 65 -9.27 10.72 1.68
C GLU A 65 -10.48 11.17 0.88
N ASP A 66 -10.22 11.66 -0.32
CA ASP A 66 -11.28 12.14 -1.19
C ASP A 66 -11.54 11.08 -2.28
N GLY A 67 -11.07 9.88 -2.01
CA GLY A 67 -11.26 8.79 -2.95
C GLY A 67 -11.13 9.27 -4.39
N ASP A 68 -9.99 9.87 -4.69
CA ASP A 68 -9.73 10.38 -6.02
C ASP A 68 -8.65 9.54 -6.70
N ARG A 69 -8.23 8.49 -5.99
CA ARG A 69 -7.21 7.60 -6.52
C ARG A 69 -5.95 8.39 -6.87
N ILE A 70 -4.95 8.25 -6.01
CA ILE A 70 -3.69 8.94 -6.22
C ILE A 70 -2.77 8.07 -7.09
N THR A 71 -1.60 8.61 -7.39
CA THR A 71 -0.63 7.90 -8.21
C THR A 71 0.76 8.02 -7.59
N VAL A 72 1.32 6.87 -7.23
CA VAL A 72 2.64 6.83 -6.64
C VAL A 72 3.67 6.49 -7.71
N ARG A 73 4.21 7.53 -8.33
CA ARG A 73 5.22 7.34 -9.37
C ARG A 73 6.61 7.66 -8.84
N SER A 74 6.68 7.87 -7.53
CA SER A 74 7.94 8.17 -6.89
C SER A 74 7.83 7.94 -5.37
N ASP A 75 8.99 7.83 -4.74
CA ASP A 75 9.04 7.60 -3.30
C ASP A 75 8.26 8.71 -2.59
N GLU A 76 8.36 9.91 -3.14
CA GLU A 76 7.68 11.06 -2.57
C GLU A 76 6.20 10.73 -2.33
N GLU A 77 5.53 10.34 -3.41
CA GLU A 77 4.12 10.00 -3.34
C GLU A 77 3.89 8.93 -2.26
N MET A 78 4.76 7.93 -2.28
CA MET A 78 4.67 6.84 -1.33
C MET A 78 4.44 7.37 0.08
N LYS A 79 5.43 8.10 0.58
CA LYS A 79 5.35 8.67 1.91
C LYS A 79 3.98 9.32 2.11
N ALA A 80 3.55 10.03 1.06
CA ALA A 80 2.26 10.71 1.11
C ALA A 80 1.16 9.69 1.33
N MET A 81 1.10 8.71 0.43
CA MET A 81 0.10 7.66 0.52
C MET A 81 0.05 7.06 1.93
N LEU A 82 1.24 6.86 2.49
CA LEU A 82 1.35 6.30 3.82
C LEU A 82 0.93 7.36 4.85
N SER A 83 1.52 8.53 4.72
CA SER A 83 1.21 9.63 5.63
C SER A 83 -0.30 9.79 5.77
N TYR A 84 -0.99 9.61 4.65
CA TYR A 84 -2.44 9.73 4.64
C TYR A 84 -3.09 8.53 5.34
N TYR A 85 -2.91 7.37 4.73
CA TYR A 85 -3.48 6.14 5.27
C TYR A 85 -3.46 6.16 6.80
N TYR A 86 -2.32 6.58 7.33
CA TYR A 86 -2.16 6.65 8.78
C TYR A 86 -2.95 7.81 9.36
N SER A 87 -2.79 8.98 8.75
CA SER A 87 -3.48 10.17 9.19
C SER A 87 -4.99 9.89 9.27
N THR A 88 -5.44 8.98 8.43
CA THR A 88 -6.85 8.62 8.39
C THR A 88 -7.11 7.38 9.24
N VAL A 89 -6.26 6.37 9.03
CA VAL A 89 -6.38 5.13 9.77
C VAL A 89 -6.53 5.44 11.26
N MET A 90 -5.63 6.27 11.75
CA MET A 90 -5.65 6.66 13.15
C MET A 90 -7.00 7.27 13.54
N GLU A 91 -7.61 7.93 12.57
CA GLU A 91 -8.90 8.56 12.79
C GLU A 91 -10.01 7.50 12.83
N GLN A 92 -9.75 6.39 12.16
CA GLN A 92 -10.71 5.31 12.12
C GLN A 92 -10.73 4.55 13.45
N GLN A 93 -9.59 4.61 14.13
CA GLN A 93 -9.46 3.95 15.42
C GLN A 93 -10.11 4.78 16.52
N VAL A 94 -9.81 6.07 16.49
CA VAL A 94 -10.36 6.99 17.48
C VAL A 94 -11.89 6.98 17.40
N ASN A 95 -12.37 6.70 16.20
CA ASN A 95 -13.80 6.66 15.96
C ASN A 95 -14.36 5.33 16.49
N GLY A 96 -13.88 4.25 15.89
CA GLY A 96 -14.32 2.92 16.29
C GLY A 96 -14.26 1.95 15.11
N GLN A 97 -14.83 2.38 14.00
CA GLN A 97 -14.85 1.56 12.80
C GLN A 97 -13.51 0.84 12.62
N LEU A 98 -13.57 -0.32 11.99
CA LEU A 98 -12.38 -1.11 11.75
C LEU A 98 -11.50 -0.41 10.70
N ILE A 99 -10.21 -0.69 10.78
CA ILE A 99 -9.26 -0.10 9.85
C ILE A 99 -9.32 -0.86 8.52
N GLU A 100 -9.13 -0.11 7.45
CA GLU A 100 -9.15 -0.70 6.12
C GLU A 100 -7.73 -0.83 5.57
N PRO A 101 -7.54 -1.86 4.71
CA PRO A 101 -6.24 -2.11 4.10
C PRO A 101 -5.94 -1.08 3.01
N LEU A 102 -4.68 -0.68 2.94
CA LEU A 102 -4.24 0.29 1.95
C LEU A 102 -4.50 -0.27 0.55
N GLN A 103 -5.74 -0.12 0.10
CA GLN A 103 -6.12 -0.61 -1.21
C GLN A 103 -5.32 0.11 -2.30
N ILE A 104 -4.43 -0.63 -2.94
CA ILE A 104 -3.60 -0.08 -3.99
C ILE A 104 -3.84 -0.86 -5.28
N PHE A 105 -3.51 -0.22 -6.40
CA PHE A 105 -3.69 -0.84 -7.70
C PHE A 105 -2.39 -0.78 -8.51
N PRO A 106 -1.93 -1.98 -8.96
CA PRO A 106 -0.71 -2.07 -9.73
C PRO A 106 -0.94 -1.59 -11.17
N ARG A 107 -0.43 -0.40 -11.46
CA ARG A 107 -0.58 0.18 -12.78
C ARG A 107 0.31 -0.57 -13.78
N SER A 108 -0.22 -1.65 -14.31
CA SER A 108 0.52 -2.45 -15.28
C SER A 108 0.61 -1.70 -16.61
N GLY A 109 1.72 -1.91 -17.29
CA GLY A 109 1.96 -1.26 -18.58
C GLY A 109 3.02 -2.01 -19.38
N PRO A 110 2.97 -1.81 -20.73
CA PRO A 110 3.91 -2.46 -21.62
C PRO A 110 5.28 -1.79 -21.54
N SER A 111 6.05 -2.21 -20.53
CA SER A 111 7.38 -1.66 -20.34
C SER A 111 7.29 -0.16 -20.04
N SER A 112 7.95 0.24 -18.95
CA SER A 112 7.96 1.63 -18.55
C SER A 112 8.96 2.42 -19.39
N GLY A 113 10.21 1.98 -19.32
CA GLY A 113 11.27 2.63 -20.06
C GLY A 113 11.71 1.78 -21.25
N GLY A 1 -1.25 27.64 -4.94
CA GLY A 1 -0.85 26.33 -4.45
C GLY A 1 -1.94 25.70 -3.59
N SER A 2 -1.67 24.49 -3.14
CA SER A 2 -2.62 23.77 -2.31
C SER A 2 -3.02 24.63 -1.10
N SER A 3 -4.30 24.53 -0.76
CA SER A 3 -4.83 25.30 0.36
C SER A 3 -5.54 24.37 1.33
N GLY A 4 -4.89 24.11 2.45
CA GLY A 4 -5.45 23.24 3.47
C GLY A 4 -4.35 22.56 4.28
N SER A 5 -4.54 22.56 5.60
CA SER A 5 -3.57 21.95 6.50
C SER A 5 -3.96 20.51 6.78
N SER A 6 -3.33 19.60 6.06
CA SER A 6 -3.60 18.19 6.22
C SER A 6 -2.34 17.47 6.73
N GLY A 7 -2.46 16.89 7.92
CA GLY A 7 -1.36 16.17 8.52
C GLY A 7 -1.82 15.33 9.71
N PRO A 8 -1.01 14.30 10.03
CA PRO A 8 -1.33 13.41 11.14
C PRO A 8 -1.06 14.10 12.49
N PHE A 9 -1.71 13.57 13.52
CA PHE A 9 -1.56 14.12 14.85
C PHE A 9 -0.43 13.41 15.61
N CYS A 10 -0.49 12.09 15.58
CA CYS A 10 0.50 11.28 16.27
C CYS A 10 0.25 9.81 15.91
N ALA A 11 1.31 9.01 16.04
CA ALA A 11 1.22 7.59 15.73
C ALA A 11 2.14 6.82 16.68
N MET A 12 1.72 5.60 17.00
CA MET A 12 2.51 4.76 17.88
C MET A 12 2.67 3.36 17.29
N GLU A 13 3.92 2.95 17.16
CA GLU A 13 4.22 1.64 16.61
C GLU A 13 3.53 0.54 17.43
N ASN A 14 2.61 -0.14 16.78
CA ASN A 14 1.87 -1.20 17.44
C ASN A 14 1.25 -2.12 16.37
N GLN A 15 0.56 -1.50 15.43
CA GLN A 15 -0.07 -2.25 14.35
C GLN A 15 0.80 -2.22 13.10
N VAL A 16 0.51 -3.14 12.19
CA VAL A 16 1.26 -3.22 10.95
C VAL A 16 0.38 -2.73 9.79
N LEU A 17 1.04 -2.41 8.69
CA LEU A 17 0.34 -1.93 7.51
C LEU A 17 -0.03 -3.11 6.61
N VAL A 18 -1.19 -3.00 5.98
CA VAL A 18 -1.66 -4.04 5.10
C VAL A 18 -1.99 -3.44 3.73
N ILE A 19 -1.19 -3.81 2.74
CA ILE A 19 -1.38 -3.31 1.39
C ILE A 19 -2.23 -4.32 0.60
N ARG A 20 -3.38 -3.85 0.15
CA ARG A 20 -4.28 -4.71 -0.61
C ARG A 20 -4.08 -4.47 -2.10
N ILE A 21 -3.35 -5.38 -2.72
CA ILE A 21 -3.08 -5.29 -4.15
C ILE A 21 -4.33 -5.72 -4.93
N LYS A 22 -4.86 -4.77 -5.69
CA LYS A 22 -6.04 -5.03 -6.49
C LYS A 22 -5.68 -5.98 -7.64
N ILE A 23 -6.02 -7.25 -7.45
CA ILE A 23 -5.75 -8.25 -8.46
C ILE A 23 -6.74 -8.11 -9.61
N PRO A 24 -6.23 -8.30 -10.85
CA PRO A 24 -7.07 -8.20 -12.03
C PRO A 24 -7.96 -9.44 -12.18
N ASN A 25 -9.26 -9.20 -12.08
CA ASN A 25 -10.23 -10.28 -12.20
C ASN A 25 -9.71 -11.50 -11.45
N SER A 26 -9.74 -11.41 -10.12
CA SER A 26 -9.28 -12.49 -9.28
C SER A 26 -9.63 -12.21 -7.82
N GLY A 27 -9.43 -10.96 -7.42
CA GLY A 27 -9.72 -10.55 -6.06
C GLY A 27 -8.75 -9.47 -5.59
N ALA A 28 -7.92 -9.83 -4.63
CA ALA A 28 -6.94 -8.92 -4.09
C ALA A 28 -6.11 -9.63 -3.02
N VAL A 29 -4.82 -9.30 -3.00
CA VAL A 29 -3.92 -9.90 -2.04
C VAL A 29 -3.44 -8.83 -1.06
N ASP A 30 -3.21 -9.26 0.18
CA ASP A 30 -2.75 -8.36 1.22
C ASP A 30 -1.28 -8.64 1.52
N TRP A 31 -0.47 -7.60 1.37
CA TRP A 31 0.96 -7.71 1.62
C TRP A 31 1.23 -7.26 3.05
N THR A 32 1.44 -8.24 3.93
CA THR A 32 1.71 -7.94 5.33
C THR A 32 2.93 -7.04 5.46
N VAL A 33 2.66 -5.76 5.64
CA VAL A 33 3.73 -4.78 5.79
C VAL A 33 3.85 -4.38 7.26
N HIS A 34 5.05 -4.60 7.80
CA HIS A 34 5.31 -4.27 9.19
C HIS A 34 6.01 -2.91 9.27
N SER A 35 6.84 -2.65 8.26
CA SER A 35 7.58 -1.40 8.22
C SER A 35 6.76 -0.35 7.47
N GLY A 36 5.51 -0.20 7.91
CA GLY A 36 4.61 0.77 7.30
C GLY A 36 5.36 2.06 6.96
N PRO A 37 6.06 2.61 7.98
CA PRO A 37 6.82 3.83 7.80
C PRO A 37 8.10 3.57 7.02
N GLN A 38 8.80 2.53 7.42
CA GLN A 38 10.05 2.17 6.77
C GLN A 38 9.77 1.39 5.48
N LEU A 39 8.95 2.00 4.64
CA LEU A 39 8.59 1.39 3.36
C LEU A 39 9.02 2.31 2.22
N LEU A 40 9.55 1.69 1.18
CA LEU A 40 10.00 2.43 0.01
C LEU A 40 9.12 2.09 -1.19
N PHE A 41 9.18 2.94 -2.20
CA PHE A 41 8.41 2.73 -3.40
C PHE A 41 8.79 1.42 -4.09
N ARG A 42 10.09 1.21 -4.21
CA ARG A 42 10.60 0.00 -4.84
C ARG A 42 10.04 -1.24 -4.14
N ASP A 43 10.16 -1.24 -2.82
CA ASP A 43 9.68 -2.36 -2.03
C ASP A 43 8.30 -2.79 -2.56
N VAL A 44 7.42 -1.81 -2.72
CA VAL A 44 6.09 -2.07 -3.21
C VAL A 44 6.17 -2.81 -4.54
N LEU A 45 6.97 -2.25 -5.44
CA LEU A 45 7.15 -2.85 -6.75
C LEU A 45 7.79 -4.24 -6.60
N ASP A 46 8.71 -4.32 -5.65
CA ASP A 46 9.41 -5.57 -5.39
C ASP A 46 8.40 -6.61 -4.90
N VAL A 47 7.33 -6.12 -4.28
CA VAL A 47 6.30 -6.99 -3.77
C VAL A 47 5.28 -7.28 -4.88
N ILE A 48 4.63 -6.22 -5.33
CA ILE A 48 3.64 -6.34 -6.39
C ILE A 48 4.13 -7.36 -7.42
N GLY A 49 5.38 -7.21 -7.81
CA GLY A 49 5.98 -8.10 -8.79
C GLY A 49 5.61 -9.56 -8.50
N GLN A 50 5.65 -9.90 -7.22
CA GLN A 50 5.32 -11.25 -6.80
C GLN A 50 3.83 -11.52 -6.99
N VAL A 51 3.04 -10.49 -6.77
CA VAL A 51 1.60 -10.59 -6.92
C VAL A 51 1.24 -10.67 -8.40
N LEU A 52 1.96 -9.88 -9.19
CA LEU A 52 1.73 -9.85 -10.62
C LEU A 52 3.03 -10.18 -11.35
N PRO A 53 3.34 -11.50 -11.40
CA PRO A 53 4.56 -11.96 -12.06
C PRO A 53 4.41 -11.91 -13.58
N GLU A 54 3.16 -11.89 -14.02
CA GLU A 54 2.87 -11.84 -15.44
C GLU A 54 2.36 -10.45 -15.83
N ALA A 55 2.34 -9.57 -14.85
CA ALA A 55 1.88 -8.21 -15.07
C ALA A 55 2.68 -7.26 -14.18
N THR A 56 3.98 -7.19 -14.46
CA THR A 56 4.86 -6.31 -13.69
C THR A 56 4.22 -4.94 -13.50
N THR A 57 4.85 -4.14 -12.65
CA THR A 57 4.35 -2.81 -12.37
C THR A 57 5.45 -1.95 -11.76
N THR A 58 5.40 -0.66 -12.06
CA THR A 58 6.39 0.27 -11.55
C THR A 58 5.74 1.25 -10.57
N ALA A 59 4.50 1.60 -10.87
CA ALA A 59 3.75 2.52 -10.02
C ALA A 59 2.42 1.89 -9.65
N PHE A 60 1.67 2.60 -8.80
CA PHE A 60 0.38 2.13 -8.36
C PHE A 60 -0.48 3.28 -7.83
N GLU A 61 -1.79 3.08 -7.88
CA GLU A 61 -2.72 4.08 -7.41
C GLU A 61 -3.35 3.65 -6.08
N TYR A 62 -3.82 4.64 -5.34
CA TYR A 62 -4.44 4.37 -4.05
C TYR A 62 -5.49 5.43 -3.72
N GLU A 63 -6.67 4.97 -3.36
CA GLU A 63 -7.77 5.85 -3.02
C GLU A 63 -7.37 6.75 -1.84
N ASP A 64 -7.48 8.05 -2.06
CA ASP A 64 -7.14 9.02 -1.04
C ASP A 64 -8.37 9.32 -0.19
N GLU A 65 -8.22 10.28 0.71
CA GLU A 65 -9.31 10.67 1.58
C GLU A 65 -10.53 11.07 0.75
N ASP A 66 -10.26 11.59 -0.44
CA ASP A 66 -11.32 12.01 -1.34
C ASP A 66 -11.56 10.92 -2.38
N GLY A 67 -11.07 9.73 -2.08
CA GLY A 67 -11.22 8.61 -2.99
C GLY A 67 -11.11 9.06 -4.45
N ASP A 68 -10.03 9.77 -4.74
CA ASP A 68 -9.80 10.27 -6.08
C ASP A 68 -8.73 9.40 -6.76
N ARG A 69 -8.32 8.37 -6.06
CA ARG A 69 -7.30 7.46 -6.57
C ARG A 69 -6.05 8.24 -6.95
N ILE A 70 -5.04 8.13 -6.09
CA ILE A 70 -3.77 8.81 -6.31
C ILE A 70 -2.87 7.92 -7.17
N THR A 71 -1.69 8.44 -7.45
CA THR A 71 -0.72 7.72 -8.25
C THR A 71 0.68 7.86 -7.67
N VAL A 72 1.22 6.74 -7.22
CA VAL A 72 2.54 6.73 -6.63
C VAL A 72 3.57 6.36 -7.70
N ARG A 73 4.37 7.34 -8.07
CA ARG A 73 5.40 7.13 -9.08
C ARG A 73 6.79 7.12 -8.44
N SER A 74 6.92 7.90 -7.37
CA SER A 74 8.18 7.98 -6.66
C SER A 74 7.94 7.84 -5.15
N ASP A 75 9.03 7.91 -4.40
CA ASP A 75 8.95 7.78 -2.95
C ASP A 75 8.11 8.93 -2.39
N GLU A 76 8.30 10.10 -2.99
CA GLU A 76 7.56 11.28 -2.56
C GLU A 76 6.07 10.94 -2.40
N GLU A 77 5.49 10.46 -3.49
CA GLU A 77 4.08 10.11 -3.48
C GLU A 77 3.81 9.03 -2.43
N MET A 78 4.74 8.09 -2.34
CA MET A 78 4.61 7.00 -1.37
C MET A 78 4.38 7.56 0.04
N LYS A 79 5.39 8.26 0.54
CA LYS A 79 5.31 8.84 1.86
C LYS A 79 3.94 9.50 2.05
N ALA A 80 3.49 10.17 1.00
CA ALA A 80 2.21 10.84 1.04
C ALA A 80 1.11 9.82 1.26
N MET A 81 1.07 8.83 0.38
CA MET A 81 0.07 7.78 0.47
C MET A 81 0.02 7.19 1.87
N LEU A 82 1.20 7.00 2.45
CA LEU A 82 1.30 6.46 3.79
C LEU A 82 0.91 7.52 4.81
N SER A 83 1.40 8.73 4.57
CA SER A 83 1.11 9.84 5.46
C SER A 83 -0.41 10.00 5.62
N TYR A 84 -1.13 9.59 4.59
CA TYR A 84 -2.58 9.68 4.59
C TYR A 84 -3.19 8.46 5.29
N TYR A 85 -2.99 7.31 4.68
CA TYR A 85 -3.51 6.07 5.23
C TYR A 85 -3.46 6.07 6.76
N TYR A 86 -2.30 6.46 7.27
CA TYR A 86 -2.10 6.52 8.71
C TYR A 86 -2.86 7.69 9.33
N SER A 87 -2.74 8.85 8.68
CA SER A 87 -3.40 10.05 9.15
C SER A 87 -4.90 9.79 9.31
N THR A 88 -5.40 8.88 8.48
CA THR A 88 -6.80 8.53 8.51
C THR A 88 -7.03 7.28 9.35
N VAL A 89 -6.20 6.27 9.09
CA VAL A 89 -6.30 5.02 9.82
C VAL A 89 -6.39 5.32 11.32
N MET A 90 -5.53 6.21 11.76
CA MET A 90 -5.50 6.59 13.17
C MET A 90 -6.84 7.18 13.61
N GLU A 91 -7.51 7.81 12.65
CA GLU A 91 -8.80 8.41 12.93
C GLU A 91 -9.89 7.34 13.01
N GLN A 92 -9.63 6.23 12.34
CA GLN A 92 -10.56 5.12 12.33
C GLN A 92 -10.56 4.40 13.68
N GLN A 93 -9.43 4.51 14.36
CA GLN A 93 -9.28 3.87 15.66
C GLN A 93 -9.81 4.79 16.77
N VAL A 94 -9.47 6.07 16.64
CA VAL A 94 -9.91 7.06 17.62
C VAL A 94 -11.42 7.23 17.50
N ASN A 95 -11.93 7.02 16.30
CA ASN A 95 -13.36 7.15 16.06
C ASN A 95 -14.09 5.97 16.68
N GLY A 96 -13.66 4.77 16.30
CA GLY A 96 -14.27 3.56 16.81
C GLY A 96 -14.71 2.63 15.68
N GLN A 97 -13.86 2.57 14.66
CA GLN A 97 -14.14 1.72 13.51
C GLN A 97 -12.90 0.91 13.13
N LEU A 98 -13.14 -0.18 12.43
CA LEU A 98 -12.06 -1.05 11.99
C LEU A 98 -11.19 -0.31 10.97
N ILE A 99 -10.00 -0.84 10.76
CA ILE A 99 -9.07 -0.25 9.82
C ILE A 99 -9.20 -0.96 8.47
N GLU A 100 -9.00 -0.19 7.41
CA GLU A 100 -9.08 -0.73 6.06
C GLU A 100 -7.69 -0.88 5.46
N PRO A 101 -7.56 -1.87 4.54
CA PRO A 101 -6.29 -2.13 3.88
C PRO A 101 -6.00 -1.07 2.82
N LEU A 102 -4.73 -0.69 2.74
CA LEU A 102 -4.31 0.31 1.77
C LEU A 102 -4.60 -0.20 0.35
N GLN A 103 -5.85 -0.04 -0.05
CA GLN A 103 -6.26 -0.47 -1.37
C GLN A 103 -5.42 0.21 -2.45
N ILE A 104 -4.52 -0.58 -3.04
CA ILE A 104 -3.65 -0.06 -4.08
C ILE A 104 -3.89 -0.84 -5.38
N PHE A 105 -3.53 -0.21 -6.49
CA PHE A 105 -3.70 -0.82 -7.78
C PHE A 105 -2.39 -0.84 -8.56
N PRO A 106 -1.99 -2.07 -9.00
CA PRO A 106 -0.75 -2.23 -9.75
C PRO A 106 -0.92 -1.72 -11.19
N ARG A 107 -0.11 -0.74 -11.53
CA ARG A 107 -0.15 -0.16 -12.87
C ARG A 107 0.91 -0.80 -13.75
N SER A 108 0.46 -1.72 -14.60
CA SER A 108 1.36 -2.42 -15.51
C SER A 108 1.82 -1.46 -16.61
N GLY A 109 3.04 -1.69 -17.07
CA GLY A 109 3.62 -0.86 -18.12
C GLY A 109 4.87 -1.51 -18.71
N PRO A 110 5.28 -1.01 -19.89
CA PRO A 110 6.46 -1.53 -20.58
C PRO A 110 7.74 -1.05 -19.89
N SER A 111 7.82 0.26 -19.72
CA SER A 111 8.99 0.85 -19.08
C SER A 111 8.72 2.32 -18.75
N SER A 112 9.28 2.75 -17.63
CA SER A 112 9.11 4.13 -17.19
C SER A 112 10.13 5.04 -17.88
N GLY A 113 9.61 6.09 -18.48
CA GLY A 113 10.47 7.05 -19.18
C GLY A 113 9.64 8.15 -19.83
N GLY A 1 -14.45 -26.60 -3.54
CA GLY A 1 -13.00 -26.69 -3.54
C GLY A 1 -12.52 -27.94 -2.80
N SER A 2 -11.22 -28.00 -2.59
CA SER A 2 -10.63 -29.13 -1.90
C SER A 2 -9.28 -28.73 -1.29
N SER A 3 -8.38 -28.28 -2.15
CA SER A 3 -7.06 -27.86 -1.70
C SER A 3 -7.04 -26.34 -1.53
N GLY A 4 -6.15 -25.89 -0.66
CA GLY A 4 -6.00 -24.47 -0.39
C GLY A 4 -5.58 -24.22 1.05
N SER A 5 -4.37 -24.66 1.37
CA SER A 5 -3.85 -24.50 2.72
C SER A 5 -2.52 -23.73 2.66
N SER A 6 -2.25 -23.00 3.74
CA SER A 6 -1.03 -22.22 3.81
C SER A 6 -0.81 -21.74 5.26
N GLY A 7 0.27 -22.21 5.85
CA GLY A 7 0.60 -21.83 7.21
C GLY A 7 1.00 -20.36 7.30
N PRO A 8 0.83 -19.78 8.52
CA PRO A 8 1.17 -18.39 8.75
C PRO A 8 2.68 -18.19 8.82
N PHE A 9 3.15 -17.13 8.20
CA PHE A 9 4.57 -16.81 8.19
C PHE A 9 5.07 -16.54 9.61
N CYS A 10 6.39 -16.47 9.73
CA CYS A 10 7.02 -16.21 11.01
C CYS A 10 7.05 -14.69 11.24
N ALA A 11 5.85 -14.11 11.29
CA ALA A 11 5.73 -12.68 11.50
C ALA A 11 4.25 -12.31 11.61
N MET A 12 3.98 -11.30 12.42
CA MET A 12 2.62 -10.83 12.62
C MET A 12 2.60 -9.48 13.32
N GLU A 13 3.18 -9.44 14.50
CA GLU A 13 3.24 -8.22 15.28
C GLU A 13 1.83 -7.79 15.71
N ASN A 14 1.79 -6.87 16.67
CA ASN A 14 0.52 -6.38 17.17
C ASN A 14 -0.23 -5.68 16.03
N GLN A 15 0.37 -4.60 15.54
CA GLN A 15 -0.24 -3.84 14.46
C GLN A 15 0.82 -3.49 13.41
N VAL A 16 0.40 -3.59 12.16
CA VAL A 16 1.30 -3.29 11.05
C VAL A 16 0.48 -2.76 9.86
N LEU A 17 1.19 -2.40 8.81
CA LEU A 17 0.56 -1.88 7.61
C LEU A 17 0.24 -3.04 6.66
N VAL A 18 -0.94 -2.97 6.07
CA VAL A 18 -1.37 -4.00 5.14
C VAL A 18 -1.83 -3.35 3.83
N ILE A 19 -1.10 -3.64 2.77
CA ILE A 19 -1.41 -3.09 1.46
C ILE A 19 -2.27 -4.09 0.69
N ARG A 20 -3.47 -3.67 0.34
CA ARG A 20 -4.38 -4.52 -0.41
C ARG A 20 -4.30 -4.20 -1.91
N ILE A 21 -3.61 -5.08 -2.62
CA ILE A 21 -3.45 -4.92 -4.06
C ILE A 21 -4.68 -5.48 -4.77
N LYS A 22 -5.29 -4.62 -5.58
CA LYS A 22 -6.47 -5.02 -6.33
C LYS A 22 -6.07 -6.01 -7.42
N ILE A 23 -6.32 -7.27 -7.14
CA ILE A 23 -6.00 -8.34 -8.09
C ILE A 23 -7.06 -8.37 -9.19
N PRO A 24 -6.58 -8.61 -10.44
CA PRO A 24 -7.47 -8.67 -11.59
C PRO A 24 -8.26 -9.98 -11.60
N ASN A 25 -9.57 -9.85 -11.45
CA ASN A 25 -10.44 -11.02 -11.43
C ASN A 25 -9.81 -12.11 -10.56
N SER A 26 -9.63 -11.77 -9.29
CA SER A 26 -9.04 -12.70 -8.35
C SER A 26 -8.97 -12.08 -6.97
N GLY A 27 -9.99 -11.29 -6.64
CA GLY A 27 -10.06 -10.63 -5.36
C GLY A 27 -8.89 -9.65 -5.19
N ALA A 28 -8.28 -9.72 -4.02
CA ALA A 28 -7.14 -8.85 -3.72
C ALA A 28 -6.22 -9.54 -2.72
N VAL A 29 -4.94 -9.20 -2.80
CA VAL A 29 -3.95 -9.78 -1.91
C VAL A 29 -3.49 -8.72 -0.91
N ASP A 30 -3.20 -9.19 0.29
CA ASP A 30 -2.75 -8.30 1.35
C ASP A 30 -1.26 -8.50 1.58
N TRP A 31 -0.51 -7.42 1.45
CA TRP A 31 0.94 -7.48 1.65
C TRP A 31 1.23 -7.00 3.07
N THR A 32 1.73 -7.94 3.87
CA THR A 32 2.06 -7.64 5.26
C THR A 32 3.30 -6.72 5.32
N VAL A 33 3.04 -5.48 5.68
CA VAL A 33 4.11 -4.49 5.79
C VAL A 33 4.29 -4.09 7.24
N HIS A 34 5.46 -4.40 7.78
CA HIS A 34 5.76 -4.08 9.17
C HIS A 34 6.56 -2.77 9.22
N SER A 35 7.23 -2.48 8.11
CA SER A 35 8.03 -1.27 8.02
C SER A 35 7.27 -0.19 7.25
N GLY A 36 6.01 -0.02 7.63
CA GLY A 36 5.16 0.97 6.98
C GLY A 36 5.95 2.25 6.68
N PRO A 37 6.61 2.78 7.75
CA PRO A 37 7.40 3.99 7.62
C PRO A 37 8.71 3.71 6.88
N GLN A 38 9.27 2.55 7.17
CA GLN A 38 10.53 2.15 6.55
C GLN A 38 10.26 1.40 5.24
N LEU A 39 9.25 1.87 4.52
CA LEU A 39 8.88 1.26 3.26
C LEU A 39 9.28 2.19 2.11
N LEU A 40 9.76 1.58 1.04
CA LEU A 40 10.18 2.34 -0.13
C LEU A 40 9.27 1.99 -1.31
N PHE A 41 9.29 2.85 -2.31
CA PHE A 41 8.49 2.65 -3.50
C PHE A 41 8.84 1.33 -4.19
N ARG A 42 10.13 1.17 -4.46
CA ARG A 42 10.62 -0.03 -5.11
C ARG A 42 10.07 -1.28 -4.40
N ASP A 43 10.24 -1.30 -3.09
CA ASP A 43 9.77 -2.42 -2.29
C ASP A 43 8.39 -2.85 -2.79
N VAL A 44 7.50 -1.87 -2.88
CA VAL A 44 6.14 -2.12 -3.32
C VAL A 44 6.18 -2.84 -4.67
N LEU A 45 7.02 -2.32 -5.56
CA LEU A 45 7.17 -2.89 -6.89
C LEU A 45 7.82 -4.27 -6.76
N ASP A 46 8.72 -4.39 -5.80
CA ASP A 46 9.41 -5.65 -5.57
C ASP A 46 8.42 -6.68 -5.04
N VAL A 47 7.36 -6.18 -4.41
CA VAL A 47 6.34 -7.06 -3.87
C VAL A 47 5.29 -7.36 -4.95
N ILE A 48 4.67 -6.29 -5.43
CA ILE A 48 3.65 -6.42 -6.45
C ILE A 48 4.14 -7.39 -7.53
N GLY A 49 5.42 -7.27 -7.85
CA GLY A 49 6.02 -8.13 -8.85
C GLY A 49 5.71 -9.60 -8.58
N GLN A 50 5.65 -9.93 -7.30
CA GLN A 50 5.35 -11.29 -6.88
C GLN A 50 3.86 -11.57 -6.99
N VAL A 51 3.08 -10.53 -6.75
CA VAL A 51 1.63 -10.64 -6.81
C VAL A 51 1.19 -10.74 -8.27
N LEU A 52 1.79 -9.90 -9.10
CA LEU A 52 1.48 -9.88 -10.51
C LEU A 52 2.73 -10.18 -11.32
N PRO A 53 3.09 -11.49 -11.36
CA PRO A 53 4.27 -11.93 -12.09
C PRO A 53 4.01 -11.92 -13.60
N GLU A 54 2.74 -11.95 -13.95
CA GLU A 54 2.36 -11.94 -15.35
C GLU A 54 1.93 -10.54 -15.78
N ALA A 55 2.06 -9.61 -14.84
CA ALA A 55 1.69 -8.22 -15.11
C ALA A 55 2.56 -7.31 -14.25
N THR A 56 3.79 -7.09 -14.71
CA THR A 56 4.72 -6.24 -14.00
C THR A 56 4.03 -4.94 -13.58
N THR A 57 4.70 -4.21 -12.70
CA THR A 57 4.18 -2.95 -12.21
C THR A 57 5.31 -2.06 -11.69
N THR A 58 5.23 -0.78 -12.04
CA THR A 58 6.23 0.17 -11.63
C THR A 58 5.63 1.21 -10.67
N ALA A 59 4.33 1.44 -10.86
CA ALA A 59 3.62 2.40 -10.03
C ALA A 59 2.29 1.80 -9.60
N PHE A 60 1.63 2.49 -8.69
CA PHE A 60 0.34 2.04 -8.18
C PHE A 60 -0.49 3.22 -7.67
N GLU A 61 -1.80 3.04 -7.71
CA GLU A 61 -2.72 4.06 -7.25
C GLU A 61 -3.35 3.66 -5.91
N TYR A 62 -3.77 4.68 -5.17
CA TYR A 62 -4.39 4.45 -3.87
C TYR A 62 -5.43 5.53 -3.56
N GLU A 63 -6.62 5.07 -3.21
CA GLU A 63 -7.69 6.00 -2.88
C GLU A 63 -7.27 6.93 -1.74
N ASP A 64 -7.41 8.22 -2.00
CA ASP A 64 -7.04 9.23 -1.02
C ASP A 64 -8.27 9.59 -0.19
N GLU A 65 -8.10 10.58 0.68
CA GLU A 65 -9.18 11.03 1.53
C GLU A 65 -10.39 11.46 0.68
N ASP A 66 -10.08 12.00 -0.49
CA ASP A 66 -11.12 12.44 -1.39
C ASP A 66 -11.43 11.33 -2.41
N GLY A 67 -10.97 10.13 -2.07
CA GLY A 67 -11.19 8.98 -2.93
C GLY A 67 -11.09 9.38 -4.40
N ASP A 68 -9.93 9.91 -4.77
CA ASP A 68 -9.71 10.33 -6.14
C ASP A 68 -8.65 9.42 -6.78
N ARG A 69 -8.22 8.44 -6.00
CA ARG A 69 -7.21 7.50 -6.47
C ARG A 69 -5.95 8.24 -6.90
N ILE A 70 -4.94 8.17 -6.05
CA ILE A 70 -3.68 8.83 -6.32
C ILE A 70 -2.80 7.91 -7.19
N THR A 71 -1.63 8.43 -7.54
CA THR A 71 -0.70 7.67 -8.35
C THR A 71 0.72 7.80 -7.82
N VAL A 72 1.19 6.73 -7.20
CA VAL A 72 2.53 6.71 -6.63
C VAL A 72 3.53 6.28 -7.71
N ARG A 73 4.31 7.24 -8.17
CA ARG A 73 5.31 6.98 -9.19
C ARG A 73 6.71 7.27 -8.66
N SER A 74 6.74 7.76 -7.42
CA SER A 74 8.01 8.09 -6.79
C SER A 74 7.90 7.94 -5.28
N ASP A 75 9.05 7.83 -4.63
CA ASP A 75 9.09 7.68 -3.19
C ASP A 75 8.26 8.79 -2.54
N GLU A 76 8.33 9.96 -3.14
CA GLU A 76 7.60 11.12 -2.64
C GLU A 76 6.13 10.74 -2.42
N GLU A 77 5.47 10.37 -3.51
CA GLU A 77 4.07 10.00 -3.46
C GLU A 77 3.85 8.93 -2.38
N MET A 78 4.79 7.99 -2.32
CA MET A 78 4.71 6.92 -1.34
C MET A 78 4.51 7.48 0.08
N LYS A 79 5.57 8.13 0.57
CA LYS A 79 5.52 8.71 1.90
C LYS A 79 4.17 9.41 2.10
N ALA A 80 3.73 10.08 1.06
CA ALA A 80 2.46 10.80 1.11
C ALA A 80 1.33 9.80 1.36
N MET A 81 1.26 8.79 0.50
CA MET A 81 0.23 7.77 0.61
C MET A 81 0.20 7.19 2.02
N LEU A 82 1.38 7.00 2.59
CA LEU A 82 1.51 6.46 3.92
C LEU A 82 1.13 7.54 4.94
N SER A 83 1.58 8.75 4.67
CA SER A 83 1.30 9.87 5.55
C SER A 83 -0.20 10.06 5.69
N TYR A 84 -0.92 9.67 4.66
CA TYR A 84 -2.37 9.79 4.66
C TYR A 84 -3.01 8.58 5.33
N TYR A 85 -2.77 7.41 4.75
CA TYR A 85 -3.32 6.18 5.29
C TYR A 85 -3.30 6.18 6.81
N TYR A 86 -2.15 6.57 7.35
CA TYR A 86 -1.99 6.62 8.80
C TYR A 86 -2.78 7.79 9.40
N SER A 87 -2.82 8.88 8.65
CA SER A 87 -3.54 10.07 9.10
C SER A 87 -5.04 9.78 9.14
N THR A 88 -5.46 8.87 8.27
CA THR A 88 -6.87 8.50 8.19
C THR A 88 -7.13 7.25 9.02
N VAL A 89 -6.13 6.36 9.04
CA VAL A 89 -6.25 5.12 9.77
C VAL A 89 -6.43 5.43 11.26
N MET A 90 -5.51 6.25 11.77
CA MET A 90 -5.56 6.64 13.17
C MET A 90 -6.94 7.16 13.55
N GLU A 91 -7.63 7.70 12.56
CA GLU A 91 -8.96 8.24 12.78
C GLU A 91 -9.97 7.10 12.97
N GLN A 92 -9.85 6.11 12.11
CA GLN A 92 -10.74 4.96 12.17
C GLN A 92 -10.64 4.28 13.55
N GLN A 93 -9.46 4.36 14.13
CA GLN A 93 -9.22 3.76 15.44
C GLN A 93 -10.00 4.54 16.51
N VAL A 94 -9.95 5.86 16.41
CA VAL A 94 -10.63 6.71 17.35
C VAL A 94 -12.13 6.71 17.04
N ASN A 95 -12.44 6.45 15.78
CA ASN A 95 -13.82 6.43 15.34
C ASN A 95 -14.54 5.24 15.97
N GLY A 96 -14.09 4.05 15.59
CA GLY A 96 -14.67 2.82 16.11
C GLY A 96 -14.43 1.65 15.16
N GLN A 97 -14.98 1.79 13.96
CA GLN A 97 -14.85 0.75 12.95
C GLN A 97 -13.40 0.28 12.88
N LEU A 98 -13.22 -0.92 12.33
CA LEU A 98 -11.89 -1.49 12.19
C LEU A 98 -11.13 -0.73 11.10
N ILE A 99 -9.81 -0.89 11.13
CA ILE A 99 -8.96 -0.24 10.15
C ILE A 99 -9.04 -0.98 8.82
N GLU A 100 -8.91 -0.22 7.74
CA GLU A 100 -8.97 -0.79 6.41
C GLU A 100 -7.57 -0.90 5.81
N PRO A 101 -7.41 -1.90 4.90
CA PRO A 101 -6.13 -2.13 4.26
C PRO A 101 -5.86 -1.07 3.19
N LEU A 102 -4.60 -0.69 3.08
CA LEU A 102 -4.20 0.31 2.09
C LEU A 102 -4.55 -0.19 0.69
N GLN A 103 -5.80 0.01 0.32
CA GLN A 103 -6.26 -0.41 -1.00
C GLN A 103 -5.49 0.32 -2.10
N ILE A 104 -4.75 -0.46 -2.87
CA ILE A 104 -3.96 0.10 -3.96
C ILE A 104 -4.24 -0.69 -5.24
N PHE A 105 -3.70 -0.18 -6.34
CA PHE A 105 -3.88 -0.82 -7.63
C PHE A 105 -2.59 -0.78 -8.45
N PRO A 106 -2.19 -1.98 -8.96
CA PRO A 106 -0.99 -2.09 -9.76
C PRO A 106 -1.20 -1.53 -11.16
N ARG A 107 -0.82 -0.28 -11.33
CA ARG A 107 -0.96 0.39 -12.62
C ARG A 107 -0.55 -0.55 -13.75
N SER A 108 0.68 -1.03 -13.66
CA SER A 108 1.20 -1.93 -14.67
C SER A 108 1.53 -1.16 -15.95
N GLY A 109 2.70 -1.47 -16.51
CA GLY A 109 3.14 -0.81 -17.73
C GLY A 109 4.56 -1.23 -18.09
N PRO A 110 5.07 -0.63 -19.20
CA PRO A 110 6.41 -0.93 -19.67
C PRO A 110 7.45 -0.24 -18.79
N SER A 111 7.44 1.09 -18.84
CA SER A 111 8.38 1.89 -18.06
C SER A 111 9.80 1.66 -18.57
N SER A 112 10.64 2.66 -18.32
CA SER A 112 12.03 2.58 -18.74
C SER A 112 12.80 3.81 -18.24
N GLY A 113 13.88 3.54 -17.54
CA GLY A 113 14.71 4.61 -17.00
C GLY A 113 14.01 5.32 -15.84
N GLY A 1 31.90 -6.98 -8.96
CA GLY A 1 30.63 -6.69 -9.61
C GLY A 1 29.53 -7.62 -9.08
N SER A 2 29.03 -7.26 -7.91
CA SER A 2 27.96 -8.06 -7.29
C SER A 2 27.16 -7.18 -6.33
N SER A 3 26.06 -7.73 -5.86
CA SER A 3 25.20 -7.02 -4.93
C SER A 3 25.69 -7.24 -3.49
N GLY A 4 25.04 -6.54 -2.58
CA GLY A 4 25.39 -6.64 -1.17
C GLY A 4 24.13 -6.66 -0.28
N SER A 5 24.04 -5.66 0.57
CA SER A 5 22.90 -5.55 1.47
C SER A 5 22.55 -4.08 1.70
N SER A 6 21.29 -3.77 1.49
CA SER A 6 20.82 -2.41 1.67
C SER A 6 20.12 -2.28 3.03
N GLY A 7 19.65 -1.06 3.30
CA GLY A 7 18.97 -0.79 4.55
C GLY A 7 19.90 -1.01 5.74
N PRO A 8 20.56 0.10 6.18
CA PRO A 8 21.48 0.02 7.31
C PRO A 8 20.71 -0.08 8.63
N PHE A 9 19.87 0.91 8.87
CA PHE A 9 19.08 0.94 10.09
C PHE A 9 17.70 0.33 9.86
N CYS A 10 17.24 -0.40 10.86
CA CYS A 10 15.93 -1.05 10.78
C CYS A 10 15.17 -0.75 12.08
N ALA A 11 13.92 -0.35 11.90
CA ALA A 11 13.07 -0.02 13.04
C ALA A 11 11.60 -0.21 12.65
N MET A 12 10.73 0.06 13.60
CA MET A 12 9.30 -0.07 13.37
C MET A 12 8.50 0.37 14.60
N GLU A 13 7.50 1.21 14.35
CA GLU A 13 6.66 1.70 15.42
C GLU A 13 5.19 1.61 15.03
N ASN A 14 4.34 1.57 16.05
CA ASN A 14 2.90 1.48 15.82
C ASN A 14 2.59 0.19 15.06
N GLN A 15 1.30 -0.12 15.00
CA GLN A 15 0.87 -1.33 14.32
C GLN A 15 1.57 -1.46 12.97
N VAL A 16 1.40 -2.63 12.36
CA VAL A 16 2.02 -2.89 11.07
C VAL A 16 1.08 -2.45 9.95
N LEU A 17 1.66 -2.21 8.78
CA LEU A 17 0.88 -1.78 7.63
C LEU A 17 0.49 -3.00 6.80
N VAL A 18 -0.68 -2.90 6.19
CA VAL A 18 -1.18 -3.98 5.36
C VAL A 18 -1.54 -3.44 3.97
N ILE A 19 -0.72 -3.81 3.00
CA ILE A 19 -0.94 -3.37 1.63
C ILE A 19 -1.77 -4.42 0.88
N ARG A 20 -3.00 -4.04 0.56
CA ARG A 20 -3.89 -4.94 -0.15
C ARG A 20 -3.88 -4.62 -1.65
N ILE A 21 -3.10 -5.39 -2.38
CA ILE A 21 -3.00 -5.21 -3.82
C ILE A 21 -4.33 -5.55 -4.46
N LYS A 22 -4.87 -4.58 -5.19
CA LYS A 22 -6.14 -4.77 -5.87
C LYS A 22 -5.93 -5.61 -7.12
N ILE A 23 -6.26 -6.89 -7.02
CA ILE A 23 -6.11 -7.80 -8.14
C ILE A 23 -7.24 -7.56 -9.15
N PRO A 24 -6.87 -7.63 -10.46
CA PRO A 24 -7.82 -7.42 -11.52
C PRO A 24 -8.75 -8.64 -11.67
N ASN A 25 -10.03 -8.39 -11.49
CA ASN A 25 -11.02 -9.45 -11.60
C ASN A 25 -10.48 -10.73 -10.96
N SER A 26 -10.37 -10.69 -9.64
CA SER A 26 -9.87 -11.83 -8.89
C SER A 26 -10.07 -11.61 -7.39
N GLY A 27 -9.67 -10.42 -6.95
CA GLY A 27 -9.80 -10.07 -5.54
C GLY A 27 -8.73 -9.08 -5.13
N ALA A 28 -7.91 -9.49 -4.17
CA ALA A 28 -6.84 -8.65 -3.68
C ALA A 28 -6.03 -9.42 -2.62
N VAL A 29 -4.72 -9.23 -2.68
CA VAL A 29 -3.83 -9.89 -1.75
C VAL A 29 -3.29 -8.87 -0.74
N ASP A 30 -3.17 -9.30 0.50
CA ASP A 30 -2.67 -8.44 1.55
C ASP A 30 -1.18 -8.72 1.77
N TRP A 31 -0.39 -7.65 1.68
CA TRP A 31 1.05 -7.76 1.87
C TRP A 31 1.38 -7.29 3.28
N THR A 32 1.64 -8.26 4.15
CA THR A 32 1.97 -7.96 5.53
C THR A 32 3.23 -7.09 5.59
N VAL A 33 3.01 -5.80 5.78
CA VAL A 33 4.11 -4.86 5.86
C VAL A 33 4.29 -4.42 7.31
N HIS A 34 5.52 -4.57 7.79
CA HIS A 34 5.84 -4.20 9.16
C HIS A 34 6.54 -2.84 9.17
N SER A 35 7.37 -2.63 8.16
CA SER A 35 8.11 -1.39 8.04
C SER A 35 7.27 -0.36 7.29
N GLY A 36 6.06 -0.14 7.79
CA GLY A 36 5.16 0.82 7.17
C GLY A 36 5.89 2.10 6.77
N PRO A 37 6.62 2.67 7.77
CA PRO A 37 7.37 3.90 7.53
C PRO A 37 8.64 3.61 6.73
N GLN A 38 9.28 2.50 7.07
CA GLN A 38 10.51 2.10 6.40
C GLN A 38 10.18 1.33 5.12
N LEU A 39 9.30 1.92 4.32
CA LEU A 39 8.90 1.29 3.06
C LEU A 39 9.30 2.20 1.90
N LEU A 40 9.82 1.58 0.86
CA LEU A 40 10.24 2.31 -0.33
C LEU A 40 9.29 1.99 -1.48
N PHE A 41 9.31 2.87 -2.48
CA PHE A 41 8.46 2.69 -3.64
C PHE A 41 8.80 1.39 -4.38
N ARG A 42 10.10 1.13 -4.47
CA ARG A 42 10.58 -0.06 -5.15
C ARG A 42 10.05 -1.31 -4.43
N ASP A 43 10.18 -1.31 -3.12
CA ASP A 43 9.73 -2.43 -2.32
C ASP A 43 8.34 -2.86 -2.78
N VAL A 44 7.46 -1.86 -2.90
CA VAL A 44 6.09 -2.11 -3.33
C VAL A 44 6.12 -2.85 -4.67
N LEU A 45 6.74 -2.21 -5.65
CA LEU A 45 6.85 -2.78 -6.99
C LEU A 45 7.48 -4.17 -6.89
N ASP A 46 8.45 -4.27 -5.99
CA ASP A 46 9.15 -5.54 -5.79
C ASP A 46 8.17 -6.59 -5.30
N VAL A 47 7.16 -6.13 -4.58
CA VAL A 47 6.14 -7.02 -4.04
C VAL A 47 5.10 -7.30 -5.13
N ILE A 48 4.49 -6.24 -5.62
CA ILE A 48 3.47 -6.35 -6.65
C ILE A 48 3.96 -7.33 -7.72
N GLY A 49 5.23 -7.20 -8.07
CA GLY A 49 5.83 -8.08 -9.07
C GLY A 49 5.49 -9.54 -8.79
N GLN A 50 5.37 -9.86 -7.52
CA GLN A 50 5.04 -11.22 -7.11
C GLN A 50 3.54 -11.47 -7.26
N VAL A 51 2.78 -10.40 -7.10
CA VAL A 51 1.34 -10.49 -7.21
C VAL A 51 0.94 -10.55 -8.69
N LEU A 52 1.52 -9.66 -9.47
CA LEU A 52 1.24 -9.62 -10.90
C LEU A 52 2.54 -9.83 -11.67
N PRO A 53 2.97 -11.12 -11.73
CA PRO A 53 4.19 -11.48 -12.44
C PRO A 53 3.98 -11.43 -13.95
N GLU A 54 2.72 -11.53 -14.35
CA GLU A 54 2.36 -11.51 -15.76
C GLU A 54 1.85 -10.12 -16.15
N ALA A 55 1.89 -9.22 -15.19
CA ALA A 55 1.44 -7.86 -15.43
C ALA A 55 2.27 -6.89 -14.56
N THR A 56 3.11 -6.12 -15.24
CA THR A 56 3.96 -5.16 -14.56
C THR A 56 3.10 -4.20 -13.73
N THR A 57 3.76 -3.15 -13.24
CA THR A 57 3.08 -2.15 -12.43
C THR A 57 3.88 -0.85 -12.40
N THR A 58 5.07 -0.93 -11.81
CA THR A 58 5.93 0.23 -11.71
C THR A 58 5.34 1.25 -10.74
N ALA A 59 4.14 1.71 -11.07
CA ALA A 59 3.45 2.69 -10.24
C ALA A 59 2.11 2.12 -9.78
N PHE A 60 1.55 2.75 -8.76
CA PHE A 60 0.27 2.31 -8.22
C PHE A 60 -0.53 3.50 -7.69
N GLU A 61 -1.82 3.27 -7.50
CA GLU A 61 -2.70 4.31 -7.00
C GLU A 61 -3.30 3.89 -5.66
N TYR A 62 -3.56 4.89 -4.82
CA TYR A 62 -4.12 4.65 -3.51
C TYR A 62 -5.27 5.62 -3.22
N GLU A 63 -6.40 5.06 -2.85
CA GLU A 63 -7.57 5.87 -2.53
C GLU A 63 -7.26 6.84 -1.41
N ASP A 64 -7.71 8.07 -1.58
CA ASP A 64 -7.48 9.11 -0.60
C ASP A 64 -8.78 9.36 0.18
N GLU A 65 -8.89 10.57 0.71
CA GLU A 65 -10.06 10.95 1.48
C GLU A 65 -11.32 10.85 0.61
N ASP A 66 -11.28 11.57 -0.50
CA ASP A 66 -12.41 11.57 -1.42
C ASP A 66 -12.20 10.48 -2.47
N GLY A 67 -11.45 9.47 -2.08
CA GLY A 67 -11.17 8.36 -2.98
C GLY A 67 -10.83 8.87 -4.39
N ASP A 68 -10.03 9.91 -4.44
CA ASP A 68 -9.63 10.50 -5.71
C ASP A 68 -8.56 9.61 -6.36
N ARG A 69 -8.20 8.56 -5.65
CA ARG A 69 -7.20 7.62 -6.14
C ARG A 69 -5.97 8.38 -6.62
N ILE A 70 -4.96 8.42 -5.76
CA ILE A 70 -3.72 9.10 -6.09
C ILE A 70 -2.84 8.19 -6.93
N THR A 71 -1.70 8.73 -7.33
CA THR A 71 -0.76 7.97 -8.15
C THR A 71 0.66 8.12 -7.61
N VAL A 72 1.24 7.00 -7.23
CA VAL A 72 2.59 7.00 -6.70
C VAL A 72 3.57 6.55 -7.79
N ARG A 73 4.33 7.51 -8.29
CA ARG A 73 5.30 7.22 -9.34
C ARG A 73 6.72 7.44 -8.82
N SER A 74 6.79 7.94 -7.58
CA SER A 74 8.08 8.18 -6.96
C SER A 74 7.98 7.98 -5.46
N ASP A 75 9.14 7.84 -4.83
CA ASP A 75 9.20 7.64 -3.39
C ASP A 75 8.42 8.76 -2.69
N GLU A 76 8.60 9.97 -3.21
CA GLU A 76 7.93 11.13 -2.63
C GLU A 76 6.44 10.83 -2.44
N GLU A 77 5.79 10.49 -3.55
CA GLU A 77 4.36 10.18 -3.52
C GLU A 77 4.08 9.11 -2.45
N MET A 78 4.92 8.10 -2.44
CA MET A 78 4.77 7.01 -1.49
C MET A 78 4.54 7.54 -0.08
N LYS A 79 5.58 8.17 0.45
CA LYS A 79 5.50 8.74 1.79
C LYS A 79 4.15 9.44 1.97
N ALA A 80 3.65 9.99 0.87
CA ALA A 80 2.38 10.69 0.89
C ALA A 80 1.26 9.69 1.15
N MET A 81 1.19 8.68 0.29
CA MET A 81 0.18 7.65 0.41
C MET A 81 0.14 7.08 1.84
N LEU A 82 1.33 6.86 2.37
CA LEU A 82 1.47 6.32 3.72
C LEU A 82 1.06 7.39 4.73
N SER A 83 1.31 8.64 4.36
CA SER A 83 0.99 9.76 5.23
C SER A 83 -0.54 9.89 5.37
N TYR A 84 -1.23 9.26 4.43
CA TYR A 84 -2.69 9.30 4.44
C TYR A 84 -3.26 8.11 5.22
N TYR A 85 -2.78 6.93 4.88
CA TYR A 85 -3.24 5.72 5.54
C TYR A 85 -3.18 5.86 7.06
N TYR A 86 -2.02 6.31 7.53
CA TYR A 86 -1.82 6.50 8.96
C TYR A 86 -2.61 7.72 9.46
N SER A 87 -2.79 8.68 8.58
CA SER A 87 -3.52 9.89 8.92
C SER A 87 -5.02 9.58 9.04
N THR A 88 -5.44 8.59 8.29
CA THR A 88 -6.84 8.17 8.29
C THR A 88 -7.05 7.00 9.24
N VAL A 89 -6.14 6.03 9.14
CA VAL A 89 -6.22 4.84 9.98
C VAL A 89 -6.39 5.27 11.43
N MET A 90 -5.59 6.23 11.84
CA MET A 90 -5.66 6.74 13.21
C MET A 90 -7.05 7.32 13.51
N GLU A 91 -7.71 7.76 12.45
CA GLU A 91 -9.03 8.33 12.59
C GLU A 91 -10.09 7.23 12.68
N GLN A 92 -9.83 6.14 11.97
CA GLN A 92 -10.73 5.01 11.96
C GLN A 92 -10.78 4.36 13.34
N GLN A 93 -9.80 4.69 14.16
CA GLN A 93 -9.71 4.15 15.50
C GLN A 93 -10.50 5.03 16.48
N VAL A 94 -10.43 6.33 16.23
CA VAL A 94 -11.12 7.28 17.08
C VAL A 94 -12.63 7.22 16.80
N ASN A 95 -12.94 6.94 15.54
CA ASN A 95 -14.33 6.85 15.12
C ASN A 95 -14.97 5.61 15.76
N GLY A 96 -14.52 4.45 15.32
CA GLY A 96 -15.04 3.20 15.83
C GLY A 96 -14.73 2.04 14.88
N GLN A 97 -15.26 2.14 13.68
CA GLN A 97 -15.05 1.12 12.67
C GLN A 97 -13.61 0.61 12.73
N LEU A 98 -13.41 -0.59 12.18
CA LEU A 98 -12.10 -1.19 12.17
C LEU A 98 -11.24 -0.53 11.08
N ILE A 99 -9.95 -0.82 11.13
CA ILE A 99 -9.03 -0.26 10.16
C ILE A 99 -9.18 -1.01 8.82
N GLU A 100 -8.74 -0.33 7.76
CA GLU A 100 -8.82 -0.92 6.43
C GLU A 100 -7.42 -1.04 5.82
N PRO A 101 -7.27 -2.06 4.93
CA PRO A 101 -6.00 -2.30 4.27
C PRO A 101 -5.74 -1.25 3.18
N LEU A 102 -4.47 -0.93 3.02
CA LEU A 102 -4.07 0.04 2.02
C LEU A 102 -4.47 -0.46 0.63
N GLN A 103 -5.72 -0.19 0.28
CA GLN A 103 -6.24 -0.61 -1.01
C GLN A 103 -5.49 0.10 -2.15
N ILE A 104 -4.43 -0.55 -2.61
CA ILE A 104 -3.63 0.01 -3.69
C ILE A 104 -3.98 -0.69 -5.00
N PHE A 105 -3.64 -0.03 -6.09
CA PHE A 105 -3.91 -0.58 -7.41
C PHE A 105 -2.65 -0.57 -8.28
N PRO A 106 -2.27 -1.79 -8.74
CA PRO A 106 -1.09 -1.94 -9.58
C PRO A 106 -1.36 -1.44 -11.01
N ARG A 107 -0.76 -0.31 -11.33
CA ARG A 107 -0.93 0.28 -12.65
C ARG A 107 -0.11 -0.49 -13.68
N SER A 108 -0.72 -1.55 -14.19
CA SER A 108 -0.06 -2.38 -15.19
C SER A 108 0.04 -1.63 -16.52
N GLY A 109 1.26 -1.23 -16.85
CA GLY A 109 1.50 -0.50 -18.08
C GLY A 109 2.99 -0.49 -18.43
N PRO A 110 3.28 -0.51 -19.76
CA PRO A 110 4.65 -0.50 -20.23
C PRO A 110 5.27 0.89 -20.08
N SER A 111 6.22 0.98 -19.15
CA SER A 111 6.89 2.24 -18.90
C SER A 111 7.96 2.05 -17.82
N SER A 112 9.07 2.76 -18.00
CA SER A 112 10.17 2.68 -17.07
C SER A 112 10.74 1.26 -17.05
N GLY A 113 11.95 1.14 -17.58
CA GLY A 113 12.62 -0.14 -17.63
C GLY A 113 14.13 0.02 -17.50
N GLY A 1 16.76 -10.47 -12.54
CA GLY A 1 16.87 -11.78 -11.91
C GLY A 1 15.63 -12.10 -11.09
N SER A 2 15.65 -13.27 -10.47
CA SER A 2 14.53 -13.71 -9.65
C SER A 2 15.03 -14.10 -8.26
N SER A 3 14.23 -13.75 -7.26
CA SER A 3 14.58 -14.06 -5.88
C SER A 3 15.87 -13.32 -5.49
N GLY A 4 15.95 -13.00 -4.21
CA GLY A 4 17.11 -12.29 -3.69
C GLY A 4 16.84 -11.72 -2.30
N SER A 5 17.36 -12.41 -1.30
CA SER A 5 17.17 -11.98 0.07
C SER A 5 18.53 -11.67 0.71
N SER A 6 18.52 -10.69 1.60
CA SER A 6 19.74 -10.28 2.28
C SER A 6 19.39 -9.63 3.63
N GLY A 7 19.59 -10.42 4.68
CA GLY A 7 19.32 -9.93 6.03
C GLY A 7 18.01 -9.13 6.06
N PRO A 8 16.88 -9.87 6.14
CA PRO A 8 15.57 -9.24 6.18
C PRO A 8 15.30 -8.61 7.55
N PHE A 9 14.65 -7.46 7.52
CA PHE A 9 14.34 -6.75 8.75
C PHE A 9 12.93 -7.12 9.24
N CYS A 10 12.62 -6.63 10.44
CA CYS A 10 11.32 -6.90 11.03
C CYS A 10 10.92 -5.70 11.88
N ALA A 11 9.64 -5.65 12.23
CA ALA A 11 9.12 -4.57 13.03
C ALA A 11 9.77 -4.60 14.42
N MET A 12 9.41 -3.62 15.23
CA MET A 12 9.96 -3.52 16.58
C MET A 12 8.87 -3.78 17.63
N GLU A 13 7.82 -2.97 17.54
CA GLU A 13 6.71 -3.10 18.48
C GLU A 13 5.63 -2.06 18.16
N ASN A 14 4.74 -2.43 17.26
CA ASN A 14 3.67 -1.54 16.86
C ASN A 14 2.89 -2.17 15.71
N GLN A 15 1.66 -1.69 15.52
CA GLN A 15 0.81 -2.21 14.46
C GLN A 15 1.60 -2.34 13.16
N VAL A 16 1.04 -3.12 12.25
CA VAL A 16 1.68 -3.35 10.96
C VAL A 16 0.79 -2.81 9.84
N LEU A 17 1.40 -2.57 8.70
CA LEU A 17 0.66 -2.06 7.55
C LEU A 17 0.23 -3.23 6.67
N VAL A 18 -0.94 -3.08 6.06
CA VAL A 18 -1.48 -4.11 5.20
C VAL A 18 -1.90 -3.48 3.86
N ILE A 19 -1.12 -3.79 2.83
CA ILE A 19 -1.40 -3.27 1.50
C ILE A 19 -2.20 -4.29 0.71
N ARG A 20 -3.42 -3.91 0.36
CA ARG A 20 -4.30 -4.78 -0.40
C ARG A 20 -4.23 -4.45 -1.88
N ILE A 21 -3.38 -5.19 -2.59
CA ILE A 21 -3.21 -4.98 -4.01
C ILE A 21 -4.42 -5.53 -4.76
N LYS A 22 -5.14 -4.64 -5.42
CA LYS A 22 -6.31 -5.03 -6.17
C LYS A 22 -5.90 -5.93 -7.34
N ILE A 23 -6.26 -7.20 -7.23
CA ILE A 23 -5.93 -8.16 -8.27
C ILE A 23 -7.00 -8.12 -9.35
N PRO A 24 -6.55 -8.26 -10.63
CA PRO A 24 -7.46 -8.24 -11.76
C PRO A 24 -8.23 -9.55 -11.86
N ASN A 25 -9.52 -9.47 -11.62
CA ASN A 25 -10.38 -10.65 -11.68
C ASN A 25 -9.74 -11.78 -10.89
N SER A 26 -9.49 -11.51 -9.62
CA SER A 26 -8.87 -12.51 -8.75
C SER A 26 -8.73 -11.93 -7.34
N GLY A 27 -9.82 -11.39 -6.84
CA GLY A 27 -9.82 -10.81 -5.50
C GLY A 27 -8.67 -9.84 -5.32
N ALA A 28 -7.99 -9.96 -4.19
CA ALA A 28 -6.87 -9.10 -3.87
C ALA A 28 -5.88 -9.85 -2.99
N VAL A 29 -4.75 -9.22 -2.75
CA VAL A 29 -3.71 -9.83 -1.92
C VAL A 29 -3.18 -8.78 -0.94
N ASP A 30 -3.32 -9.09 0.35
CA ASP A 30 -2.86 -8.19 1.39
C ASP A 30 -1.38 -8.46 1.66
N TRP A 31 -0.56 -7.50 1.25
CA TRP A 31 0.88 -7.62 1.45
C TRP A 31 1.19 -7.25 2.90
N THR A 32 1.49 -8.27 3.70
CA THR A 32 1.80 -8.07 5.10
C THR A 32 3.07 -7.22 5.24
N VAL A 33 2.86 -5.97 5.62
CA VAL A 33 3.98 -5.06 5.81
C VAL A 33 4.08 -4.67 7.28
N HIS A 34 5.26 -4.88 7.83
CA HIS A 34 5.50 -4.57 9.23
C HIS A 34 6.11 -3.16 9.34
N SER A 35 7.00 -2.87 8.41
CA SER A 35 7.65 -1.56 8.38
C SER A 35 6.86 -0.59 7.50
N GLY A 36 5.72 -0.15 8.03
CA GLY A 36 4.88 0.77 7.30
C GLY A 36 5.66 2.02 6.86
N PRO A 37 6.39 2.60 7.85
CA PRO A 37 7.19 3.79 7.58
C PRO A 37 8.45 3.44 6.79
N GLN A 38 9.09 2.36 7.21
CA GLN A 38 10.32 1.91 6.57
C GLN A 38 9.97 1.17 5.27
N LEU A 39 9.21 1.84 4.42
CA LEU A 39 8.82 1.25 3.16
C LEU A 39 9.19 2.20 2.01
N LEU A 40 9.67 1.61 0.93
CA LEU A 40 10.07 2.40 -0.23
C LEU A 40 9.19 2.03 -1.42
N PHE A 41 9.16 2.91 -2.40
CA PHE A 41 8.37 2.69 -3.60
C PHE A 41 8.78 1.39 -4.30
N ARG A 42 10.09 1.21 -4.41
CA ARG A 42 10.63 0.02 -5.04
C ARG A 42 10.14 -1.24 -4.33
N ASP A 43 10.27 -1.22 -3.01
CA ASP A 43 9.84 -2.36 -2.21
C ASP A 43 8.45 -2.81 -2.66
N VAL A 44 7.59 -1.83 -2.88
CA VAL A 44 6.23 -2.12 -3.31
C VAL A 44 6.28 -2.85 -4.65
N LEU A 45 7.03 -2.29 -5.58
CA LEU A 45 7.17 -2.88 -6.91
C LEU A 45 7.88 -4.23 -6.78
N ASP A 46 8.70 -4.33 -5.76
CA ASP A 46 9.44 -5.57 -5.51
C ASP A 46 8.48 -6.66 -5.06
N VAL A 47 7.41 -6.23 -4.40
CA VAL A 47 6.40 -7.16 -3.92
C VAL A 47 5.40 -7.45 -5.03
N ILE A 48 4.74 -6.38 -5.48
CA ILE A 48 3.76 -6.49 -6.54
C ILE A 48 4.31 -7.37 -7.66
N GLY A 49 5.58 -7.14 -7.97
CA GLY A 49 6.24 -7.89 -9.02
C GLY A 49 6.01 -9.40 -8.83
N GLN A 50 5.83 -9.79 -7.58
CA GLN A 50 5.61 -11.18 -7.26
C GLN A 50 4.12 -11.51 -7.35
N VAL A 51 3.31 -10.48 -7.21
CA VAL A 51 1.86 -10.64 -7.28
C VAL A 51 1.42 -10.65 -8.73
N LEU A 52 2.00 -9.74 -9.50
CA LEU A 52 1.67 -9.63 -10.91
C LEU A 52 2.95 -9.78 -11.74
N PRO A 53 3.44 -11.04 -11.82
CA PRO A 53 4.65 -11.32 -12.57
C PRO A 53 4.39 -11.29 -14.08
N GLU A 54 3.12 -11.47 -14.42
CA GLU A 54 2.71 -11.47 -15.81
C GLU A 54 2.19 -10.09 -16.22
N ALA A 55 2.01 -9.25 -15.22
CA ALA A 55 1.52 -7.90 -15.45
C ALA A 55 2.37 -6.90 -14.66
N THR A 56 3.07 -6.07 -15.41
CA THR A 56 3.93 -5.07 -14.80
C THR A 56 3.12 -4.14 -13.90
N THR A 57 3.84 -3.30 -13.17
CA THR A 57 3.20 -2.36 -12.26
C THR A 57 3.96 -1.03 -12.26
N THR A 58 5.18 -1.09 -11.73
CA THR A 58 6.01 0.10 -11.65
C THR A 58 5.43 1.11 -10.66
N ALA A 59 4.20 1.53 -10.96
CA ALA A 59 3.51 2.48 -10.11
C ALA A 59 2.17 1.90 -9.67
N PHE A 60 1.55 2.57 -8.71
CA PHE A 60 0.27 2.14 -8.20
C PHE A 60 -0.55 3.32 -7.67
N GLU A 61 -1.86 3.12 -7.63
CA GLU A 61 -2.75 4.16 -7.15
C GLU A 61 -3.40 3.74 -5.83
N TYR A 62 -3.85 4.74 -5.09
CA TYR A 62 -4.48 4.50 -3.80
C TYR A 62 -5.53 5.57 -3.49
N GLU A 63 -6.69 5.11 -3.06
CA GLU A 63 -7.79 6.01 -2.73
C GLU A 63 -7.40 6.89 -1.54
N ASP A 64 -7.44 8.19 -1.76
CA ASP A 64 -7.10 9.15 -0.72
C ASP A 64 -8.35 9.44 0.13
N GLU A 65 -8.25 10.49 0.93
CA GLU A 65 -9.34 10.88 1.79
C GLU A 65 -10.59 11.21 0.95
N ASP A 66 -10.33 11.71 -0.25
CA ASP A 66 -11.42 12.07 -1.16
C ASP A 66 -11.61 10.95 -2.18
N GLY A 67 -11.06 9.78 -1.85
CA GLY A 67 -11.17 8.62 -2.73
C GLY A 67 -11.10 9.05 -4.19
N ASP A 68 -10.07 9.81 -4.52
CA ASP A 68 -9.89 10.29 -5.88
C ASP A 68 -8.82 9.44 -6.56
N ARG A 69 -8.36 8.42 -5.84
CA ARG A 69 -7.35 7.53 -6.38
C ARG A 69 -6.09 8.33 -6.76
N ILE A 70 -5.07 8.20 -5.93
CA ILE A 70 -3.82 8.89 -6.17
C ILE A 70 -2.90 8.00 -7.01
N THR A 71 -1.74 8.54 -7.34
CA THR A 71 -0.76 7.81 -8.13
C THR A 71 0.64 7.96 -7.53
N VAL A 72 1.23 6.82 -7.21
CA VAL A 72 2.56 6.81 -6.63
C VAL A 72 3.58 6.39 -7.69
N ARG A 73 4.34 7.36 -8.15
CA ARG A 73 5.34 7.11 -9.17
C ARG A 73 6.75 7.15 -8.55
N SER A 74 6.83 7.78 -7.39
CA SER A 74 8.09 7.90 -6.70
C SER A 74 7.87 7.79 -5.18
N ASP A 75 8.97 7.70 -4.46
CA ASP A 75 8.92 7.59 -3.01
C ASP A 75 8.11 8.76 -2.44
N GLU A 76 8.31 9.92 -3.05
CA GLU A 76 7.61 11.12 -2.62
C GLU A 76 6.13 10.83 -2.42
N GLU A 77 5.50 10.37 -3.50
CA GLU A 77 4.09 10.04 -3.46
C GLU A 77 3.81 8.96 -2.41
N MET A 78 4.70 7.97 -2.39
CA MET A 78 4.56 6.87 -1.44
C MET A 78 4.35 7.40 -0.02
N LYS A 79 5.39 8.04 0.49
CA LYS A 79 5.34 8.60 1.83
C LYS A 79 3.97 9.25 2.06
N ALA A 80 3.54 10.00 1.06
CA ALA A 80 2.26 10.68 1.14
C ALA A 80 1.15 9.66 1.36
N MET A 81 1.08 8.69 0.45
CA MET A 81 0.08 7.64 0.54
C MET A 81 0.04 7.04 1.95
N LEU A 82 1.23 6.85 2.52
CA LEU A 82 1.34 6.28 3.85
C LEU A 82 0.96 7.34 4.88
N SER A 83 1.42 8.56 4.64
CA SER A 83 1.14 9.67 5.54
C SER A 83 -0.37 9.83 5.70
N TYR A 84 -1.09 9.56 4.62
CA TYR A 84 -2.53 9.67 4.64
C TYR A 84 -3.17 8.46 5.33
N TYR A 85 -2.93 7.29 4.76
CA TYR A 85 -3.46 6.07 5.32
C TYR A 85 -3.43 6.09 6.84
N TYR A 86 -2.28 6.46 7.37
CA TYR A 86 -2.10 6.53 8.82
C TYR A 86 -2.84 7.74 9.39
N SER A 87 -2.76 8.84 8.67
CA SER A 87 -3.41 10.06 9.10
C SER A 87 -4.92 9.85 9.22
N THR A 88 -5.41 8.93 8.39
CA THR A 88 -6.84 8.62 8.37
C THR A 88 -7.11 7.38 9.24
N VAL A 89 -6.26 6.39 9.07
CA VAL A 89 -6.40 5.15 9.83
C VAL A 89 -6.55 5.49 11.32
N MET A 90 -5.65 6.32 11.80
CA MET A 90 -5.67 6.73 13.19
C MET A 90 -7.00 7.38 13.55
N GLU A 91 -7.63 7.98 12.54
CA GLU A 91 -8.90 8.64 12.74
C GLU A 91 -10.03 7.60 12.79
N GLN A 92 -9.79 6.48 12.14
CA GLN A 92 -10.78 5.41 12.10
C GLN A 92 -10.85 4.70 13.46
N GLN A 93 -9.74 4.78 14.18
CA GLN A 93 -9.67 4.16 15.49
C GLN A 93 -10.24 5.09 16.56
N VAL A 94 -9.74 6.32 16.55
CA VAL A 94 -10.19 7.31 17.52
C VAL A 94 -11.71 7.44 17.44
N ASN A 95 -12.25 7.05 16.29
CA ASN A 95 -13.68 7.11 16.06
C ASN A 95 -14.34 5.84 16.61
N GLY A 96 -13.85 4.71 16.12
CA GLY A 96 -14.37 3.42 16.55
C GLY A 96 -14.42 2.45 15.38
N GLN A 97 -14.73 2.98 14.20
CA GLN A 97 -14.81 2.17 13.00
C GLN A 97 -13.55 1.32 12.85
N LEU A 98 -13.69 0.24 12.09
CA LEU A 98 -12.57 -0.65 11.86
C LEU A 98 -11.65 -0.05 10.79
N ILE A 99 -10.38 -0.40 10.88
CA ILE A 99 -9.39 0.10 9.94
C ILE A 99 -9.54 -0.66 8.61
N GLU A 100 -9.02 -0.03 7.56
CA GLU A 100 -9.09 -0.63 6.23
C GLU A 100 -7.68 -0.80 5.65
N PRO A 101 -7.53 -1.85 4.80
CA PRO A 101 -6.25 -2.13 4.19
C PRO A 101 -5.95 -1.15 3.06
N LEU A 102 -4.70 -0.73 2.99
CA LEU A 102 -4.28 0.22 1.97
C LEU A 102 -4.59 -0.35 0.59
N GLN A 103 -5.82 -0.10 0.14
CA GLN A 103 -6.25 -0.58 -1.16
C GLN A 103 -5.50 0.14 -2.27
N ILE A 104 -4.55 -0.58 -2.86
CA ILE A 104 -3.75 -0.03 -3.93
C ILE A 104 -4.02 -0.82 -5.22
N PHE A 105 -3.58 -0.23 -6.33
CA PHE A 105 -3.78 -0.86 -7.62
C PHE A 105 -2.48 -0.82 -8.45
N PRO A 106 -2.08 -2.01 -8.94
CA PRO A 106 -0.87 -2.12 -9.75
C PRO A 106 -1.10 -1.57 -11.16
N ARG A 107 -0.62 -0.36 -11.38
CA ARG A 107 -0.76 0.29 -12.67
C ARG A 107 -0.16 -0.60 -13.76
N SER A 108 -1.04 -1.28 -14.48
CA SER A 108 -0.62 -2.16 -15.55
C SER A 108 -0.58 -1.39 -16.87
N GLY A 109 0.62 -1.33 -17.44
CA GLY A 109 0.81 -0.62 -18.69
C GLY A 109 2.30 -0.41 -18.98
N PRO A 110 2.58 -0.02 -20.26
CA PRO A 110 3.96 0.22 -20.67
C PRO A 110 4.48 1.54 -20.11
N SER A 111 5.79 1.59 -19.93
CA SER A 111 6.42 2.80 -19.41
C SER A 111 7.55 3.23 -20.34
N SER A 112 8.53 2.35 -20.49
CA SER A 112 9.67 2.63 -21.36
C SER A 112 9.43 2.07 -22.75
N GLY A 113 9.23 0.76 -22.80
CA GLY A 113 8.99 0.09 -24.07
C GLY A 113 10.10 -0.94 -24.37
N GLY A 1 -17.93 12.33 12.25
CA GLY A 1 -18.96 13.36 12.21
C GLY A 1 -18.55 14.51 11.29
N SER A 2 -17.45 15.16 11.67
CA SER A 2 -16.94 16.27 10.90
C SER A 2 -15.42 16.39 11.07
N SER A 3 -14.82 17.19 10.21
CA SER A 3 -13.38 17.39 10.26
C SER A 3 -13.00 18.18 11.52
N GLY A 4 -12.59 17.43 12.54
CA GLY A 4 -12.19 18.03 13.80
C GLY A 4 -10.87 18.79 13.65
N SER A 5 -9.80 18.15 14.08
CA SER A 5 -8.48 18.74 14.00
C SER A 5 -7.42 17.64 13.98
N SER A 6 -6.71 17.57 12.86
CA SER A 6 -5.66 16.58 12.70
C SER A 6 -4.53 17.15 11.84
N GLY A 7 -3.48 17.60 12.51
CA GLY A 7 -2.34 18.17 11.82
C GLY A 7 -1.58 17.09 11.04
N PRO A 8 -0.74 17.56 10.09
CA PRO A 8 0.05 16.65 9.27
C PRO A 8 1.22 16.07 10.05
N PHE A 9 0.88 15.43 11.17
CA PHE A 9 1.88 14.83 12.02
C PHE A 9 1.66 13.32 12.15
N CYS A 10 2.60 12.56 11.59
CA CYS A 10 2.52 11.11 11.63
C CYS A 10 2.57 10.67 13.10
N ALA A 11 1.38 10.44 13.65
CA ALA A 11 1.28 10.02 15.04
C ALA A 11 0.47 8.71 15.10
N MET A 12 0.36 8.19 16.31
CA MET A 12 -0.37 6.96 16.53
C MET A 12 0.01 5.90 15.49
N GLU A 13 1.08 5.16 15.81
CA GLU A 13 1.55 4.12 14.91
C GLU A 13 2.31 3.06 15.70
N ASN A 14 1.86 1.83 15.56
CA ASN A 14 2.49 0.71 16.25
C ASN A 14 2.26 -0.58 15.45
N GLN A 15 1.01 -0.77 15.04
CA GLN A 15 0.64 -1.94 14.28
C GLN A 15 1.34 -1.93 12.92
N VAL A 16 1.43 -3.11 12.33
CA VAL A 16 2.08 -3.25 11.03
C VAL A 16 1.14 -2.72 9.94
N LEU A 17 1.73 -2.45 8.78
CA LEU A 17 0.97 -1.94 7.66
C LEU A 17 0.57 -3.10 6.74
N VAL A 18 -0.65 -3.01 6.22
CA VAL A 18 -1.15 -4.05 5.34
C VAL A 18 -1.60 -3.41 4.02
N ILE A 19 -0.89 -3.76 2.96
CA ILE A 19 -1.21 -3.23 1.64
C ILE A 19 -2.08 -4.22 0.88
N ARG A 20 -3.23 -3.75 0.45
CA ARG A 20 -4.16 -4.59 -0.29
C ARG A 20 -4.11 -4.26 -1.78
N ILE A 21 -3.47 -5.13 -2.52
CA ILE A 21 -3.34 -4.95 -3.96
C ILE A 21 -4.62 -5.44 -4.65
N LYS A 22 -5.31 -4.49 -5.28
CA LYS A 22 -6.54 -4.81 -5.98
C LYS A 22 -6.23 -5.65 -7.22
N ILE A 23 -6.35 -6.96 -7.04
CA ILE A 23 -6.08 -7.89 -8.13
C ILE A 23 -7.16 -7.74 -9.20
N PRO A 24 -6.72 -7.83 -10.48
CA PRO A 24 -7.63 -7.71 -11.60
C PRO A 24 -8.47 -8.99 -11.76
N ASN A 25 -9.75 -8.87 -11.46
CA ASN A 25 -10.66 -9.99 -11.56
C ASN A 25 -10.09 -11.18 -10.77
N SER A 26 -9.75 -10.91 -9.53
CA SER A 26 -9.20 -11.93 -8.66
C SER A 26 -9.05 -11.39 -7.24
N GLY A 27 -10.13 -10.82 -6.74
CA GLY A 27 -10.13 -10.26 -5.39
C GLY A 27 -8.93 -9.34 -5.19
N ALA A 28 -8.23 -9.57 -4.08
CA ALA A 28 -7.07 -8.77 -3.75
C ALA A 28 -6.19 -9.53 -2.76
N VAL A 29 -4.95 -9.10 -2.65
CA VAL A 29 -4.00 -9.73 -1.74
C VAL A 29 -3.46 -8.68 -0.77
N ASP A 30 -3.15 -9.15 0.43
CA ASP A 30 -2.62 -8.27 1.46
C ASP A 30 -1.14 -8.57 1.68
N TRP A 31 -0.32 -7.55 1.52
CA TRP A 31 1.11 -7.69 1.71
C TRP A 31 1.46 -7.27 3.13
N THR A 32 1.69 -8.26 3.98
CA THR A 32 2.03 -7.99 5.37
C THR A 32 3.30 -7.15 5.45
N VAL A 33 3.12 -5.86 5.66
CA VAL A 33 4.24 -4.95 5.77
C VAL A 33 4.45 -4.56 7.23
N HIS A 34 5.64 -4.85 7.73
CA HIS A 34 5.98 -4.53 9.11
C HIS A 34 6.75 -3.22 9.16
N SER A 35 7.28 -2.84 8.02
CA SER A 35 8.06 -1.61 7.91
C SER A 35 7.26 -0.54 7.17
N GLY A 36 6.01 -0.39 7.60
CA GLY A 36 5.13 0.60 6.99
C GLY A 36 5.89 1.89 6.66
N PRO A 37 6.59 2.42 7.69
CA PRO A 37 7.35 3.64 7.53
C PRO A 37 8.64 3.37 6.74
N GLN A 38 9.28 2.26 7.08
CA GLN A 38 10.52 1.89 6.42
C GLN A 38 10.22 1.12 5.13
N LEU A 39 9.30 1.67 4.35
CA LEU A 39 8.91 1.06 3.09
C LEU A 39 9.29 1.99 1.94
N LEU A 40 9.98 1.42 0.96
CA LEU A 40 10.40 2.19 -0.20
C LEU A 40 9.49 1.85 -1.38
N PHE A 41 9.34 2.83 -2.28
CA PHE A 41 8.51 2.64 -3.45
C PHE A 41 8.87 1.35 -4.19
N ARG A 42 10.17 1.20 -4.42
CA ARG A 42 10.66 0.02 -5.11
C ARG A 42 10.15 -1.26 -4.43
N ASP A 43 10.48 -1.38 -3.16
CA ASP A 43 10.06 -2.54 -2.39
C ASP A 43 8.65 -2.96 -2.82
N VAL A 44 7.77 -1.97 -2.88
CA VAL A 44 6.39 -2.22 -3.28
C VAL A 44 6.38 -2.91 -4.65
N LEU A 45 7.05 -2.28 -5.60
CA LEU A 45 7.13 -2.82 -6.94
C LEU A 45 7.76 -4.21 -6.90
N ASP A 46 8.71 -4.36 -5.99
CA ASP A 46 9.41 -5.63 -5.84
C ASP A 46 8.42 -6.68 -5.33
N VAL A 47 7.43 -6.21 -4.58
CA VAL A 47 6.41 -7.10 -4.04
C VAL A 47 5.34 -7.37 -5.11
N ILE A 48 4.73 -6.29 -5.56
CA ILE A 48 3.70 -6.40 -6.59
C ILE A 48 4.16 -7.36 -7.68
N GLY A 49 5.44 -7.27 -8.00
CA GLY A 49 6.01 -8.12 -9.03
C GLY A 49 5.68 -9.60 -8.76
N GLN A 50 5.58 -9.92 -7.48
CA GLN A 50 5.27 -11.29 -7.09
C GLN A 50 3.76 -11.54 -7.21
N VAL A 51 3.00 -10.48 -7.01
CA VAL A 51 1.56 -10.57 -7.08
C VAL A 51 1.13 -10.63 -8.56
N LEU A 52 1.70 -9.72 -9.34
CA LEU A 52 1.40 -9.66 -10.75
C LEU A 52 2.68 -9.86 -11.56
N PRO A 53 3.11 -11.15 -11.65
CA PRO A 53 4.31 -11.49 -12.38
C PRO A 53 4.08 -11.43 -13.90
N GLU A 54 2.80 -11.52 -14.26
CA GLU A 54 2.43 -11.46 -15.67
C GLU A 54 2.01 -10.05 -16.05
N ALA A 55 1.86 -9.21 -15.04
CA ALA A 55 1.46 -7.83 -15.26
C ALA A 55 2.34 -6.90 -14.42
N THR A 56 3.55 -6.68 -14.92
CA THR A 56 4.49 -5.82 -14.24
C THR A 56 3.83 -4.52 -13.80
N THR A 57 4.51 -3.79 -12.93
CA THR A 57 3.99 -2.53 -12.43
C THR A 57 5.13 -1.66 -11.90
N THR A 58 5.11 -0.40 -12.31
CA THR A 58 6.13 0.54 -11.88
C THR A 58 5.49 1.70 -11.10
N ALA A 59 4.19 1.57 -10.87
CA ALA A 59 3.46 2.58 -10.14
C ALA A 59 2.09 2.04 -9.75
N PHE A 60 1.52 2.63 -8.71
CA PHE A 60 0.21 2.21 -8.23
C PHE A 60 -0.58 3.41 -7.70
N GLU A 61 -1.88 3.18 -7.54
CA GLU A 61 -2.76 4.23 -7.05
C GLU A 61 -3.40 3.81 -5.72
N TYR A 62 -3.64 4.80 -4.88
CA TYR A 62 -4.24 4.55 -3.58
C TYR A 62 -5.36 5.54 -3.29
N GLU A 63 -6.52 5.00 -2.97
CA GLU A 63 -7.67 5.83 -2.67
C GLU A 63 -7.36 6.79 -1.52
N ASP A 64 -7.76 8.03 -1.71
CA ASP A 64 -7.52 9.07 -0.71
C ASP A 64 -8.84 9.42 -0.03
N GLU A 65 -8.84 10.57 0.63
CA GLU A 65 -10.03 11.03 1.33
C GLU A 65 -11.23 11.04 0.38
N ASP A 66 -11.05 11.71 -0.75
CA ASP A 66 -12.10 11.80 -1.75
C ASP A 66 -11.97 10.63 -2.74
N GLY A 67 -11.34 9.57 -2.26
CA GLY A 67 -11.15 8.39 -3.09
C GLY A 67 -10.85 8.78 -4.54
N ASP A 68 -10.08 9.84 -4.69
CA ASP A 68 -9.73 10.33 -6.01
C ASP A 68 -8.63 9.43 -6.60
N ARG A 69 -8.23 8.45 -5.81
CA ARG A 69 -7.20 7.52 -6.24
C ARG A 69 -5.95 8.28 -6.68
N ILE A 70 -4.99 8.35 -5.77
CA ILE A 70 -3.75 9.05 -6.05
C ILE A 70 -2.83 8.15 -6.87
N THR A 71 -1.68 8.69 -7.24
CA THR A 71 -0.72 7.95 -8.03
C THR A 71 0.67 7.98 -7.37
N VAL A 72 1.31 6.82 -7.33
CA VAL A 72 2.63 6.72 -6.72
C VAL A 72 3.62 6.27 -7.79
N ARG A 73 4.42 7.22 -8.26
CA ARG A 73 5.42 6.94 -9.26
C ARG A 73 6.83 7.07 -8.68
N SER A 74 6.89 7.69 -7.51
CA SER A 74 8.15 7.89 -6.83
C SER A 74 7.97 7.75 -5.31
N ASP A 75 9.08 7.70 -4.61
CA ASP A 75 9.06 7.57 -3.16
C ASP A 75 8.22 8.70 -2.57
N GLU A 76 8.35 9.87 -3.18
CA GLU A 76 7.61 11.04 -2.73
C GLU A 76 6.14 10.69 -2.50
N GLU A 77 5.47 10.35 -3.60
CA GLU A 77 4.07 9.98 -3.53
C GLU A 77 3.84 8.93 -2.44
N MET A 78 4.73 7.95 -2.42
CA MET A 78 4.64 6.88 -1.44
C MET A 78 4.45 7.44 -0.04
N LYS A 79 5.48 8.10 0.46
CA LYS A 79 5.44 8.68 1.78
C LYS A 79 4.09 9.38 1.99
N ALA A 80 3.56 9.90 0.89
CA ALA A 80 2.28 10.59 0.92
C ALA A 80 1.17 9.57 1.20
N MET A 81 1.11 8.57 0.35
CA MET A 81 0.10 7.52 0.48
C MET A 81 0.08 6.96 1.91
N LEU A 82 1.27 6.79 2.45
CA LEU A 82 1.40 6.26 3.80
C LEU A 82 1.06 7.35 4.80
N SER A 83 1.34 8.59 4.41
CA SER A 83 1.07 9.73 5.27
C SER A 83 -0.43 9.88 5.48
N TYR A 84 -1.19 9.49 4.46
CA TYR A 84 -2.63 9.58 4.52
C TYR A 84 -3.23 8.37 5.24
N TYR A 85 -2.79 7.19 4.80
CA TYR A 85 -3.27 5.95 5.38
C TYR A 85 -3.27 6.04 6.91
N TYR A 86 -2.16 6.53 7.45
CA TYR A 86 -2.02 6.67 8.88
C TYR A 86 -2.88 7.81 9.42
N SER A 87 -2.84 8.93 8.69
CA SER A 87 -3.62 10.09 9.08
C SER A 87 -5.11 9.74 9.11
N THR A 88 -5.47 8.77 8.30
CA THR A 88 -6.86 8.34 8.22
C THR A 88 -7.08 7.12 9.11
N VAL A 89 -6.13 6.19 9.05
CA VAL A 89 -6.21 4.98 9.85
C VAL A 89 -6.43 5.36 11.32
N MET A 90 -5.59 6.27 11.80
CA MET A 90 -5.68 6.72 13.18
C MET A 90 -7.05 7.31 13.47
N GLU A 91 -7.68 7.79 12.41
CA GLU A 91 -9.01 8.40 12.54
C GLU A 91 -10.08 7.31 12.61
N GLN A 92 -9.82 6.22 11.91
CA GLN A 92 -10.75 5.10 11.89
C GLN A 92 -10.78 4.40 13.24
N GLN A 93 -9.76 4.68 14.04
CA GLN A 93 -9.65 4.08 15.36
C GLN A 93 -10.40 4.94 16.39
N VAL A 94 -10.18 6.24 16.31
CA VAL A 94 -10.82 7.17 17.22
C VAL A 94 -12.34 7.09 17.03
N ASN A 95 -12.74 6.80 15.80
CA ASN A 95 -14.15 6.70 15.47
C ASN A 95 -14.70 5.39 16.05
N GLY A 96 -14.22 4.29 15.51
CA GLY A 96 -14.66 2.97 15.95
C GLY A 96 -14.45 1.92 14.86
N GLN A 97 -14.94 2.23 13.68
CA GLN A 97 -14.82 1.33 12.55
C GLN A 97 -13.42 0.69 12.54
N LEU A 98 -13.36 -0.51 11.99
CA LEU A 98 -12.11 -1.23 11.90
C LEU A 98 -11.22 -0.59 10.84
N ILE A 99 -9.91 -0.78 11.00
CA ILE A 99 -8.96 -0.23 10.06
C ILE A 99 -9.03 -1.01 8.75
N GLU A 100 -8.84 -0.29 7.66
CA GLU A 100 -8.87 -0.89 6.34
C GLU A 100 -7.47 -1.00 5.75
N PRO A 101 -7.26 -2.05 4.92
CA PRO A 101 -5.97 -2.27 4.30
C PRO A 101 -5.73 -1.27 3.16
N LEU A 102 -4.52 -0.74 3.11
CA LEU A 102 -4.15 0.22 2.08
C LEU A 102 -4.56 -0.33 0.71
N GLN A 103 -5.75 0.04 0.29
CA GLN A 103 -6.27 -0.40 -0.99
C GLN A 103 -5.53 0.30 -2.14
N ILE A 104 -4.50 -0.38 -2.64
CA ILE A 104 -3.71 0.17 -3.72
C ILE A 104 -4.03 -0.59 -5.02
N PHE A 105 -3.69 0.03 -6.13
CA PHE A 105 -3.93 -0.57 -7.43
C PHE A 105 -2.67 -0.54 -8.29
N PRO A 106 -2.26 -1.75 -8.76
CA PRO A 106 -1.08 -1.87 -9.59
C PRO A 106 -1.36 -1.38 -11.01
N ARG A 107 -0.78 -0.24 -11.34
CA ARG A 107 -0.96 0.35 -12.66
C ARG A 107 -0.18 -0.44 -13.71
N SER A 108 -0.86 -1.41 -14.31
CA SER A 108 -0.25 -2.25 -15.32
C SER A 108 -0.56 -1.70 -16.71
N GLY A 109 -1.78 -1.98 -17.16
CA GLY A 109 -2.22 -1.52 -18.47
C GLY A 109 -1.28 -2.03 -19.57
N PRO A 110 -1.24 -1.26 -20.69
CA PRO A 110 -0.39 -1.62 -21.81
C PRO A 110 1.08 -1.33 -21.51
N SER A 111 1.32 -0.13 -21.00
CA SER A 111 2.69 0.27 -20.67
C SER A 111 3.39 -0.85 -19.91
N SER A 112 4.71 -0.91 -20.08
CA SER A 112 5.51 -1.92 -19.43
C SER A 112 7.00 -1.59 -19.60
N GLY A 113 7.39 -1.42 -20.85
CA GLY A 113 8.77 -1.11 -21.16
C GLY A 113 8.93 -0.67 -22.62
N GLY A 1 15.63 10.99 -1.90
CA GLY A 1 15.08 9.75 -1.37
C GLY A 1 15.70 9.42 0.00
N SER A 2 16.62 8.47 -0.01
CA SER A 2 17.28 8.05 1.20
C SER A 2 18.09 9.22 1.78
N SER A 3 17.43 9.98 2.65
CA SER A 3 18.07 11.12 3.28
C SER A 3 17.36 11.46 4.60
N GLY A 4 18.10 11.29 5.68
CA GLY A 4 17.56 11.57 7.00
C GLY A 4 16.75 10.39 7.52
N SER A 5 17.16 9.90 8.69
CA SER A 5 16.48 8.77 9.31
C SER A 5 17.08 8.49 10.69
N SER A 6 16.57 9.20 11.68
CA SER A 6 17.05 9.03 13.04
C SER A 6 16.13 9.77 14.01
N GLY A 7 15.55 9.01 14.92
CA GLY A 7 14.65 9.58 15.91
C GLY A 7 14.58 8.69 17.16
N PRO A 8 13.74 9.15 18.14
CA PRO A 8 13.58 8.41 19.38
C PRO A 8 12.72 7.17 19.17
N PHE A 9 13.38 6.08 18.84
CA PHE A 9 12.68 4.82 18.60
C PHE A 9 12.16 4.24 19.92
N CYS A 10 10.84 4.23 20.04
CA CYS A 10 10.20 3.70 21.24
C CYS A 10 8.75 3.35 20.90
N ALA A 11 8.08 4.29 20.24
CA ALA A 11 6.70 4.09 19.85
C ALA A 11 6.42 4.88 18.56
N MET A 12 5.86 4.19 17.59
CA MET A 12 5.54 4.81 16.32
C MET A 12 4.23 4.26 15.76
N GLU A 13 4.12 2.94 15.77
CA GLU A 13 2.94 2.28 15.26
C GLU A 13 2.67 0.99 16.05
N ASN A 14 1.39 0.73 16.29
CA ASN A 14 0.99 -0.45 17.03
C ASN A 14 0.68 -1.58 16.05
N GLN A 15 -0.15 -1.27 15.07
CA GLN A 15 -0.53 -2.24 14.06
C GLN A 15 0.34 -2.08 12.81
N VAL A 16 0.50 -3.19 12.11
CA VAL A 16 1.31 -3.19 10.89
C VAL A 16 0.46 -2.70 9.72
N LEU A 17 1.14 -2.28 8.67
CA LEU A 17 0.46 -1.79 7.48
C LEU A 17 0.15 -2.97 6.55
N VAL A 18 -1.06 -2.93 5.99
CA VAL A 18 -1.49 -3.99 5.08
C VAL A 18 -1.89 -3.36 3.75
N ILE A 19 -1.12 -3.70 2.72
CA ILE A 19 -1.39 -3.18 1.39
C ILE A 19 -2.20 -4.21 0.60
N ARG A 20 -3.40 -3.81 0.22
CA ARG A 20 -4.28 -4.68 -0.54
C ARG A 20 -4.16 -4.39 -2.03
N ILE A 21 -3.41 -5.23 -2.71
CA ILE A 21 -3.20 -5.07 -4.14
C ILE A 21 -4.46 -5.55 -4.89
N LYS A 22 -4.78 -4.83 -5.96
CA LYS A 22 -5.94 -5.16 -6.76
C LYS A 22 -5.56 -6.20 -7.81
N ILE A 23 -6.15 -7.38 -7.70
CA ILE A 23 -5.88 -8.45 -8.63
C ILE A 23 -6.90 -8.40 -9.78
N PRO A 24 -6.39 -8.68 -11.01
CA PRO A 24 -7.24 -8.66 -12.19
C PRO A 24 -8.12 -9.91 -12.23
N ASN A 25 -9.43 -9.68 -12.10
CA ASN A 25 -10.40 -10.76 -12.12
C ASN A 25 -9.86 -11.92 -11.27
N SER A 26 -9.89 -11.71 -9.97
CA SER A 26 -9.43 -12.72 -9.04
C SER A 26 -9.77 -12.32 -7.60
N GLY A 27 -9.53 -11.06 -7.29
CA GLY A 27 -9.80 -10.54 -5.97
C GLY A 27 -8.77 -9.48 -5.57
N ALA A 28 -7.98 -9.84 -4.56
CA ALA A 28 -6.95 -8.93 -4.08
C ALA A 28 -6.13 -9.64 -2.99
N VAL A 29 -4.85 -9.29 -2.93
CA VAL A 29 -3.96 -9.87 -1.95
C VAL A 29 -3.50 -8.80 -0.97
N ASP A 30 -3.28 -9.22 0.26
CA ASP A 30 -2.84 -8.30 1.31
C ASP A 30 -1.36 -8.56 1.61
N TRP A 31 -0.57 -7.50 1.46
CA TRP A 31 0.86 -7.60 1.72
C TRP A 31 1.11 -7.11 3.15
N THR A 32 1.51 -8.06 3.99
CA THR A 32 1.79 -7.75 5.38
C THR A 32 3.05 -6.89 5.50
N VAL A 33 2.82 -5.59 5.66
CA VAL A 33 3.92 -4.65 5.78
C VAL A 33 4.07 -4.24 7.24
N HIS A 34 5.25 -4.53 7.79
CA HIS A 34 5.54 -4.20 9.18
C HIS A 34 6.27 -2.85 9.24
N SER A 35 7.03 -2.58 8.19
CA SER A 35 7.78 -1.34 8.12
C SER A 35 6.98 -0.29 7.36
N GLY A 36 5.74 -0.11 7.81
CA GLY A 36 4.86 0.87 7.19
C GLY A 36 5.62 2.14 6.82
N PRO A 37 6.32 2.72 7.84
CA PRO A 37 7.09 3.93 7.62
C PRO A 37 8.38 3.63 6.85
N GLN A 38 9.04 2.56 7.26
CA GLN A 38 10.28 2.16 6.62
C GLN A 38 9.99 1.38 5.34
N LEU A 39 9.17 1.98 4.48
CA LEU A 39 8.82 1.36 3.23
C LEU A 39 9.20 2.28 2.07
N LEU A 40 9.73 1.67 1.02
CA LEU A 40 10.14 2.42 -0.15
C LEU A 40 9.23 2.07 -1.34
N PHE A 41 9.26 2.93 -2.34
CA PHE A 41 8.45 2.72 -3.53
C PHE A 41 8.82 1.41 -4.22
N ARG A 42 10.12 1.20 -4.37
CA ARG A 42 10.61 -0.01 -5.02
C ARG A 42 10.08 -1.25 -4.30
N ASP A 43 10.23 -1.24 -2.98
CA ASP A 43 9.76 -2.36 -2.17
C ASP A 43 8.39 -2.82 -2.68
N VAL A 44 7.50 -1.85 -2.83
CA VAL A 44 6.15 -2.12 -3.30
C VAL A 44 6.23 -2.87 -4.64
N LEU A 45 6.98 -2.27 -5.55
CA LEU A 45 7.15 -2.85 -6.87
C LEU A 45 7.82 -4.22 -6.74
N ASP A 46 8.65 -4.35 -5.72
CA ASP A 46 9.35 -5.59 -5.48
C ASP A 46 8.36 -6.64 -4.96
N VAL A 47 7.30 -6.15 -4.35
CA VAL A 47 6.27 -7.03 -3.83
C VAL A 47 5.27 -7.38 -4.94
N ILE A 48 4.66 -6.33 -5.47
CA ILE A 48 3.69 -6.50 -6.54
C ILE A 48 4.22 -7.51 -7.55
N GLY A 49 5.50 -7.37 -7.88
CA GLY A 49 6.13 -8.27 -8.82
C GLY A 49 5.80 -9.73 -8.51
N GLN A 50 5.61 -9.99 -7.22
CA GLN A 50 5.29 -11.34 -6.77
C GLN A 50 3.80 -11.62 -6.97
N VAL A 51 3.01 -10.58 -6.81
CA VAL A 51 1.57 -10.70 -6.96
C VAL A 51 1.22 -10.79 -8.46
N LEU A 52 1.89 -9.94 -9.23
CA LEU A 52 1.67 -9.91 -10.66
C LEU A 52 2.98 -10.20 -11.39
N PRO A 53 3.35 -11.51 -11.43
CA PRO A 53 4.57 -11.94 -12.08
C PRO A 53 4.42 -11.90 -13.60
N GLU A 54 3.17 -11.92 -14.05
CA GLU A 54 2.88 -11.89 -15.47
C GLU A 54 2.39 -10.50 -15.87
N ALA A 55 2.40 -9.59 -14.91
CA ALA A 55 1.96 -8.22 -15.16
C ALA A 55 2.74 -7.28 -14.25
N THR A 56 4.03 -7.15 -14.54
CA THR A 56 4.89 -6.27 -13.76
C THR A 56 4.21 -4.92 -13.53
N THR A 57 4.77 -4.17 -12.60
CA THR A 57 4.23 -2.86 -12.26
C THR A 57 5.32 -1.96 -11.68
N THR A 58 5.29 -0.71 -12.10
CA THR A 58 6.27 0.26 -11.62
C THR A 58 5.63 1.22 -10.62
N ALA A 59 4.37 1.55 -10.88
CA ALA A 59 3.65 2.46 -10.00
C ALA A 59 2.32 1.81 -9.60
N PHE A 60 1.61 2.49 -8.71
CA PHE A 60 0.33 1.99 -8.24
C PHE A 60 -0.57 3.15 -7.79
N GLU A 61 -1.87 2.92 -7.90
CA GLU A 61 -2.85 3.92 -7.52
C GLU A 61 -3.49 3.55 -6.18
N TYR A 62 -3.93 4.57 -5.46
CA TYR A 62 -4.57 4.35 -4.17
C TYR A 62 -5.53 5.51 -3.83
N GLU A 63 -6.73 5.14 -3.44
CA GLU A 63 -7.74 6.12 -3.09
C GLU A 63 -7.34 6.85 -1.81
N ASP A 64 -7.22 8.17 -1.93
CA ASP A 64 -6.84 8.99 -0.80
C ASP A 64 -8.07 9.21 0.09
N GLU A 65 -8.08 10.34 0.77
CA GLU A 65 -9.17 10.68 1.66
C GLU A 65 -10.42 11.04 0.84
N ASP A 66 -10.18 11.62 -0.32
CA ASP A 66 -11.28 12.00 -1.20
C ASP A 66 -11.57 10.86 -2.18
N GLY A 67 -11.23 9.66 -1.75
CA GLY A 67 -11.45 8.48 -2.58
C GLY A 67 -10.91 8.69 -3.99
N ASP A 68 -9.89 9.54 -4.09
CA ASP A 68 -9.28 9.83 -5.37
C ASP A 68 -8.08 8.91 -5.58
N ARG A 69 -8.20 8.09 -6.62
CA ARG A 69 -7.12 7.15 -6.95
C ARG A 69 -5.83 7.91 -7.22
N ILE A 70 -5.06 8.11 -6.16
CA ILE A 70 -3.79 8.81 -6.27
C ILE A 70 -2.83 7.96 -7.10
N THR A 71 -1.67 8.55 -7.38
CA THR A 71 -0.64 7.86 -8.15
C THR A 71 0.71 8.01 -7.48
N VAL A 72 1.40 6.87 -7.32
CA VAL A 72 2.70 6.87 -6.70
C VAL A 72 3.76 6.45 -7.75
N ARG A 73 4.57 7.43 -8.13
CA ARG A 73 5.61 7.18 -9.11
C ARG A 73 6.99 7.26 -8.45
N SER A 74 7.05 8.05 -7.39
CA SER A 74 8.30 8.24 -6.67
C SER A 74 8.06 8.10 -5.16
N ASP A 75 9.15 7.94 -4.43
CA ASP A 75 9.06 7.80 -2.98
C ASP A 75 8.18 8.90 -2.41
N GLU A 76 8.36 10.10 -2.96
CA GLU A 76 7.59 11.25 -2.51
C GLU A 76 6.11 10.86 -2.34
N GLU A 77 5.49 10.51 -3.45
CA GLU A 77 4.09 10.11 -3.44
C GLU A 77 3.86 9.04 -2.37
N MET A 78 4.77 8.09 -2.32
CA MET A 78 4.68 7.00 -1.36
C MET A 78 4.49 7.55 0.06
N LYS A 79 5.54 8.17 0.57
CA LYS A 79 5.50 8.74 1.91
C LYS A 79 4.16 9.44 2.12
N ALA A 80 3.74 10.16 1.07
CA ALA A 80 2.48 10.89 1.13
C ALA A 80 1.33 9.90 1.31
N MET A 81 1.29 8.91 0.42
CA MET A 81 0.25 7.91 0.46
C MET A 81 0.16 7.27 1.85
N LEU A 82 1.33 7.05 2.44
CA LEU A 82 1.40 6.46 3.77
C LEU A 82 1.01 7.51 4.82
N SER A 83 1.51 8.71 4.60
CA SER A 83 1.22 9.82 5.52
C SER A 83 -0.29 10.01 5.65
N TYR A 84 -1.00 9.58 4.62
CA TYR A 84 -2.45 9.69 4.60
C TYR A 84 -3.10 8.50 5.31
N TYR A 85 -2.89 7.33 4.73
CA TYR A 85 -3.45 6.11 5.29
C TYR A 85 -3.42 6.14 6.81
N TYR A 86 -2.29 6.57 7.35
CA TYR A 86 -2.11 6.65 8.78
C TYR A 86 -2.92 7.81 9.37
N SER A 87 -2.89 8.93 8.66
CA SER A 87 -3.61 10.11 9.10
C SER A 87 -5.09 9.79 9.26
N THR A 88 -5.55 8.84 8.45
CA THR A 88 -6.95 8.44 8.51
C THR A 88 -7.11 7.19 9.38
N VAL A 89 -6.24 6.22 9.13
CA VAL A 89 -6.28 4.98 9.89
C VAL A 89 -6.37 5.30 11.38
N MET A 90 -5.58 6.28 11.79
CA MET A 90 -5.57 6.69 13.19
C MET A 90 -6.93 7.25 13.61
N GLU A 91 -7.64 7.77 12.63
CA GLU A 91 -8.96 8.33 12.87
C GLU A 91 -10.02 7.23 12.94
N GLN A 92 -9.68 6.10 12.35
CA GLN A 92 -10.58 4.96 12.33
C GLN A 92 -10.60 4.28 13.69
N GLN A 93 -9.49 4.43 14.41
CA GLN A 93 -9.36 3.82 15.73
C GLN A 93 -9.95 4.76 16.79
N VAL A 94 -9.64 6.04 16.65
CA VAL A 94 -10.12 7.04 17.58
C VAL A 94 -11.65 7.14 17.47
N ASN A 95 -12.14 6.90 16.26
CA ASN A 95 -13.58 6.95 16.01
C ASN A 95 -14.25 5.76 16.69
N GLY A 96 -13.73 4.57 16.40
CA GLY A 96 -14.27 3.35 16.97
C GLY A 96 -14.67 2.36 15.87
N GLN A 97 -13.83 2.30 14.85
CA GLN A 97 -14.08 1.40 13.73
C GLN A 97 -12.80 0.66 13.35
N LEU A 98 -12.97 -0.47 12.68
CA LEU A 98 -11.84 -1.28 12.25
C LEU A 98 -11.05 -0.51 11.20
N ILE A 99 -9.83 -0.98 10.96
CA ILE A 99 -8.96 -0.35 9.98
C ILE A 99 -9.08 -1.10 8.65
N GLU A 100 -8.94 -0.35 7.57
CA GLU A 100 -9.03 -0.92 6.24
C GLU A 100 -7.63 -1.03 5.62
N PRO A 101 -7.49 -2.04 4.72
CA PRO A 101 -6.22 -2.26 4.04
C PRO A 101 -5.98 -1.21 2.97
N LEU A 102 -4.73 -0.76 2.88
CA LEU A 102 -4.36 0.24 1.89
C LEU A 102 -4.73 -0.26 0.49
N GLN A 103 -5.97 0.02 0.11
CA GLN A 103 -6.45 -0.39 -1.20
C GLN A 103 -5.65 0.30 -2.31
N ILE A 104 -4.79 -0.47 -2.95
CA ILE A 104 -3.97 0.05 -4.01
C ILE A 104 -4.23 -0.74 -5.30
N PHE A 105 -3.59 -0.31 -6.37
CA PHE A 105 -3.74 -0.98 -7.65
C PHE A 105 -2.44 -0.95 -8.45
N PRO A 106 -2.06 -2.14 -8.98
CA PRO A 106 -0.84 -2.26 -9.76
C PRO A 106 -1.03 -1.66 -11.16
N ARG A 107 -0.65 -0.40 -11.28
CA ARG A 107 -0.77 0.30 -12.55
C ARG A 107 -0.41 -0.63 -13.70
N SER A 108 0.77 -1.21 -13.61
CA SER A 108 1.25 -2.13 -14.63
C SER A 108 1.42 -1.38 -15.96
N GLY A 109 2.35 -1.86 -16.76
CA GLY A 109 2.62 -1.27 -18.05
C GLY A 109 3.57 -2.13 -18.89
N PRO A 110 3.66 -1.80 -20.20
CA PRO A 110 4.51 -2.54 -21.10
C PRO A 110 5.98 -2.19 -20.87
N SER A 111 6.43 -2.40 -19.65
CA SER A 111 7.81 -2.11 -19.29
C SER A 111 8.27 -0.82 -19.97
N SER A 112 7.74 0.29 -19.49
CA SER A 112 8.08 1.59 -20.03
C SER A 112 9.12 2.29 -19.14
N GLY A 113 9.93 3.13 -19.77
CA GLY A 113 10.96 3.85 -19.05
C GLY A 113 11.77 4.74 -19.99
N GLY A 1 26.33 4.58 2.82
CA GLY A 1 25.11 4.64 3.60
C GLY A 1 23.87 4.68 2.69
N SER A 2 23.61 3.55 2.05
CA SER A 2 22.49 3.44 1.15
C SER A 2 21.83 2.07 1.30
N SER A 3 22.63 1.04 1.07
CA SER A 3 22.14 -0.32 1.17
C SER A 3 21.38 -0.52 2.49
N GLY A 4 22.08 -0.26 3.58
CA GLY A 4 21.49 -0.39 4.91
C GLY A 4 20.12 0.28 4.97
N SER A 5 19.12 -0.51 5.33
CA SER A 5 17.76 0.00 5.44
C SER A 5 17.05 -0.63 6.63
N SER A 6 17.00 -1.96 6.62
CA SER A 6 16.36 -2.69 7.70
C SER A 6 17.17 -2.54 8.99
N GLY A 7 16.45 -2.52 10.10
CA GLY A 7 17.09 -2.39 11.39
C GLY A 7 16.05 -2.31 12.51
N PRO A 8 16.45 -2.80 13.71
CA PRO A 8 15.57 -2.79 14.87
C PRO A 8 15.44 -1.38 15.45
N PHE A 9 14.20 -0.98 15.68
CA PHE A 9 13.93 0.34 16.23
C PHE A 9 12.46 0.47 16.63
N CYS A 10 12.24 1.23 17.69
CA CYS A 10 10.89 1.45 18.18
C CYS A 10 10.41 0.16 18.85
N ALA A 11 10.23 -0.86 18.03
CA ALA A 11 9.78 -2.15 18.53
C ALA A 11 8.36 -2.01 19.09
N MET A 12 7.44 -2.76 18.49
CA MET A 12 6.05 -2.73 18.91
C MET A 12 5.29 -3.95 18.39
N GLU A 13 4.11 -4.15 18.95
CA GLU A 13 3.28 -5.28 18.55
C GLU A 13 1.81 -4.98 18.87
N ASN A 14 1.04 -4.78 17.81
CA ASN A 14 -0.37 -4.50 17.95
C ASN A 14 -1.03 -4.46 16.57
N GLN A 15 -0.52 -3.57 15.74
CA GLN A 15 -1.04 -3.42 14.39
C GLN A 15 0.10 -3.20 13.40
N VAL A 16 -0.26 -3.21 12.12
CA VAL A 16 0.72 -3.01 11.07
C VAL A 16 0.02 -2.45 9.82
N LEU A 17 0.80 -2.33 8.76
CA LEU A 17 0.27 -1.81 7.50
C LEU A 17 -0.02 -2.98 6.55
N VAL A 18 -1.23 -2.96 6.00
CA VAL A 18 -1.63 -4.00 5.07
C VAL A 18 -2.04 -3.36 3.74
N ILE A 19 -1.24 -3.63 2.72
CA ILE A 19 -1.50 -3.08 1.40
C ILE A 19 -2.30 -4.11 0.58
N ARG A 20 -3.55 -3.75 0.32
CA ARG A 20 -4.42 -4.62 -0.45
C ARG A 20 -4.31 -4.32 -1.94
N ILE A 21 -3.58 -5.18 -2.63
CA ILE A 21 -3.38 -5.01 -4.07
C ILE A 21 -4.60 -5.55 -4.81
N LYS A 22 -5.24 -4.66 -5.56
CA LYS A 22 -6.42 -5.03 -6.33
C LYS A 22 -6.00 -5.96 -7.47
N ILE A 23 -6.26 -7.24 -7.26
CA ILE A 23 -5.93 -8.24 -8.26
C ILE A 23 -6.98 -8.22 -9.37
N PRO A 24 -6.49 -8.40 -10.63
CA PRO A 24 -7.38 -8.39 -11.79
C PRO A 24 -8.16 -9.70 -11.88
N ASN A 25 -9.46 -9.59 -11.66
CA ASN A 25 -10.33 -10.76 -11.72
C ASN A 25 -9.72 -11.88 -10.88
N SER A 26 -9.48 -11.57 -9.62
CA SER A 26 -8.91 -12.55 -8.71
C SER A 26 -8.83 -11.95 -7.30
N GLY A 27 -9.91 -11.29 -6.90
CA GLY A 27 -9.96 -10.67 -5.59
C GLY A 27 -8.82 -9.69 -5.39
N ALA A 28 -8.16 -9.83 -4.24
CA ALA A 28 -7.03 -8.96 -3.92
C ALA A 28 -6.10 -9.67 -2.94
N VAL A 29 -4.89 -9.15 -2.84
CA VAL A 29 -3.90 -9.73 -1.95
C VAL A 29 -3.38 -8.65 -1.00
N ASP A 30 -3.36 -8.99 0.28
CA ASP A 30 -2.89 -8.06 1.30
C ASP A 30 -1.42 -8.33 1.59
N TRP A 31 -0.59 -7.35 1.26
CA TRP A 31 0.84 -7.47 1.47
C TRP A 31 1.13 -7.03 2.91
N THR A 32 1.51 -8.00 3.72
CA THR A 32 1.83 -7.74 5.12
C THR A 32 3.02 -6.79 5.22
N VAL A 33 2.77 -5.60 5.74
CA VAL A 33 3.80 -4.60 5.90
C VAL A 33 3.86 -4.15 7.36
N HIS A 34 5.04 -4.28 7.96
CA HIS A 34 5.23 -3.89 9.33
C HIS A 34 6.04 -2.60 9.40
N SER A 35 6.83 -2.38 8.36
CA SER A 35 7.66 -1.19 8.28
C SER A 35 6.96 -0.12 7.43
N GLY A 36 5.79 0.29 7.90
CA GLY A 36 5.01 1.29 7.20
C GLY A 36 5.89 2.47 6.78
N PRO A 37 6.58 3.06 7.79
CA PRO A 37 7.46 4.20 7.54
C PRO A 37 8.75 3.74 6.89
N GLN A 38 9.09 2.48 7.12
CA GLN A 38 10.31 1.92 6.56
C GLN A 38 9.99 1.18 5.26
N LEU A 39 9.12 1.79 4.47
CA LEU A 39 8.73 1.22 3.19
C LEU A 39 9.15 2.16 2.06
N LEU A 40 9.62 1.57 0.98
CA LEU A 40 10.05 2.34 -0.18
C LEU A 40 9.18 1.99 -1.38
N PHE A 41 9.19 2.88 -2.35
CA PHE A 41 8.40 2.67 -3.56
C PHE A 41 8.79 1.36 -4.25
N ARG A 42 10.09 1.20 -4.46
CA ARG A 42 10.60 0.01 -5.11
C ARG A 42 10.06 -1.25 -4.43
N ASP A 43 10.23 -1.27 -3.11
CA ASP A 43 9.77 -2.41 -2.32
C ASP A 43 8.38 -2.84 -2.82
N VAL A 44 7.49 -1.86 -2.91
CA VAL A 44 6.14 -2.12 -3.37
C VAL A 44 6.19 -2.83 -4.72
N LEU A 45 7.03 -2.31 -5.59
CA LEU A 45 7.19 -2.88 -6.92
C LEU A 45 7.84 -4.25 -6.80
N ASP A 46 8.73 -4.37 -5.82
CA ASP A 46 9.44 -5.61 -5.60
C ASP A 46 8.46 -6.66 -5.06
N VAL A 47 7.42 -6.17 -4.40
CA VAL A 47 6.41 -7.03 -3.84
C VAL A 47 5.37 -7.37 -4.91
N ILE A 48 4.74 -6.32 -5.43
CA ILE A 48 3.73 -6.49 -6.45
C ILE A 48 4.25 -7.45 -7.52
N GLY A 49 5.52 -7.30 -7.84
CA GLY A 49 6.15 -8.14 -8.85
C GLY A 49 5.88 -9.63 -8.55
N GLN A 50 5.77 -9.93 -7.27
CA GLN A 50 5.52 -11.30 -6.85
C GLN A 50 4.03 -11.63 -6.98
N VAL A 51 3.21 -10.61 -6.78
CA VAL A 51 1.77 -10.78 -6.86
C VAL A 51 1.37 -10.88 -8.33
N LEU A 52 1.94 -10.00 -9.14
CA LEU A 52 1.64 -9.99 -10.56
C LEU A 52 2.94 -10.20 -11.35
N PRO A 53 3.39 -11.48 -11.39
CA PRO A 53 4.60 -11.82 -12.10
C PRO A 53 4.38 -11.81 -13.61
N GLU A 54 3.11 -11.92 -13.99
CA GLU A 54 2.75 -11.93 -15.40
C GLU A 54 2.33 -10.52 -15.84
N ALA A 55 2.24 -9.63 -14.87
CA ALA A 55 1.85 -8.26 -15.15
C ALA A 55 2.69 -7.31 -14.29
N THR A 56 3.92 -7.09 -14.74
CA THR A 56 4.82 -6.21 -14.02
C THR A 56 4.13 -4.88 -13.69
N THR A 57 4.77 -4.12 -12.81
CA THR A 57 4.22 -2.84 -12.40
C THR A 57 5.33 -1.96 -11.79
N THR A 58 5.32 -0.70 -12.19
CA THR A 58 6.29 0.25 -11.69
C THR A 58 5.66 1.22 -10.69
N ALA A 59 4.42 1.58 -10.98
CA ALA A 59 3.69 2.50 -10.12
C ALA A 59 2.34 1.86 -9.74
N PHE A 60 1.71 2.47 -8.74
CA PHE A 60 0.42 1.98 -8.28
C PHE A 60 -0.47 3.13 -7.82
N GLU A 61 -1.77 2.89 -7.86
CA GLU A 61 -2.74 3.89 -7.46
C GLU A 61 -3.39 3.51 -6.12
N TYR A 62 -3.87 4.51 -5.43
CA TYR A 62 -4.50 4.30 -4.13
C TYR A 62 -5.49 5.42 -3.82
N GLU A 63 -6.68 5.03 -3.40
CA GLU A 63 -7.71 5.99 -3.06
C GLU A 63 -7.33 6.75 -1.78
N ASP A 64 -7.18 8.06 -1.95
CA ASP A 64 -6.81 8.91 -0.83
C ASP A 64 -8.02 9.09 0.09
N GLU A 65 -8.04 10.22 0.78
CA GLU A 65 -9.12 10.53 1.69
C GLU A 65 -10.40 10.86 0.90
N ASP A 66 -10.19 11.46 -0.27
CA ASP A 66 -11.30 11.82 -1.12
C ASP A 66 -11.61 10.68 -2.08
N GLY A 67 -11.25 9.47 -1.66
CA GLY A 67 -11.48 8.28 -2.46
C GLY A 67 -10.98 8.49 -3.90
N ASP A 68 -10.05 9.43 -4.04
CA ASP A 68 -9.48 9.74 -5.34
C ASP A 68 -8.25 8.86 -5.58
N ARG A 69 -8.35 8.02 -6.59
CA ARG A 69 -7.26 7.13 -6.93
C ARG A 69 -5.99 7.93 -7.22
N ILE A 70 -5.11 7.98 -6.22
CA ILE A 70 -3.87 8.71 -6.36
C ILE A 70 -2.88 7.86 -7.15
N THR A 71 -1.72 8.46 -7.43
CA THR A 71 -0.69 7.77 -8.19
C THR A 71 0.67 7.98 -7.53
N VAL A 72 1.39 6.89 -7.35
CA VAL A 72 2.70 6.94 -6.74
C VAL A 72 3.76 6.52 -7.77
N ARG A 73 4.48 7.52 -8.26
CA ARG A 73 5.52 7.28 -9.25
C ARG A 73 6.90 7.62 -8.67
N SER A 74 6.92 7.76 -7.35
CA SER A 74 8.17 8.08 -6.67
C SER A 74 7.98 7.91 -5.15
N ASP A 75 9.11 7.81 -4.46
CA ASP A 75 9.09 7.64 -3.02
C ASP A 75 8.25 8.76 -2.40
N GLU A 76 8.50 9.98 -2.87
CA GLU A 76 7.77 11.14 -2.38
C GLU A 76 6.28 10.82 -2.26
N GLU A 77 5.71 10.41 -3.38
CA GLU A 77 4.29 10.08 -3.42
C GLU A 77 3.97 9.02 -2.35
N MET A 78 4.85 8.04 -2.24
CA MET A 78 4.67 6.97 -1.28
C MET A 78 4.48 7.53 0.13
N LYS A 79 5.53 8.19 0.62
CA LYS A 79 5.49 8.77 1.95
C LYS A 79 4.14 9.49 2.15
N ALA A 80 3.68 10.11 1.08
CA ALA A 80 2.41 10.83 1.12
C ALA A 80 1.28 9.83 1.31
N MET A 81 1.25 8.83 0.43
CA MET A 81 0.23 7.80 0.49
C MET A 81 0.14 7.19 1.89
N LEU A 82 1.31 7.01 2.49
CA LEU A 82 1.39 6.42 3.82
C LEU A 82 1.01 7.49 4.86
N SER A 83 1.47 8.71 4.61
CA SER A 83 1.19 9.82 5.50
C SER A 83 -0.33 10.03 5.62
N TYR A 84 -1.03 9.58 4.60
CA TYR A 84 -2.48 9.71 4.57
C TYR A 84 -3.15 8.54 5.29
N TYR A 85 -2.94 7.35 4.74
CA TYR A 85 -3.52 6.14 5.31
C TYR A 85 -3.48 6.19 6.84
N TYR A 86 -2.34 6.65 7.36
CA TYR A 86 -2.18 6.75 8.81
C TYR A 86 -3.02 7.89 9.37
N SER A 87 -3.01 9.02 8.66
CA SER A 87 -3.77 10.18 9.08
C SER A 87 -5.25 9.83 9.20
N THR A 88 -5.67 8.92 8.34
CA THR A 88 -7.06 8.49 8.32
C THR A 88 -7.25 7.26 9.21
N VAL A 89 -6.30 6.34 9.10
CA VAL A 89 -6.35 5.11 9.89
C VAL A 89 -6.49 5.47 11.36
N MET A 90 -5.56 6.29 11.83
CA MET A 90 -5.57 6.72 13.22
C MET A 90 -6.93 7.30 13.60
N GLU A 91 -7.59 7.89 12.61
CA GLU A 91 -8.89 8.50 12.82
C GLU A 91 -9.96 7.41 12.94
N GLN A 92 -9.70 6.29 12.28
CA GLN A 92 -10.64 5.17 12.30
C GLN A 92 -10.56 4.45 13.64
N GLN A 93 -9.40 4.54 14.26
CA GLN A 93 -9.18 3.89 15.55
C GLN A 93 -9.81 4.71 16.67
N VAL A 94 -9.52 6.01 16.65
CA VAL A 94 -10.05 6.91 17.65
C VAL A 94 -11.58 6.86 17.64
N ASN A 95 -12.11 6.53 16.47
CA ASN A 95 -13.55 6.44 16.31
C ASN A 95 -14.03 5.08 16.85
N GLY A 96 -13.52 4.03 16.24
CA GLY A 96 -13.89 2.68 16.65
C GLY A 96 -13.86 1.73 15.45
N GLN A 97 -14.52 2.13 14.39
CA GLN A 97 -14.59 1.32 13.18
C GLN A 97 -13.24 0.64 12.94
N LEU A 98 -13.30 -0.51 12.30
CA LEU A 98 -12.10 -1.27 11.99
C LEU A 98 -11.30 -0.54 10.92
N ILE A 99 -9.99 -0.74 10.95
CA ILE A 99 -9.11 -0.11 9.98
C ILE A 99 -9.21 -0.84 8.65
N GLU A 100 -9.11 -0.07 7.58
CA GLU A 100 -9.18 -0.63 6.24
C GLU A 100 -7.78 -0.81 5.65
N PRO A 101 -7.64 -1.84 4.78
CA PRO A 101 -6.37 -2.13 4.14
C PRO A 101 -6.06 -1.11 3.05
N LEU A 102 -4.80 -0.71 2.99
CA LEU A 102 -4.36 0.26 1.99
C LEU A 102 -4.61 -0.32 0.59
N GLN A 103 -5.84 -0.16 0.13
CA GLN A 103 -6.22 -0.65 -1.18
C GLN A 103 -5.45 0.10 -2.27
N ILE A 104 -4.64 -0.65 -3.00
CA ILE A 104 -3.85 -0.06 -4.07
C ILE A 104 -4.10 -0.84 -5.36
N PHE A 105 -3.50 -0.35 -6.44
CA PHE A 105 -3.64 -0.99 -7.74
C PHE A 105 -2.34 -0.93 -8.53
N PRO A 106 -1.89 -2.12 -9.02
CA PRO A 106 -0.67 -2.20 -9.78
C PRO A 106 -0.88 -1.68 -11.21
N ARG A 107 -0.22 -0.56 -11.48
CA ARG A 107 -0.32 0.06 -12.80
C ARG A 107 0.69 -0.57 -13.76
N SER A 108 0.18 -1.42 -14.64
CA SER A 108 1.02 -2.09 -15.61
C SER A 108 1.30 -1.16 -16.79
N GLY A 109 2.50 -1.26 -17.32
CA GLY A 109 2.91 -0.44 -18.44
C GLY A 109 4.27 -0.88 -18.98
N PRO A 110 4.30 -1.17 -20.32
CA PRO A 110 5.52 -1.61 -20.96
C PRO A 110 6.49 -0.43 -21.16
N SER A 111 7.66 -0.75 -21.69
CA SER A 111 8.66 0.27 -21.95
C SER A 111 9.35 0.66 -20.63
N SER A 112 8.54 1.15 -19.70
CA SER A 112 9.06 1.55 -18.40
C SER A 112 7.91 1.76 -17.42
N GLY A 113 7.01 2.66 -17.79
CA GLY A 113 5.86 2.95 -16.95
C GLY A 113 4.62 3.23 -17.80
N GLY A 1 -23.93 15.15 26.77
CA GLY A 1 -22.72 14.48 27.22
C GLY A 1 -21.53 14.84 26.33
N SER A 2 -20.40 15.11 26.98
CA SER A 2 -19.19 15.47 26.26
C SER A 2 -19.42 16.76 25.46
N SER A 3 -18.76 17.82 25.93
CA SER A 3 -18.88 19.11 25.27
C SER A 3 -18.31 19.04 23.86
N GLY A 4 -17.03 18.68 23.79
CA GLY A 4 -16.35 18.57 22.51
C GLY A 4 -15.00 19.28 22.55
N SER A 5 -13.96 18.50 22.26
CA SER A 5 -12.61 19.04 22.25
C SER A 5 -11.65 18.03 21.61
N SER A 6 -11.05 18.46 20.51
CA SER A 6 -10.12 17.60 19.80
C SER A 6 -8.98 17.18 20.73
N GLY A 7 -8.22 16.19 20.28
CA GLY A 7 -7.11 15.68 21.05
C GLY A 7 -6.05 15.05 20.14
N PRO A 8 -5.01 15.85 19.81
CA PRO A 8 -3.94 15.37 18.96
C PRO A 8 -3.01 14.43 19.72
N PHE A 9 -3.10 13.16 19.39
CA PHE A 9 -2.28 12.15 20.03
C PHE A 9 -1.58 11.26 18.99
N CYS A 10 -0.48 10.66 19.42
CA CYS A 10 0.28 9.78 18.54
C CYS A 10 1.14 8.87 19.42
N ALA A 11 0.47 7.98 20.14
CA ALA A 11 1.16 7.05 21.01
C ALA A 11 0.93 5.63 20.50
N MET A 12 1.60 4.68 21.17
CA MET A 12 1.47 3.29 20.79
C MET A 12 1.95 3.06 19.36
N GLU A 13 2.45 1.86 19.11
CA GLU A 13 2.93 1.50 17.79
C GLU A 13 1.77 1.10 16.88
N ASN A 14 1.47 1.99 15.94
CA ASN A 14 0.38 1.75 15.00
C ASN A 14 0.56 0.37 14.37
N GLN A 15 -0.49 -0.44 14.49
CA GLN A 15 -0.46 -1.79 13.94
C GLN A 15 0.25 -1.78 12.58
N VAL A 16 0.82 -2.92 12.25
CA VAL A 16 1.52 -3.08 10.99
C VAL A 16 0.62 -2.58 9.85
N LEU A 17 1.27 -2.25 8.74
CA LEU A 17 0.54 -1.77 7.58
C LEU A 17 0.15 -2.95 6.69
N VAL A 18 -0.98 -2.81 6.03
CA VAL A 18 -1.47 -3.86 5.15
C VAL A 18 -1.87 -3.24 3.80
N ILE A 19 -1.15 -3.63 2.77
CA ILE A 19 -1.41 -3.14 1.43
C ILE A 19 -2.27 -4.15 0.67
N ARG A 20 -3.41 -3.67 0.21
CA ARG A 20 -4.34 -4.52 -0.53
C ARG A 20 -4.20 -4.27 -2.04
N ILE A 21 -3.61 -5.24 -2.72
CA ILE A 21 -3.41 -5.14 -4.15
C ILE A 21 -4.65 -5.66 -4.87
N LYS A 22 -5.42 -4.73 -5.42
CA LYS A 22 -6.64 -5.08 -6.14
C LYS A 22 -6.27 -5.86 -7.40
N ILE A 23 -6.28 -7.18 -7.26
CA ILE A 23 -5.95 -8.05 -8.38
C ILE A 23 -6.94 -7.79 -9.52
N PRO A 24 -6.40 -7.86 -10.76
CA PRO A 24 -7.22 -7.64 -11.94
C PRO A 24 -8.10 -8.85 -12.24
N ASN A 25 -9.38 -8.70 -11.93
CA ASN A 25 -10.33 -9.78 -12.15
C ASN A 25 -9.84 -11.05 -11.45
N SER A 26 -9.93 -11.02 -10.13
CA SER A 26 -9.50 -12.16 -9.33
C SER A 26 -9.88 -11.95 -7.87
N GLY A 27 -9.36 -10.87 -7.30
CA GLY A 27 -9.65 -10.56 -5.91
C GLY A 27 -8.75 -9.41 -5.41
N ALA A 28 -7.97 -9.73 -4.39
CA ALA A 28 -7.06 -8.75 -3.81
C ALA A 28 -6.22 -9.42 -2.74
N VAL A 29 -4.91 -9.20 -2.84
CA VAL A 29 -3.97 -9.77 -1.89
C VAL A 29 -3.61 -8.72 -0.83
N ASP A 30 -3.24 -9.21 0.34
CA ASP A 30 -2.87 -8.32 1.44
C ASP A 30 -1.38 -8.49 1.73
N TRP A 31 -0.62 -7.47 1.38
CA TRP A 31 0.81 -7.48 1.61
C TRP A 31 1.07 -7.00 3.04
N THR A 32 1.42 -7.95 3.89
CA THR A 32 1.71 -7.64 5.28
C THR A 32 2.99 -6.81 5.40
N VAL A 33 2.80 -5.54 5.73
CA VAL A 33 3.91 -4.63 5.88
C VAL A 33 4.06 -4.24 7.35
N HIS A 34 5.24 -4.50 7.89
CA HIS A 34 5.52 -4.19 9.28
C HIS A 34 6.18 -2.81 9.37
N SER A 35 7.09 -2.56 8.45
CA SER A 35 7.80 -1.29 8.42
C SER A 35 6.95 -0.25 7.68
N GLY A 36 5.76 -0.02 8.20
CA GLY A 36 4.85 0.95 7.62
C GLY A 36 5.62 2.15 7.06
N PRO A 37 6.33 2.85 7.99
CA PRO A 37 7.11 4.02 7.61
C PRO A 37 8.39 3.61 6.87
N GLN A 38 8.95 2.49 7.30
CA GLN A 38 10.17 1.99 6.70
C GLN A 38 9.84 1.22 5.40
N LEU A 39 9.09 1.89 4.55
CA LEU A 39 8.69 1.29 3.28
C LEU A 39 9.10 2.22 2.13
N LEU A 40 9.62 1.62 1.08
CA LEU A 40 10.05 2.38 -0.08
C LEU A 40 9.18 2.02 -1.28
N PHE A 41 9.20 2.90 -2.28
CA PHE A 41 8.42 2.68 -3.47
C PHE A 41 8.81 1.38 -4.17
N ARG A 42 10.12 1.20 -4.33
CA ARG A 42 10.64 0.01 -4.98
C ARG A 42 10.10 -1.24 -4.28
N ASP A 43 10.24 -1.26 -2.97
CA ASP A 43 9.78 -2.38 -2.18
C ASP A 43 8.41 -2.83 -2.69
N VAL A 44 7.51 -1.87 -2.82
CA VAL A 44 6.17 -2.14 -3.29
C VAL A 44 6.25 -2.87 -4.63
N LEU A 45 7.07 -2.32 -5.52
CA LEU A 45 7.25 -2.90 -6.84
C LEU A 45 7.93 -4.26 -6.71
N ASP A 46 8.78 -4.37 -5.70
CA ASP A 46 9.49 -5.62 -5.46
C ASP A 46 8.50 -6.68 -4.97
N VAL A 47 7.44 -6.21 -4.35
CA VAL A 47 6.41 -7.11 -3.84
C VAL A 47 5.39 -7.38 -4.94
N ILE A 48 4.77 -6.31 -5.42
CA ILE A 48 3.78 -6.42 -6.47
C ILE A 48 4.28 -7.39 -7.55
N GLY A 49 5.55 -7.24 -7.87
CA GLY A 49 6.17 -8.09 -8.88
C GLY A 49 5.87 -9.57 -8.61
N GLN A 50 5.80 -9.90 -7.33
CA GLN A 50 5.51 -11.27 -6.93
C GLN A 50 4.02 -11.57 -7.10
N VAL A 51 3.22 -10.54 -6.91
CA VAL A 51 1.77 -10.68 -7.04
C VAL A 51 1.40 -10.76 -8.52
N LEU A 52 2.05 -9.90 -9.30
CA LEU A 52 1.79 -9.85 -10.73
C LEU A 52 3.10 -10.11 -11.49
N PRO A 53 3.47 -11.42 -11.54
CA PRO A 53 4.68 -11.82 -12.23
C PRO A 53 4.50 -11.76 -13.75
N GLU A 54 3.25 -11.80 -14.16
CA GLU A 54 2.92 -11.77 -15.57
C GLU A 54 2.42 -10.37 -15.97
N ALA A 55 2.43 -9.48 -14.99
CA ALA A 55 1.98 -8.12 -15.21
C ALA A 55 2.84 -7.16 -14.40
N THR A 56 4.09 -7.03 -14.81
CA THR A 56 5.02 -6.15 -14.13
C THR A 56 4.35 -4.81 -13.80
N THR A 57 4.81 -4.21 -12.72
CA THR A 57 4.28 -2.93 -12.28
C THR A 57 5.38 -2.05 -11.71
N THR A 58 5.32 -0.77 -12.06
CA THR A 58 6.31 0.19 -11.59
C THR A 58 5.67 1.18 -10.62
N ALA A 59 4.41 1.51 -10.90
CA ALA A 59 3.69 2.44 -10.06
C ALA A 59 2.35 1.82 -9.65
N PHE A 60 1.66 2.50 -8.74
CA PHE A 60 0.37 2.03 -8.27
C PHE A 60 -0.47 3.19 -7.75
N GLU A 61 -1.78 3.04 -7.91
CA GLU A 61 -2.72 4.06 -7.46
C GLU A 61 -3.35 3.65 -6.14
N TYR A 62 -3.73 4.65 -5.37
CA TYR A 62 -4.36 4.42 -4.07
C TYR A 62 -5.39 5.49 -3.75
N GLU A 63 -6.58 5.03 -3.40
CA GLU A 63 -7.67 5.94 -3.08
C GLU A 63 -7.26 6.87 -1.92
N ASP A 64 -7.40 8.16 -2.17
CA ASP A 64 -7.05 9.15 -1.18
C ASP A 64 -8.27 9.44 -0.29
N GLU A 65 -8.09 10.39 0.61
CA GLU A 65 -9.17 10.77 1.51
C GLU A 65 -10.39 11.25 0.71
N ASP A 66 -10.12 11.76 -0.48
CA ASP A 66 -11.18 12.24 -1.35
C ASP A 66 -11.50 11.18 -2.40
N GLY A 67 -11.05 9.96 -2.13
CA GLY A 67 -11.28 8.85 -3.04
C GLY A 67 -11.18 9.31 -4.50
N ASP A 68 -10.00 9.84 -4.83
CA ASP A 68 -9.76 10.31 -6.19
C ASP A 68 -8.70 9.44 -6.84
N ARG A 69 -8.27 8.43 -6.11
CA ARG A 69 -7.25 7.51 -6.61
C ARG A 69 -5.99 8.28 -7.01
N ILE A 70 -4.98 8.17 -6.16
CA ILE A 70 -3.72 8.85 -6.41
C ILE A 70 -2.81 7.95 -7.25
N THR A 71 -1.63 8.46 -7.56
CA THR A 71 -0.67 7.72 -8.35
C THR A 71 0.73 7.87 -7.76
N VAL A 72 1.25 6.76 -7.26
CA VAL A 72 2.58 6.75 -6.67
C VAL A 72 3.60 6.34 -7.74
N ARG A 73 4.40 7.32 -8.15
CA ARG A 73 5.42 7.09 -9.16
C ARG A 73 6.81 7.15 -8.53
N SER A 74 6.89 7.87 -7.42
CA SER A 74 8.16 8.01 -6.71
C SER A 74 7.93 7.90 -5.20
N ASP A 75 9.03 7.78 -4.48
CA ASP A 75 8.97 7.66 -3.04
C ASP A 75 8.16 8.83 -2.46
N GLU A 76 8.34 9.99 -3.07
CA GLU A 76 7.64 11.18 -2.63
C GLU A 76 6.14 10.89 -2.47
N GLU A 77 5.55 10.38 -3.53
CA GLU A 77 4.14 10.05 -3.51
C GLU A 77 3.86 8.98 -2.46
N MET A 78 4.77 8.03 -2.37
CA MET A 78 4.64 6.95 -1.40
C MET A 78 4.43 7.49 0.01
N LYS A 79 5.48 8.10 0.53
CA LYS A 79 5.43 8.66 1.87
C LYS A 79 4.08 9.36 2.08
N ALA A 80 3.67 10.08 1.05
CA ALA A 80 2.40 10.79 1.11
C ALA A 80 1.26 9.79 1.33
N MET A 81 1.19 8.82 0.44
CA MET A 81 0.15 7.80 0.53
C MET A 81 0.10 7.20 1.93
N LEU A 82 1.28 6.98 2.49
CA LEU A 82 1.38 6.42 3.83
C LEU A 82 0.98 7.47 4.86
N SER A 83 1.54 8.66 4.67
CA SER A 83 1.26 9.77 5.57
C SER A 83 -0.25 9.95 5.72
N TYR A 84 -0.97 9.64 4.65
CA TYR A 84 -2.41 9.75 4.66
C TYR A 84 -3.07 8.55 5.34
N TYR A 85 -2.89 7.39 4.71
CA TYR A 85 -3.45 6.16 5.24
C TYR A 85 -3.41 6.15 6.78
N TYR A 86 -2.26 6.57 7.30
CA TYR A 86 -2.08 6.61 8.74
C TYR A 86 -2.87 7.76 9.36
N SER A 87 -2.80 8.91 8.69
CA SER A 87 -3.51 10.09 9.17
C SER A 87 -5.00 9.79 9.29
N THR A 88 -5.46 8.89 8.44
CA THR A 88 -6.87 8.50 8.45
C THR A 88 -7.08 7.23 9.28
N VAL A 89 -6.21 6.26 9.04
CA VAL A 89 -6.29 5.00 9.76
C VAL A 89 -6.42 5.27 11.26
N MET A 90 -5.54 6.14 11.75
CA MET A 90 -5.56 6.49 13.16
C MET A 90 -6.91 7.08 13.57
N GLU A 91 -7.54 7.75 12.62
CA GLU A 91 -8.84 8.35 12.86
C GLU A 91 -9.92 7.28 12.91
N GLN A 92 -9.66 6.17 12.23
CA GLN A 92 -10.59 5.07 12.19
C GLN A 92 -10.60 4.33 13.54
N GLN A 93 -9.48 4.43 14.24
CA GLN A 93 -9.34 3.79 15.52
C GLN A 93 -10.01 4.63 16.62
N VAL A 94 -9.71 5.93 16.59
CA VAL A 94 -10.26 6.84 17.56
C VAL A 94 -11.79 6.82 17.47
N ASN A 95 -12.27 6.58 16.25
CA ASN A 95 -13.70 6.53 16.02
C ASN A 95 -14.27 5.24 16.61
N GLY A 96 -13.86 4.12 16.03
CA GLY A 96 -14.32 2.83 16.48
C GLY A 96 -14.21 1.77 15.38
N GLN A 97 -14.83 2.08 14.25
CA GLN A 97 -14.79 1.18 13.12
C GLN A 97 -13.40 0.56 12.96
N LEU A 98 -13.35 -0.55 12.25
CA LEU A 98 -12.10 -1.25 12.02
C LEU A 98 -11.29 -0.47 10.97
N ILE A 99 -10.03 -0.86 10.86
CA ILE A 99 -9.13 -0.22 9.91
C ILE A 99 -9.24 -0.94 8.56
N GLU A 100 -9.02 -0.17 7.50
CA GLU A 100 -9.09 -0.72 6.15
C GLU A 100 -7.69 -0.82 5.56
N PRO A 101 -7.51 -1.83 4.66
CA PRO A 101 -6.23 -2.06 4.02
C PRO A 101 -5.97 -1.01 2.93
N LEU A 102 -4.72 -0.58 2.85
CA LEU A 102 -4.34 0.42 1.87
C LEU A 102 -4.71 -0.08 0.47
N GLN A 103 -5.94 0.23 0.07
CA GLN A 103 -6.43 -0.18 -1.23
C GLN A 103 -5.59 0.45 -2.33
N ILE A 104 -4.78 -0.38 -2.97
CA ILE A 104 -3.92 0.08 -4.05
C ILE A 104 -4.19 -0.75 -5.31
N PHE A 105 -3.62 -0.29 -6.41
CA PHE A 105 -3.80 -0.98 -7.67
C PHE A 105 -2.48 -1.01 -8.47
N PRO A 106 -2.11 -2.23 -8.91
CA PRO A 106 -0.88 -2.41 -9.68
C PRO A 106 -1.05 -1.91 -11.10
N ARG A 107 -0.37 -0.81 -11.40
CA ARG A 107 -0.43 -0.22 -12.73
C ARG A 107 0.52 -0.94 -13.68
N SER A 108 0.02 -2.00 -14.28
CA SER A 108 0.82 -2.78 -15.21
C SER A 108 1.04 -2.00 -16.50
N GLY A 109 2.24 -2.12 -17.03
CA GLY A 109 2.60 -1.42 -18.26
C GLY A 109 4.11 -1.37 -18.45
N PRO A 110 4.53 -1.43 -19.74
CA PRO A 110 5.94 -1.39 -20.07
C PRO A 110 6.51 0.02 -19.91
N SER A 111 6.02 0.92 -20.75
CA SER A 111 6.46 2.30 -20.71
C SER A 111 5.26 3.23 -20.84
N SER A 112 5.32 4.33 -20.08
CA SER A 112 4.24 5.31 -20.09
C SER A 112 4.82 6.72 -20.22
N GLY A 113 4.03 7.60 -20.80
CA GLY A 113 4.45 8.98 -20.99
C GLY A 113 3.39 9.78 -21.75
N GLY A 1 -23.86 12.60 5.97
CA GLY A 1 -23.74 13.77 6.82
C GLY A 1 -22.31 13.92 7.35
N SER A 2 -21.68 15.02 6.97
CA SER A 2 -20.32 15.28 7.39
C SER A 2 -20.33 16.14 8.67
N SER A 3 -19.18 16.17 9.33
CA SER A 3 -19.05 16.92 10.56
C SER A 3 -17.57 17.19 10.85
N GLY A 4 -17.20 18.46 10.77
CA GLY A 4 -15.83 18.86 11.03
C GLY A 4 -15.47 18.69 12.50
N SER A 5 -14.28 18.15 12.73
CA SER A 5 -13.80 17.93 14.09
C SER A 5 -12.95 19.12 14.54
N SER A 6 -12.68 19.15 15.84
CA SER A 6 -11.87 20.22 16.41
C SER A 6 -10.72 19.63 17.21
N GLY A 7 -9.59 20.33 17.17
CA GLY A 7 -8.41 19.89 17.88
C GLY A 7 -7.43 19.18 16.94
N PRO A 8 -6.41 19.95 16.48
CA PRO A 8 -5.41 19.42 15.57
C PRO A 8 -4.42 18.52 16.32
N PHE A 9 -3.69 17.72 15.55
CA PHE A 9 -2.72 16.81 16.12
C PHE A 9 -1.57 16.55 15.14
N CYS A 10 -0.40 16.30 15.71
CA CYS A 10 0.77 16.03 14.90
C CYS A 10 0.71 14.58 14.41
N ALA A 11 1.36 14.34 13.29
CA ALA A 11 1.38 13.01 12.70
C ALA A 11 2.08 12.05 13.66
N MET A 12 1.64 10.80 13.63
CA MET A 12 2.21 9.78 14.49
C MET A 12 2.20 8.41 13.80
N GLU A 13 3.36 7.76 13.82
CA GLU A 13 3.50 6.47 13.20
C GLU A 13 3.31 5.36 14.24
N ASN A 14 2.62 4.31 13.83
CA ASN A 14 2.36 3.19 14.71
C ASN A 14 1.49 2.16 13.98
N GLN A 15 1.32 1.01 14.62
CA GLN A 15 0.52 -0.06 14.05
C GLN A 15 1.15 -0.54 12.74
N VAL A 16 0.98 -1.84 12.49
CA VAL A 16 1.52 -2.44 11.28
C VAL A 16 0.86 -1.81 10.06
N LEU A 17 1.26 -2.29 8.89
CA LEU A 17 0.71 -1.79 7.64
C LEU A 17 0.46 -2.96 6.69
N VAL A 18 -0.78 -3.04 6.23
CA VAL A 18 -1.16 -4.10 5.31
C VAL A 18 -1.60 -3.49 3.98
N ILE A 19 -0.85 -3.81 2.94
CA ILE A 19 -1.16 -3.30 1.61
C ILE A 19 -2.03 -4.31 0.87
N ARG A 20 -3.18 -3.83 0.42
CA ARG A 20 -4.11 -4.68 -0.30
C ARG A 20 -3.99 -4.43 -1.81
N ILE A 21 -3.31 -5.34 -2.49
CA ILE A 21 -3.13 -5.23 -3.92
C ILE A 21 -4.42 -5.62 -4.63
N LYS A 22 -5.00 -4.66 -5.33
CA LYS A 22 -6.22 -4.89 -6.06
C LYS A 22 -5.93 -5.77 -7.28
N ILE A 23 -6.40 -7.02 -7.19
CA ILE A 23 -6.19 -7.95 -8.28
C ILE A 23 -7.25 -7.72 -9.35
N PRO A 24 -6.79 -7.84 -10.63
CA PRO A 24 -7.68 -7.65 -11.76
C PRO A 24 -8.62 -8.83 -11.95
N ASN A 25 -9.89 -8.52 -12.22
CA ASN A 25 -10.89 -9.55 -12.41
C ASN A 25 -10.80 -10.56 -11.27
N SER A 26 -10.30 -10.08 -10.14
CA SER A 26 -10.16 -10.93 -8.96
C SER A 26 -10.29 -10.09 -7.70
N GLY A 27 -10.19 -10.77 -6.56
CA GLY A 27 -10.31 -10.10 -5.28
C GLY A 27 -9.10 -9.19 -5.02
N ALA A 28 -8.27 -9.60 -4.07
CA ALA A 28 -7.09 -8.83 -3.73
C ALA A 28 -6.27 -9.61 -2.71
N VAL A 29 -4.97 -9.32 -2.68
CA VAL A 29 -4.07 -9.99 -1.76
C VAL A 29 -3.43 -8.95 -0.84
N ASP A 30 -3.30 -9.32 0.42
CA ASP A 30 -2.70 -8.43 1.40
C ASP A 30 -1.20 -8.73 1.52
N TRP A 31 -0.42 -7.66 1.58
CA TRP A 31 1.02 -7.79 1.69
C TRP A 31 1.45 -7.26 3.06
N THR A 32 2.15 -8.11 3.80
CA THR A 32 2.62 -7.75 5.12
C THR A 32 3.79 -6.78 5.02
N VAL A 33 3.64 -5.64 5.68
CA VAL A 33 4.68 -4.62 5.68
C VAL A 33 5.13 -4.37 7.11
N HIS A 34 4.23 -3.82 7.90
CA HIS A 34 4.52 -3.51 9.29
C HIS A 34 5.38 -2.25 9.36
N SER A 35 6.48 -2.28 8.63
CA SER A 35 7.40 -1.15 8.61
C SER A 35 6.87 -0.07 7.66
N GLY A 36 5.68 0.41 7.98
CA GLY A 36 5.06 1.45 7.17
C GLY A 36 6.04 2.58 6.87
N PRO A 37 6.73 3.04 7.94
CA PRO A 37 7.71 4.11 7.80
C PRO A 37 8.99 3.60 7.14
N GLN A 38 9.27 2.33 7.38
CA GLN A 38 10.45 1.71 6.82
C GLN A 38 10.11 0.98 5.52
N LEU A 39 9.35 1.66 4.67
CA LEU A 39 8.95 1.10 3.40
C LEU A 39 9.44 1.99 2.27
N LEU A 40 9.66 1.37 1.11
CA LEU A 40 10.13 2.10 -0.05
C LEU A 40 9.21 1.80 -1.24
N PHE A 41 9.23 2.72 -2.21
CA PHE A 41 8.40 2.56 -3.40
C PHE A 41 8.75 1.27 -4.13
N ARG A 42 10.04 1.03 -4.27
CA ARG A 42 10.51 -0.16 -4.95
C ARG A 42 9.92 -1.42 -4.30
N ASP A 43 10.19 -1.55 -3.00
CA ASP A 43 9.70 -2.69 -2.26
C ASP A 43 8.31 -3.07 -2.76
N VAL A 44 7.46 -2.06 -2.85
CA VAL A 44 6.09 -2.27 -3.30
C VAL A 44 6.12 -2.95 -4.67
N LEU A 45 6.87 -2.34 -5.58
CA LEU A 45 6.99 -2.87 -6.94
C LEU A 45 7.61 -4.28 -6.87
N ASP A 46 8.54 -4.43 -5.93
CA ASP A 46 9.22 -5.70 -5.75
C ASP A 46 8.22 -6.74 -5.23
N VAL A 47 7.16 -6.24 -4.62
CA VAL A 47 6.14 -7.10 -4.06
C VAL A 47 5.06 -7.35 -5.12
N ILE A 48 4.43 -6.26 -5.54
CA ILE A 48 3.39 -6.33 -6.55
C ILE A 48 3.80 -7.34 -7.62
N GLY A 49 5.03 -7.21 -8.08
CA GLY A 49 5.55 -8.10 -9.10
C GLY A 49 5.18 -9.55 -8.79
N GLN A 50 5.29 -9.90 -7.51
CA GLN A 50 4.97 -11.26 -7.08
C GLN A 50 3.47 -11.53 -7.22
N VAL A 51 2.69 -10.47 -7.02
CA VAL A 51 1.25 -10.57 -7.12
C VAL A 51 0.84 -10.58 -8.59
N LEU A 52 1.54 -9.77 -9.37
CA LEU A 52 1.26 -9.67 -10.80
C LEU A 52 2.52 -10.02 -11.58
N PRO A 53 2.80 -11.35 -11.65
CA PRO A 53 3.97 -11.83 -12.38
C PRO A 53 3.76 -11.76 -13.89
N GLU A 54 2.50 -11.70 -14.28
CA GLU A 54 2.15 -11.62 -15.69
C GLU A 54 1.73 -10.19 -16.05
N ALA A 55 1.77 -9.32 -15.05
CA ALA A 55 1.40 -7.94 -15.24
C ALA A 55 2.27 -7.05 -14.35
N THR A 56 3.53 -6.93 -14.74
CA THR A 56 4.46 -6.12 -13.99
C THR A 56 3.85 -4.74 -13.69
N THR A 57 4.46 -4.06 -12.71
CA THR A 57 3.99 -2.74 -12.32
C THR A 57 5.14 -1.94 -11.72
N THR A 58 5.18 -0.67 -12.10
CA THR A 58 6.22 0.23 -11.62
C THR A 58 5.63 1.22 -10.60
N ALA A 59 4.40 1.63 -10.88
CA ALA A 59 3.73 2.58 -10.01
C ALA A 59 2.36 2.01 -9.61
N PHE A 60 1.75 2.65 -8.63
CA PHE A 60 0.44 2.23 -8.14
C PHE A 60 -0.38 3.41 -7.65
N GLU A 61 -1.66 3.16 -7.44
CA GLU A 61 -2.56 4.20 -6.97
C GLU A 61 -3.19 3.79 -5.64
N TYR A 62 -3.48 4.79 -4.83
CA TYR A 62 -4.09 4.56 -3.53
C TYR A 62 -5.24 5.54 -3.26
N GLU A 63 -6.38 4.98 -2.93
CA GLU A 63 -7.56 5.80 -2.65
C GLU A 63 -7.27 6.75 -1.49
N ASP A 64 -7.69 8.00 -1.68
CA ASP A 64 -7.48 9.02 -0.68
C ASP A 64 -8.81 9.30 0.04
N GLU A 65 -8.92 10.51 0.56
CA GLU A 65 -10.13 10.92 1.27
C GLU A 65 -11.32 10.91 0.32
N ASP A 66 -11.15 11.59 -0.80
CA ASP A 66 -12.21 11.67 -1.81
C ASP A 66 -12.03 10.53 -2.81
N GLY A 67 -11.38 9.48 -2.36
CA GLY A 67 -11.14 8.32 -3.22
C GLY A 67 -10.78 8.76 -4.64
N ASP A 68 -10.01 9.84 -4.71
CA ASP A 68 -9.58 10.37 -5.99
C ASP A 68 -8.49 9.47 -6.58
N ARG A 69 -8.11 8.47 -5.79
CA ARG A 69 -7.08 7.54 -6.21
C ARG A 69 -5.83 8.30 -6.66
N ILE A 70 -4.83 8.31 -5.79
CA ILE A 70 -3.58 8.98 -6.09
C ILE A 70 -2.69 8.07 -6.93
N THR A 71 -1.54 8.61 -7.31
CA THR A 71 -0.59 7.85 -8.11
C THR A 71 0.82 7.97 -7.54
N VAL A 72 1.38 6.84 -7.17
CA VAL A 72 2.71 6.81 -6.60
C VAL A 72 3.70 6.30 -7.66
N ARG A 73 4.55 7.21 -8.11
CA ARG A 73 5.54 6.87 -9.12
C ARG A 73 6.95 7.10 -8.57
N SER A 74 7.00 7.60 -7.35
CA SER A 74 8.28 7.86 -6.70
C SER A 74 8.10 7.86 -5.18
N ASP A 75 9.19 7.58 -4.49
CA ASP A 75 9.18 7.54 -3.04
C ASP A 75 8.43 8.76 -2.51
N GLU A 76 8.69 9.90 -3.13
CA GLU A 76 8.04 11.13 -2.73
C GLU A 76 6.54 10.91 -2.54
N GLU A 77 5.92 10.36 -3.57
CA GLU A 77 4.50 10.09 -3.53
C GLU A 77 4.17 9.10 -2.41
N MET A 78 4.98 8.05 -2.35
CA MET A 78 4.79 7.03 -1.33
C MET A 78 4.56 7.66 0.04
N LYS A 79 5.56 8.37 0.51
CA LYS A 79 5.48 9.04 1.80
C LYS A 79 4.13 9.75 1.92
N ALA A 80 3.58 10.11 0.77
CA ALA A 80 2.31 10.80 0.73
C ALA A 80 1.19 9.80 1.02
N MET A 81 1.17 8.73 0.24
CA MET A 81 0.17 7.70 0.41
C MET A 81 0.11 7.22 1.86
N LEU A 82 1.29 7.08 2.46
CA LEU A 82 1.39 6.64 3.83
C LEU A 82 0.93 7.75 4.77
N SER A 83 1.19 8.99 4.33
CA SER A 83 0.81 10.15 5.12
C SER A 83 -0.71 10.21 5.26
N TYR A 84 -1.39 9.57 4.32
CA TYR A 84 -2.84 9.55 4.34
C TYR A 84 -3.36 8.36 5.16
N TYR A 85 -2.77 7.20 4.89
CA TYR A 85 -3.17 5.99 5.59
C TYR A 85 -3.12 6.19 7.11
N TYR A 86 -2.04 6.82 7.55
CA TYR A 86 -1.87 7.07 8.98
C TYR A 86 -2.81 8.19 9.45
N SER A 87 -3.09 9.11 8.54
CA SER A 87 -3.97 10.22 8.85
C SER A 87 -5.43 9.74 8.89
N THR A 88 -5.68 8.68 8.15
CA THR A 88 -7.02 8.13 8.08
C THR A 88 -7.16 6.96 9.08
N VAL A 89 -6.14 6.11 9.08
CA VAL A 89 -6.13 4.96 9.97
C VAL A 89 -6.44 5.42 11.40
N MET A 90 -5.64 6.36 11.87
CA MET A 90 -5.82 6.90 13.21
C MET A 90 -7.25 7.36 13.43
N GLU A 91 -7.88 7.77 12.33
CA GLU A 91 -9.25 8.24 12.39
C GLU A 91 -10.23 7.06 12.46
N GLN A 92 -9.77 5.94 11.93
CA GLN A 92 -10.59 4.74 11.92
C GLN A 92 -10.61 4.12 13.31
N GLN A 93 -9.60 4.43 14.09
CA GLN A 93 -9.51 3.92 15.45
C GLN A 93 -10.32 4.77 16.41
N VAL A 94 -10.13 6.08 16.30
CA VAL A 94 -10.83 7.02 17.15
C VAL A 94 -12.34 6.85 16.95
N ASN A 95 -12.70 6.42 15.75
CA ASN A 95 -14.10 6.21 15.41
C ASN A 95 -14.59 4.93 16.08
N GLY A 96 -13.98 3.82 15.67
CA GLY A 96 -14.35 2.52 16.21
C GLY A 96 -14.01 1.40 15.22
N GLN A 97 -14.63 1.48 14.06
CA GLN A 97 -14.41 0.49 13.03
C GLN A 97 -12.93 0.07 12.99
N LEU A 98 -12.71 -1.15 12.54
CA LEU A 98 -11.35 -1.67 12.45
C LEU A 98 -10.61 -0.96 11.31
N ILE A 99 -9.29 -1.02 11.37
CA ILE A 99 -8.46 -0.40 10.36
C ILE A 99 -8.62 -1.16 9.04
N GLU A 100 -8.44 -0.43 7.95
CA GLU A 100 -8.56 -1.01 6.63
C GLU A 100 -7.18 -1.11 5.96
N PRO A 101 -7.06 -2.10 5.04
CA PRO A 101 -5.81 -2.32 4.33
C PRO A 101 -5.59 -1.24 3.26
N LEU A 102 -4.34 -0.80 3.15
CA LEU A 102 -3.99 0.21 2.18
C LEU A 102 -4.43 -0.25 0.78
N GLN A 103 -5.67 0.10 0.45
CA GLN A 103 -6.21 -0.27 -0.85
C GLN A 103 -5.43 0.41 -1.98
N ILE A 104 -4.53 -0.36 -2.58
CA ILE A 104 -3.71 0.16 -3.66
C ILE A 104 -4.09 -0.56 -4.96
N PHE A 105 -3.61 0.00 -6.06
CA PHE A 105 -3.88 -0.57 -7.37
C PHE A 105 -2.61 -0.61 -8.23
N PRO A 106 -2.29 -1.84 -8.72
CA PRO A 106 -1.11 -2.02 -9.56
C PRO A 106 -1.35 -1.47 -10.96
N ARG A 107 -0.57 -0.47 -11.32
CA ARG A 107 -0.69 0.15 -12.63
C ARG A 107 0.18 -0.60 -13.64
N SER A 108 -0.38 -1.67 -14.20
CA SER A 108 0.34 -2.46 -15.17
C SER A 108 0.27 -1.80 -16.54
N GLY A 109 1.41 -1.32 -17.00
CA GLY A 109 1.50 -0.65 -18.29
C GLY A 109 2.91 -0.76 -18.86
N PRO A 110 3.14 0.02 -19.96
CA PRO A 110 4.43 0.03 -20.61
C PRO A 110 5.46 0.81 -19.80
N SER A 111 6.72 0.41 -19.96
CA SER A 111 7.80 1.06 -19.23
C SER A 111 8.71 1.80 -20.22
N SER A 112 8.84 3.10 -20.00
CA SER A 112 9.67 3.93 -20.86
C SER A 112 9.15 3.87 -22.29
N GLY A 113 8.75 5.02 -22.80
CA GLY A 113 8.24 5.11 -24.15
C GLY A 113 7.20 4.02 -24.43
N GLY A 1 7.78 -28.64 33.89
CA GLY A 1 7.13 -28.51 32.60
C GLY A 1 8.17 -28.52 31.46
N SER A 2 7.74 -28.02 30.31
CA SER A 2 8.61 -27.95 29.15
C SER A 2 7.88 -27.29 27.99
N SER A 3 6.75 -27.88 27.61
CA SER A 3 5.96 -27.35 26.52
C SER A 3 4.54 -27.05 27.00
N GLY A 4 4.14 -25.80 26.83
CA GLY A 4 2.82 -25.37 27.24
C GLY A 4 1.85 -25.35 26.05
N SER A 5 0.65 -24.85 26.31
CA SER A 5 -0.36 -24.76 25.28
C SER A 5 -0.51 -23.32 24.80
N SER A 6 -0.77 -23.17 23.51
CA SER A 6 -0.94 -21.85 22.92
C SER A 6 -1.68 -21.96 21.59
N GLY A 7 -2.46 -20.93 21.31
CA GLY A 7 -3.23 -20.89 20.07
C GLY A 7 -3.49 -19.46 19.63
N PRO A 8 -2.38 -18.76 19.24
CA PRO A 8 -2.49 -17.39 18.79
C PRO A 8 -3.07 -17.30 17.38
N PHE A 9 -4.40 -17.29 17.33
CA PHE A 9 -5.09 -17.21 16.05
C PHE A 9 -6.24 -16.20 16.11
N CYS A 10 -5.91 -14.97 15.79
CA CYS A 10 -6.91 -13.90 15.80
C CYS A 10 -7.26 -13.56 14.36
N ALA A 11 -6.30 -12.96 13.67
CA ALA A 11 -6.49 -12.57 12.28
C ALA A 11 -7.56 -11.48 12.20
N MET A 12 -7.11 -10.27 11.89
CA MET A 12 -8.01 -9.14 11.78
C MET A 12 -7.32 -7.97 11.08
N GLU A 13 -8.14 -6.99 10.70
CA GLU A 13 -7.64 -5.81 10.02
C GLU A 13 -7.18 -4.77 11.04
N ASN A 14 -5.91 -4.85 11.41
CA ASN A 14 -5.34 -3.93 12.37
C ASN A 14 -3.86 -4.26 12.58
N GLN A 15 -3.17 -3.33 13.23
CA GLN A 15 -1.75 -3.51 13.49
C GLN A 15 -0.96 -3.46 12.19
N VAL A 16 0.27 -2.97 12.29
CA VAL A 16 1.13 -2.87 11.14
C VAL A 16 0.34 -2.31 9.96
N LEU A 17 0.93 -2.44 8.76
CA LEU A 17 0.29 -1.95 7.56
C LEU A 17 -0.07 -3.14 6.66
N VAL A 18 -1.27 -3.07 6.10
CA VAL A 18 -1.73 -4.13 5.22
C VAL A 18 -2.14 -3.52 3.87
N ILE A 19 -1.33 -3.83 2.86
CA ILE A 19 -1.59 -3.33 1.52
C ILE A 19 -2.33 -4.39 0.71
N ARG A 20 -3.50 -4.01 0.20
CA ARG A 20 -4.30 -4.92 -0.59
C ARG A 20 -4.20 -4.57 -2.07
N ILE A 21 -3.40 -5.36 -2.78
CA ILE A 21 -3.21 -5.15 -4.20
C ILE A 21 -4.41 -5.70 -4.96
N LYS A 22 -5.10 -4.80 -5.66
CA LYS A 22 -6.27 -5.19 -6.43
C LYS A 22 -5.83 -6.10 -7.58
N ILE A 23 -6.29 -7.34 -7.52
CA ILE A 23 -5.96 -8.31 -8.55
C ILE A 23 -7.02 -8.26 -9.66
N PRO A 24 -6.53 -8.40 -10.92
CA PRO A 24 -7.43 -8.38 -12.07
C PRO A 24 -8.21 -9.69 -12.18
N ASN A 25 -9.53 -9.56 -12.15
CA ASN A 25 -10.40 -10.71 -12.26
C ASN A 25 -9.80 -11.87 -11.45
N SER A 26 -9.90 -11.73 -10.13
CA SER A 26 -9.37 -12.75 -9.24
C SER A 26 -9.72 -12.41 -7.79
N GLY A 27 -9.30 -11.23 -7.38
CA GLY A 27 -9.56 -10.77 -6.02
C GLY A 27 -8.55 -9.71 -5.60
N ALA A 28 -7.81 -10.02 -4.53
CA ALA A 28 -6.81 -9.11 -4.01
C ALA A 28 -5.97 -9.83 -2.96
N VAL A 29 -4.70 -9.42 -2.89
CA VAL A 29 -3.79 -10.02 -1.93
C VAL A 29 -3.33 -8.94 -0.94
N ASP A 30 -3.16 -9.36 0.31
CA ASP A 30 -2.73 -8.45 1.35
C ASP A 30 -1.23 -8.66 1.62
N TRP A 31 -0.48 -7.59 1.43
CA TRP A 31 0.95 -7.64 1.64
C TRP A 31 1.23 -7.21 3.08
N THR A 32 1.51 -8.19 3.93
CA THR A 32 1.79 -7.92 5.33
C THR A 32 3.01 -7.00 5.45
N VAL A 33 2.72 -5.72 5.68
CA VAL A 33 3.78 -4.73 5.82
C VAL A 33 3.94 -4.38 7.30
N HIS A 34 5.19 -4.33 7.73
CA HIS A 34 5.50 -4.00 9.12
C HIS A 34 6.25 -2.67 9.18
N SER A 35 7.09 -2.45 8.17
CA SER A 35 7.86 -1.22 8.11
C SER A 35 7.10 -0.17 7.30
N GLY A 36 5.86 0.06 7.72
CA GLY A 36 5.02 1.04 7.05
C GLY A 36 5.80 2.31 6.73
N PRO A 37 6.41 2.89 7.80
CA PRO A 37 7.20 4.11 7.65
C PRO A 37 8.54 3.82 6.99
N GLN A 38 9.07 2.64 7.28
CA GLN A 38 10.36 2.23 6.72
C GLN A 38 10.13 1.45 5.42
N LEU A 39 9.21 1.95 4.62
CA LEU A 39 8.90 1.31 3.35
C LEU A 39 9.34 2.23 2.20
N LEU A 40 9.68 1.60 1.08
CA LEU A 40 10.12 2.34 -0.08
C LEU A 40 9.20 2.00 -1.27
N PHE A 41 9.24 2.88 -2.26
CA PHE A 41 8.42 2.69 -3.45
C PHE A 41 8.79 1.38 -4.17
N ARG A 42 10.09 1.22 -4.39
CA ARG A 42 10.59 0.04 -5.06
C ARG A 42 10.08 -1.23 -4.37
N ASP A 43 10.21 -1.23 -3.06
CA ASP A 43 9.77 -2.37 -2.27
C ASP A 43 8.39 -2.82 -2.75
N VAL A 44 7.48 -1.84 -2.82
CA VAL A 44 6.12 -2.13 -3.27
C VAL A 44 6.17 -2.84 -4.63
N LEU A 45 6.95 -2.26 -5.52
CA LEU A 45 7.09 -2.83 -6.86
C LEU A 45 7.77 -4.20 -6.76
N ASP A 46 8.66 -4.31 -5.79
CA ASP A 46 9.38 -5.56 -5.57
C ASP A 46 8.41 -6.63 -5.08
N VAL A 47 7.38 -6.16 -4.38
CA VAL A 47 6.37 -7.07 -3.85
C VAL A 47 5.34 -7.37 -4.94
N ILE A 48 4.77 -6.31 -5.48
CA ILE A 48 3.77 -6.45 -6.53
C ILE A 48 4.29 -7.41 -7.60
N GLY A 49 5.57 -7.23 -7.92
CA GLY A 49 6.21 -8.07 -8.93
C GLY A 49 5.94 -9.55 -8.66
N GLN A 50 5.73 -9.86 -7.39
CA GLN A 50 5.47 -11.23 -6.99
C GLN A 50 3.97 -11.55 -7.12
N VAL A 51 3.16 -10.49 -7.07
CA VAL A 51 1.73 -10.65 -7.19
C VAL A 51 1.35 -10.75 -8.68
N LEU A 52 1.90 -9.84 -9.46
CA LEU A 52 1.64 -9.81 -10.89
C LEU A 52 2.95 -9.97 -11.66
N PRO A 53 3.45 -11.24 -11.70
CA PRO A 53 4.68 -11.54 -12.39
C PRO A 53 4.49 -11.52 -13.91
N GLU A 54 3.23 -11.68 -14.31
CA GLU A 54 2.89 -11.69 -15.72
C GLU A 54 2.44 -10.29 -16.16
N ALA A 55 2.24 -9.42 -15.18
CA ALA A 55 1.81 -8.07 -15.46
C ALA A 55 2.67 -7.09 -14.65
N THR A 56 3.42 -6.26 -15.38
CA THR A 56 4.28 -5.28 -14.74
C THR A 56 3.46 -4.34 -13.86
N THR A 57 4.14 -3.33 -13.35
CA THR A 57 3.50 -2.35 -12.49
C THR A 57 4.28 -1.03 -12.49
N THR A 58 5.30 -0.98 -11.65
CA THR A 58 6.13 0.20 -11.55
C THR A 58 5.48 1.23 -10.61
N ALA A 59 4.24 1.59 -10.94
CA ALA A 59 3.51 2.55 -10.15
C ALA A 59 2.18 1.93 -9.70
N PHE A 60 1.53 2.62 -8.77
CA PHE A 60 0.25 2.15 -8.26
C PHE A 60 -0.59 3.32 -7.74
N GLU A 61 -1.90 3.14 -7.86
CA GLU A 61 -2.83 4.17 -7.41
C GLU A 61 -3.51 3.74 -6.10
N TYR A 62 -3.84 4.73 -5.30
CA TYR A 62 -4.49 4.48 -4.03
C TYR A 62 -5.53 5.56 -3.71
N GLU A 63 -6.74 5.11 -3.41
CA GLU A 63 -7.83 6.02 -3.10
C GLU A 63 -7.45 6.89 -1.90
N ASP A 64 -7.46 8.19 -2.12
CA ASP A 64 -7.12 9.14 -1.07
C ASP A 64 -8.38 9.46 -0.26
N GLU A 65 -8.23 10.40 0.66
CA GLU A 65 -9.33 10.79 1.51
C GLU A 65 -10.48 11.36 0.67
N ASP A 66 -10.11 11.88 -0.50
CA ASP A 66 -11.08 12.45 -1.41
C ASP A 66 -11.42 11.44 -2.50
N GLY A 67 -11.04 10.19 -2.25
CA GLY A 67 -11.29 9.12 -3.21
C GLY A 67 -11.12 9.62 -4.65
N ASP A 68 -9.91 10.06 -4.94
CA ASP A 68 -9.61 10.57 -6.27
C ASP A 68 -8.51 9.70 -6.91
N ARG A 69 -8.14 8.65 -6.19
CA ARG A 69 -7.12 7.75 -6.66
C ARG A 69 -5.83 8.50 -6.98
N ILE A 70 -4.86 8.36 -6.08
CA ILE A 70 -3.58 9.03 -6.26
C ILE A 70 -2.66 8.16 -7.13
N THR A 71 -1.49 8.71 -7.43
CA THR A 71 -0.53 8.00 -8.25
C THR A 71 0.86 8.08 -7.63
N VAL A 72 1.36 6.92 -7.21
CA VAL A 72 2.67 6.85 -6.59
C VAL A 72 3.71 6.50 -7.66
N ARG A 73 4.31 7.54 -8.21
CA ARG A 73 5.33 7.37 -9.24
C ARG A 73 6.73 7.61 -8.66
N SER A 74 6.76 7.77 -7.34
CA SER A 74 8.02 8.01 -6.66
C SER A 74 7.83 7.88 -5.15
N ASP A 75 8.94 7.87 -4.44
CA ASP A 75 8.91 7.76 -2.98
C ASP A 75 8.10 8.92 -2.41
N GLU A 76 8.28 10.08 -3.01
CA GLU A 76 7.56 11.27 -2.56
C GLU A 76 6.08 10.96 -2.35
N GLU A 77 5.47 10.42 -3.39
CA GLU A 77 4.06 10.06 -3.33
C GLU A 77 3.83 8.98 -2.26
N MET A 78 4.73 8.00 -2.25
CA MET A 78 4.64 6.91 -1.30
C MET A 78 4.42 7.44 0.12
N LYS A 79 5.44 8.10 0.64
CA LYS A 79 5.37 8.66 1.98
C LYS A 79 4.04 9.36 2.17
N ALA A 80 3.60 10.03 1.11
CA ALA A 80 2.34 10.76 1.15
C ALA A 80 1.19 9.75 1.34
N MET A 81 1.14 8.79 0.44
CA MET A 81 0.10 7.76 0.51
C MET A 81 0.02 7.15 1.91
N LEU A 82 1.19 6.95 2.49
CA LEU A 82 1.27 6.37 3.83
C LEU A 82 0.87 7.42 4.86
N SER A 83 1.33 8.63 4.63
CA SER A 83 1.02 9.74 5.53
C SER A 83 -0.49 9.88 5.68
N TYR A 84 -1.19 9.62 4.59
CA TYR A 84 -2.64 9.71 4.58
C TYR A 84 -3.27 8.50 5.29
N TYR A 85 -3.10 7.34 4.66
CA TYR A 85 -3.64 6.11 5.22
C TYR A 85 -3.57 6.12 6.74
N TYR A 86 -2.41 6.51 7.25
CA TYR A 86 -2.19 6.55 8.69
C TYR A 86 -2.95 7.73 9.31
N SER A 87 -2.84 8.88 8.65
CA SER A 87 -3.51 10.08 9.13
C SER A 87 -5.01 9.83 9.25
N THR A 88 -5.50 8.93 8.42
CA THR A 88 -6.92 8.59 8.42
C THR A 88 -7.17 7.35 9.27
N VAL A 89 -6.28 6.37 9.11
CA VAL A 89 -6.40 5.13 9.85
C VAL A 89 -6.47 5.44 11.34
N MET A 90 -5.56 6.31 11.78
CA MET A 90 -5.51 6.69 13.18
C MET A 90 -6.84 7.34 13.62
N GLU A 91 -7.53 7.88 12.64
CA GLU A 91 -8.81 8.53 12.91
C GLU A 91 -9.93 7.50 13.01
N GLN A 92 -9.75 6.41 12.28
CA GLN A 92 -10.74 5.34 12.29
C GLN A 92 -10.68 4.58 13.61
N GLN A 93 -9.55 4.73 14.30
CA GLN A 93 -9.38 4.07 15.58
C GLN A 93 -9.87 4.96 16.72
N VAL A 94 -9.46 6.22 16.66
CA VAL A 94 -9.86 7.19 17.67
C VAL A 94 -11.38 7.35 17.64
N ASN A 95 -11.95 7.10 16.47
CA ASN A 95 -13.38 7.23 16.29
C ASN A 95 -14.07 5.98 16.86
N GLY A 96 -13.65 4.83 16.35
CA GLY A 96 -14.22 3.57 16.79
C GLY A 96 -14.73 2.74 15.61
N GLN A 97 -13.90 2.69 14.57
CA GLN A 97 -14.27 1.95 13.37
C GLN A 97 -13.09 1.07 12.91
N LEU A 98 -13.44 -0.03 12.27
CA LEU A 98 -12.42 -0.96 11.78
C LEU A 98 -11.53 -0.24 10.77
N ILE A 99 -10.29 -0.70 10.68
CA ILE A 99 -9.33 -0.12 9.76
C ILE A 99 -9.37 -0.90 8.44
N GLU A 100 -9.26 -0.15 7.35
CA GLU A 100 -9.27 -0.75 6.02
C GLU A 100 -7.84 -0.89 5.49
N PRO A 101 -7.65 -1.91 4.61
CA PRO A 101 -6.35 -2.15 4.01
C PRO A 101 -6.04 -1.11 2.93
N LEU A 102 -4.78 -0.72 2.88
CA LEU A 102 -4.34 0.26 1.91
C LEU A 102 -4.56 -0.29 0.50
N GLN A 103 -5.80 -0.19 0.04
CA GLN A 103 -6.15 -0.67 -1.28
C GLN A 103 -5.30 0.04 -2.35
N ILE A 104 -4.48 -0.75 -3.01
CA ILE A 104 -3.62 -0.22 -4.06
C ILE A 104 -3.85 -0.99 -5.35
N PHE A 105 -3.56 -0.34 -6.46
CA PHE A 105 -3.73 -0.95 -7.77
C PHE A 105 -2.42 -0.91 -8.56
N PRO A 106 -2.01 -2.11 -9.07
CA PRO A 106 -0.80 -2.22 -9.85
C PRO A 106 -1.00 -1.66 -11.26
N ARG A 107 -0.54 -0.43 -11.44
CA ARG A 107 -0.66 0.24 -12.73
C ARG A 107 0.01 -0.60 -13.82
N SER A 108 -0.78 -1.50 -14.38
CA SER A 108 -0.28 -2.38 -15.43
C SER A 108 -0.35 -1.66 -16.78
N GLY A 109 0.83 -1.21 -17.23
CA GLY A 109 0.92 -0.50 -18.49
C GLY A 109 2.37 -0.24 -18.86
N PRO A 110 2.57 0.78 -19.75
CA PRO A 110 3.91 1.14 -20.19
C PRO A 110 4.66 1.91 -19.11
N SER A 111 5.95 2.07 -19.33
CA SER A 111 6.79 2.78 -18.38
C SER A 111 7.01 4.22 -18.85
N SER A 112 7.52 4.34 -20.07
CA SER A 112 7.79 5.65 -20.64
C SER A 112 8.78 6.41 -19.77
N GLY A 113 9.44 7.39 -20.38
CA GLY A 113 10.42 8.19 -19.68
C GLY A 113 11.80 8.08 -20.34
N GLY A 1 5.08 -23.52 -12.73
CA GLY A 1 5.05 -24.22 -11.46
C GLY A 1 3.80 -23.84 -10.65
N SER A 2 3.92 -24.04 -9.34
CA SER A 2 2.81 -23.72 -8.45
C SER A 2 3.26 -23.85 -7.00
N SER A 3 3.72 -25.04 -6.66
CA SER A 3 4.19 -25.30 -5.30
C SER A 3 5.58 -24.70 -5.10
N GLY A 4 5.58 -23.46 -4.63
CA GLY A 4 6.83 -22.75 -4.39
C GLY A 4 7.22 -22.83 -2.92
N SER A 5 8.22 -22.03 -2.56
CA SER A 5 8.69 -21.98 -1.19
C SER A 5 7.98 -20.86 -0.42
N SER A 6 7.50 -21.20 0.75
CA SER A 6 6.80 -20.24 1.59
C SER A 6 6.62 -20.80 3.00
N GLY A 7 7.19 -20.09 3.96
CA GLY A 7 7.10 -20.51 5.35
C GLY A 7 5.67 -20.38 5.87
N PRO A 8 5.37 -21.19 6.93
CA PRO A 8 4.05 -21.17 7.53
C PRO A 8 3.85 -19.93 8.39
N PHE A 9 2.65 -19.38 8.30
CA PHE A 9 2.32 -18.19 9.06
C PHE A 9 0.82 -17.90 9.01
N CYS A 10 0.30 -17.40 10.13
CA CYS A 10 -1.11 -17.08 10.22
C CYS A 10 -1.33 -16.26 11.49
N ALA A 11 -1.42 -14.95 11.30
CA ALA A 11 -1.62 -14.05 12.42
C ALA A 11 -1.98 -12.65 11.88
N MET A 12 -3.11 -12.14 12.36
CA MET A 12 -3.57 -10.83 11.94
C MET A 12 -4.86 -10.45 12.67
N GLU A 13 -4.85 -9.25 13.24
CA GLU A 13 -6.01 -8.75 13.96
C GLU A 13 -5.88 -7.24 14.20
N ASN A 14 -5.89 -6.49 13.11
CA ASN A 14 -5.77 -5.05 13.19
C ASN A 14 -4.40 -4.68 13.76
N GLN A 15 -3.47 -4.42 12.86
CA GLN A 15 -2.12 -4.06 13.25
C GLN A 15 -1.24 -3.88 12.02
N VAL A 16 -0.09 -3.25 12.24
CA VAL A 16 0.86 -3.01 11.16
C VAL A 16 0.09 -2.48 9.94
N LEU A 17 0.81 -2.42 8.82
CA LEU A 17 0.22 -1.93 7.59
C LEU A 17 -0.05 -3.12 6.66
N VAL A 18 -1.21 -3.10 6.03
CA VAL A 18 -1.59 -4.16 5.11
C VAL A 18 -1.96 -3.56 3.76
N ILE A 19 -1.15 -3.90 2.76
CA ILE A 19 -1.38 -3.40 1.42
C ILE A 19 -2.22 -4.42 0.63
N ARG A 20 -3.38 -3.95 0.18
CA ARG A 20 -4.27 -4.81 -0.57
C ARG A 20 -4.15 -4.51 -2.07
N ILE A 21 -3.44 -5.39 -2.76
CA ILE A 21 -3.22 -5.24 -4.18
C ILE A 21 -4.50 -5.65 -4.93
N LYS A 22 -4.97 -4.76 -5.77
CA LYS A 22 -6.18 -5.02 -6.55
C LYS A 22 -5.83 -5.93 -7.73
N ILE A 23 -6.29 -7.18 -7.62
CA ILE A 23 -6.03 -8.15 -8.67
C ILE A 23 -7.10 -8.02 -9.76
N PRO A 24 -6.64 -8.17 -11.03
CA PRO A 24 -7.53 -8.06 -12.17
C PRO A 24 -8.41 -9.32 -12.30
N ASN A 25 -9.72 -9.10 -12.18
CA ASN A 25 -10.67 -10.19 -12.28
C ASN A 25 -10.10 -11.42 -11.56
N SER A 26 -10.16 -11.36 -10.24
CA SER A 26 -9.66 -12.46 -9.42
C SER A 26 -9.95 -12.19 -7.94
N GLY A 27 -9.52 -11.01 -7.50
CA GLY A 27 -9.72 -10.62 -6.11
C GLY A 27 -8.70 -9.56 -5.69
N ALA A 28 -7.95 -9.89 -4.65
CA ALA A 28 -6.94 -8.98 -4.14
C ALA A 28 -6.10 -9.70 -3.09
N VAL A 29 -4.82 -9.34 -3.04
CA VAL A 29 -3.91 -9.94 -2.10
C VAL A 29 -3.44 -8.88 -1.10
N ASP A 30 -3.21 -9.32 0.13
CA ASP A 30 -2.75 -8.43 1.18
C ASP A 30 -1.27 -8.68 1.47
N TRP A 31 -0.48 -7.64 1.32
CA TRP A 31 0.95 -7.75 1.55
C TRP A 31 1.23 -7.26 2.97
N THR A 32 1.72 -8.17 3.80
CA THR A 32 2.03 -7.85 5.17
C THR A 32 3.18 -6.84 5.24
N VAL A 33 2.87 -5.68 5.79
CA VAL A 33 3.87 -4.62 5.91
C VAL A 33 3.92 -4.15 7.37
N HIS A 34 5.12 -4.28 7.95
CA HIS A 34 5.31 -3.88 9.34
C HIS A 34 6.13 -2.59 9.39
N SER A 35 6.93 -2.40 8.35
CA SER A 35 7.77 -1.21 8.26
C SER A 35 7.06 -0.14 7.42
N GLY A 36 5.80 0.08 7.75
CA GLY A 36 5.01 1.08 7.04
C GLY A 36 5.84 2.33 6.74
N PRO A 37 6.47 2.87 7.82
CA PRO A 37 7.29 4.06 7.68
C PRO A 37 8.64 3.73 7.01
N GLN A 38 9.14 2.55 7.34
CA GLN A 38 10.41 2.10 6.77
C GLN A 38 10.18 1.35 5.47
N LEU A 39 9.21 1.84 4.69
CA LEU A 39 8.89 1.23 3.43
C LEU A 39 9.32 2.15 2.28
N LEU A 40 9.72 1.52 1.18
CA LEU A 40 10.16 2.27 0.02
C LEU A 40 9.25 1.95 -1.16
N PHE A 41 9.30 2.82 -2.16
CA PHE A 41 8.49 2.63 -3.35
C PHE A 41 8.88 1.36 -4.09
N ARG A 42 10.19 1.16 -4.19
CA ARG A 42 10.71 -0.02 -4.87
C ARG A 42 10.21 -1.30 -4.19
N ASP A 43 10.29 -1.29 -2.86
CA ASP A 43 9.86 -2.43 -2.07
C ASP A 43 8.48 -2.89 -2.57
N VAL A 44 7.59 -1.93 -2.73
CA VAL A 44 6.25 -2.22 -3.20
C VAL A 44 6.32 -2.93 -4.56
N LEU A 45 7.01 -2.29 -5.49
CA LEU A 45 7.16 -2.84 -6.82
C LEU A 45 7.84 -4.21 -6.72
N ASP A 46 8.75 -4.31 -5.76
CA ASP A 46 9.46 -5.56 -5.55
C ASP A 46 8.48 -6.64 -5.09
N VAL A 47 7.47 -6.20 -4.36
CA VAL A 47 6.46 -7.11 -3.85
C VAL A 47 5.43 -7.38 -4.95
N ILE A 48 4.83 -6.31 -5.45
CA ILE A 48 3.82 -6.42 -6.49
C ILE A 48 4.32 -7.41 -7.56
N GLY A 49 5.59 -7.27 -7.90
CA GLY A 49 6.20 -8.13 -8.90
C GLY A 49 5.86 -9.60 -8.63
N GLN A 50 5.57 -9.89 -7.37
CA GLN A 50 5.22 -11.24 -6.97
C GLN A 50 3.74 -11.50 -7.19
N VAL A 51 2.96 -10.45 -7.02
CA VAL A 51 1.51 -10.56 -7.19
C VAL A 51 1.19 -10.64 -8.69
N LEU A 52 1.76 -9.70 -9.44
CA LEU A 52 1.54 -9.66 -10.87
C LEU A 52 2.90 -9.80 -11.59
N PRO A 53 3.39 -11.06 -11.65
CA PRO A 53 4.66 -11.33 -12.30
C PRO A 53 4.52 -11.29 -13.82
N GLU A 54 3.29 -11.45 -14.27
CA GLU A 54 3.00 -11.42 -15.70
C GLU A 54 2.44 -10.06 -16.11
N ALA A 55 2.20 -9.23 -15.10
CA ALA A 55 1.67 -7.89 -15.34
C ALA A 55 2.54 -6.87 -14.62
N THR A 56 3.27 -6.09 -15.41
CA THR A 56 4.14 -5.07 -14.85
C THR A 56 3.35 -4.11 -13.97
N THR A 57 4.08 -3.22 -13.33
CA THR A 57 3.46 -2.24 -12.45
C THR A 57 4.27 -0.95 -12.41
N THR A 58 5.33 -0.97 -11.61
CA THR A 58 6.20 0.19 -11.48
C THR A 58 5.57 1.22 -10.53
N ALA A 59 4.32 1.55 -10.81
CA ALA A 59 3.61 2.52 -9.99
C ALA A 59 2.25 1.93 -9.57
N PHE A 60 1.63 2.60 -8.61
CA PHE A 60 0.33 2.15 -8.12
C PHE A 60 -0.50 3.33 -7.62
N GLU A 61 -1.80 3.09 -7.52
CA GLU A 61 -2.71 4.12 -7.07
C GLU A 61 -3.36 3.71 -5.75
N TYR A 62 -3.82 4.71 -5.01
CA TYR A 62 -4.46 4.47 -3.73
C TYR A 62 -5.55 5.51 -3.46
N GLU A 63 -6.73 5.02 -3.12
CA GLU A 63 -7.85 5.88 -2.83
C GLU A 63 -7.55 6.75 -1.60
N ASP A 64 -7.86 8.03 -1.73
CA ASP A 64 -7.63 8.97 -0.64
C ASP A 64 -8.96 9.29 0.03
N GLU A 65 -9.00 10.46 0.65
CA GLU A 65 -10.21 10.91 1.34
C GLU A 65 -11.31 11.22 0.32
N ASP A 66 -10.91 11.86 -0.76
CA ASP A 66 -11.85 12.22 -1.81
C ASP A 66 -12.02 11.03 -2.77
N GLY A 67 -11.44 9.91 -2.37
CA GLY A 67 -11.52 8.70 -3.18
C GLY A 67 -11.36 9.02 -4.66
N ASP A 68 -10.23 9.66 -4.97
CA ASP A 68 -9.93 10.03 -6.35
C ASP A 68 -8.82 9.13 -6.88
N ARG A 69 -8.38 8.21 -6.04
CA ARG A 69 -7.33 7.30 -6.41
C ARG A 69 -6.06 8.06 -6.79
N ILE A 70 -5.15 8.14 -5.83
CA ILE A 70 -3.89 8.85 -6.05
C ILE A 70 -2.94 7.96 -6.85
N THR A 71 -1.78 8.51 -7.16
CA THR A 71 -0.78 7.78 -7.92
C THR A 71 0.59 7.93 -7.27
N VAL A 72 1.32 6.81 -7.22
CA VAL A 72 2.64 6.81 -6.64
C VAL A 72 3.67 6.42 -7.71
N ARG A 73 4.38 7.42 -8.19
CA ARG A 73 5.40 7.19 -9.21
C ARG A 73 6.78 7.55 -8.68
N SER A 74 6.83 7.77 -7.37
CA SER A 74 8.09 8.12 -6.72
C SER A 74 7.93 8.05 -5.20
N ASP A 75 9.02 7.70 -4.55
CA ASP A 75 9.03 7.59 -3.10
C ASP A 75 8.22 8.74 -2.50
N GLU A 76 8.39 9.92 -3.10
CA GLU A 76 7.68 11.10 -2.65
C GLU A 76 6.21 10.78 -2.40
N GLU A 77 5.54 10.35 -3.46
CA GLU A 77 4.14 10.01 -3.38
C GLU A 77 3.91 8.94 -2.30
N MET A 78 4.81 7.96 -2.29
CA MET A 78 4.73 6.88 -1.31
C MET A 78 4.53 7.43 0.10
N LYS A 79 5.41 8.34 0.48
CA LYS A 79 5.35 8.95 1.80
C LYS A 79 4.00 9.65 1.97
N ALA A 80 3.46 10.10 0.85
CA ALA A 80 2.18 10.79 0.86
C ALA A 80 1.06 9.78 1.15
N MET A 81 1.02 8.74 0.32
CA MET A 81 0.01 7.70 0.47
C MET A 81 0.00 7.17 1.90
N LEU A 82 1.18 6.99 2.45
CA LEU A 82 1.32 6.49 3.80
C LEU A 82 0.95 7.60 4.80
N SER A 83 1.32 8.82 4.43
CA SER A 83 1.03 9.97 5.28
C SER A 83 -0.47 10.13 5.45
N TYR A 84 -1.21 9.60 4.48
CA TYR A 84 -2.66 9.68 4.52
C TYR A 84 -3.26 8.47 5.24
N TYR A 85 -3.02 7.30 4.66
CA TYR A 85 -3.52 6.06 5.23
C TYR A 85 -3.48 6.11 6.76
N TYR A 86 -2.33 6.53 7.27
CA TYR A 86 -2.13 6.62 8.71
C TYR A 86 -2.93 7.80 9.29
N SER A 87 -2.85 8.92 8.59
CA SER A 87 -3.55 10.12 9.03
C SER A 87 -5.05 9.85 9.12
N THR A 88 -5.50 8.90 8.30
CA THR A 88 -6.91 8.54 8.29
C THR A 88 -7.15 7.30 9.16
N VAL A 89 -6.22 6.35 9.05
CA VAL A 89 -6.33 5.13 9.83
C VAL A 89 -6.42 5.47 11.31
N MET A 90 -5.58 6.41 11.73
CA MET A 90 -5.55 6.84 13.12
C MET A 90 -6.91 7.42 13.53
N GLU A 91 -7.64 7.89 12.54
CA GLU A 91 -8.95 8.48 12.79
C GLU A 91 -10.01 7.38 12.96
N GLN A 92 -9.82 6.31 12.18
CA GLN A 92 -10.74 5.19 12.24
C GLN A 92 -10.65 4.49 13.60
N GLN A 93 -9.50 4.66 14.23
CA GLN A 93 -9.27 4.05 15.54
C GLN A 93 -9.85 4.93 16.65
N VAL A 94 -9.46 6.20 16.61
CA VAL A 94 -9.93 7.15 17.61
C VAL A 94 -11.45 7.25 17.52
N ASN A 95 -11.97 6.96 16.34
CA ASN A 95 -13.40 7.01 16.11
C ASN A 95 -14.05 5.72 16.63
N GLY A 96 -13.56 4.61 16.11
CA GLY A 96 -14.07 3.31 16.50
C GLY A 96 -14.09 2.34 15.32
N GLN A 97 -14.47 2.88 14.17
CA GLN A 97 -14.54 2.07 12.96
C GLN A 97 -13.27 1.22 12.82
N LEU A 98 -13.42 0.11 12.11
CA LEU A 98 -12.31 -0.80 11.90
C LEU A 98 -11.38 -0.22 10.82
N ILE A 99 -10.11 -0.58 10.91
CA ILE A 99 -9.13 -0.11 9.96
C ILE A 99 -9.21 -0.94 8.68
N GLU A 100 -9.06 -0.26 7.56
CA GLU A 100 -9.12 -0.93 6.26
C GLU A 100 -7.71 -1.07 5.68
N PRO A 101 -7.58 -2.04 4.75
CA PRO A 101 -6.30 -2.29 4.09
C PRO A 101 -6.00 -1.20 3.06
N LEU A 102 -4.71 -0.89 2.94
CA LEU A 102 -4.29 0.12 1.99
C LEU A 102 -4.59 -0.35 0.57
N GLN A 103 -5.86 -0.21 0.20
CA GLN A 103 -6.29 -0.62 -1.13
C GLN A 103 -5.47 0.10 -2.20
N ILE A 104 -4.54 -0.65 -2.80
CA ILE A 104 -3.70 -0.09 -3.84
C ILE A 104 -3.97 -0.81 -5.15
N PHE A 105 -3.61 -0.15 -6.24
CA PHE A 105 -3.82 -0.71 -7.57
C PHE A 105 -2.53 -0.67 -8.39
N PRO A 106 -2.13 -1.87 -8.91
CA PRO A 106 -0.93 -1.97 -9.72
C PRO A 106 -1.15 -1.39 -11.12
N ARG A 107 -0.50 -0.26 -11.35
CA ARG A 107 -0.62 0.41 -12.64
C ARG A 107 0.07 -0.42 -13.73
N SER A 108 -0.73 -1.26 -14.38
CA SER A 108 -0.22 -2.11 -15.44
C SER A 108 0.09 -1.27 -16.67
N GLY A 109 1.37 -0.98 -16.86
CA GLY A 109 1.80 -0.19 -18.00
C GLY A 109 3.32 -0.13 -18.08
N PRO A 110 3.82 0.32 -19.28
CA PRO A 110 5.25 0.42 -19.50
C PRO A 110 5.84 1.62 -18.76
N SER A 111 7.16 1.66 -18.74
CA SER A 111 7.86 2.75 -18.07
C SER A 111 9.37 2.59 -18.22
N SER A 112 10.06 3.72 -18.26
CA SER A 112 11.51 3.70 -18.40
C SER A 112 12.06 5.12 -18.27
N GLY A 113 12.23 5.54 -17.02
CA GLY A 113 12.74 6.87 -16.74
C GLY A 113 14.19 6.80 -16.24
N GLY A 1 9.74 -13.17 -10.36
CA GLY A 1 10.83 -14.12 -10.52
C GLY A 1 10.85 -15.13 -9.36
N SER A 2 11.94 -15.09 -8.61
CA SER A 2 12.09 -15.98 -7.47
C SER A 2 13.27 -15.54 -6.61
N SER A 3 12.99 -15.33 -5.33
CA SER A 3 14.02 -14.91 -4.40
C SER A 3 13.63 -15.30 -2.98
N GLY A 4 14.51 -16.06 -2.34
CA GLY A 4 14.27 -16.51 -0.99
C GLY A 4 14.48 -15.37 0.02
N SER A 5 13.42 -14.61 0.24
CA SER A 5 13.49 -13.50 1.16
C SER A 5 12.07 -13.05 1.52
N SER A 6 11.85 -12.85 2.81
CA SER A 6 10.56 -12.41 3.30
C SER A 6 10.67 -11.02 3.92
N GLY A 7 11.47 -10.94 4.97
CA GLY A 7 11.66 -9.66 5.65
C GLY A 7 10.74 -9.54 6.87
N PRO A 8 11.31 -9.85 8.06
CA PRO A 8 10.56 -9.78 9.29
C PRO A 8 10.35 -8.32 9.72
N PHE A 9 11.46 -7.60 9.80
CA PHE A 9 11.41 -6.20 10.20
C PHE A 9 10.64 -6.03 11.51
N CYS A 10 10.61 -4.79 11.98
CA CYS A 10 9.90 -4.48 13.21
C CYS A 10 9.14 -3.17 13.02
N ALA A 11 7.92 -3.14 13.54
CA ALA A 11 7.08 -1.96 13.42
C ALA A 11 7.06 -1.22 14.77
N MET A 12 7.03 0.09 14.69
CA MET A 12 7.00 0.91 15.89
C MET A 12 6.03 2.09 15.72
N GLU A 13 4.81 1.87 16.14
CA GLU A 13 3.78 2.90 16.05
C GLU A 13 2.50 2.45 16.74
N ASN A 14 2.03 1.27 16.33
CA ASN A 14 0.83 0.71 16.90
C ASN A 14 0.54 -0.66 16.26
N GLN A 15 0.51 -0.65 14.94
CA GLN A 15 0.26 -1.87 14.19
C GLN A 15 1.03 -1.85 12.86
N VAL A 16 1.05 -3.01 12.22
CA VAL A 16 1.73 -3.13 10.94
C VAL A 16 0.82 -2.64 9.82
N LEU A 17 1.45 -2.23 8.73
CA LEU A 17 0.71 -1.73 7.58
C LEU A 17 0.31 -2.91 6.68
N VAL A 18 -0.88 -2.82 6.13
CA VAL A 18 -1.39 -3.86 5.25
C VAL A 18 -1.78 -3.24 3.91
N ILE A 19 -1.08 -3.68 2.87
CA ILE A 19 -1.34 -3.18 1.52
C ILE A 19 -2.18 -4.21 0.77
N ARG A 20 -3.35 -3.76 0.32
CA ARG A 20 -4.26 -4.62 -0.41
C ARG A 20 -4.10 -4.39 -1.92
N ILE A 21 -3.36 -5.29 -2.55
CA ILE A 21 -3.13 -5.20 -3.98
C ILE A 21 -4.37 -5.68 -4.74
N LYS A 22 -4.93 -4.78 -5.53
CA LYS A 22 -6.11 -5.10 -6.31
C LYS A 22 -5.74 -6.07 -7.42
N ILE A 23 -6.37 -7.25 -7.38
CA ILE A 23 -6.12 -8.27 -8.38
C ILE A 23 -7.19 -8.19 -9.47
N PRO A 24 -6.73 -8.40 -10.73
CA PRO A 24 -7.64 -8.35 -11.87
C PRO A 24 -8.50 -9.62 -11.93
N ASN A 25 -9.79 -9.43 -11.69
CA ASN A 25 -10.73 -10.54 -11.72
C ASN A 25 -10.12 -11.73 -10.98
N SER A 26 -10.11 -11.62 -9.65
CA SER A 26 -9.56 -12.67 -8.83
C SER A 26 -9.83 -12.36 -7.34
N GLY A 27 -9.61 -11.10 -6.99
CA GLY A 27 -9.82 -10.67 -5.62
C GLY A 27 -8.81 -9.58 -5.23
N ALA A 28 -8.01 -9.90 -4.22
CA ALA A 28 -7.00 -8.98 -3.74
C ALA A 28 -6.17 -9.66 -2.65
N VAL A 29 -4.89 -9.33 -2.63
CA VAL A 29 -3.98 -9.89 -1.66
C VAL A 29 -3.48 -8.78 -0.72
N ASP A 30 -3.23 -9.17 0.52
CA ASP A 30 -2.75 -8.21 1.51
C ASP A 30 -1.26 -8.48 1.80
N TRP A 31 -0.45 -7.48 1.49
CA TRP A 31 0.98 -7.59 1.70
C TRP A 31 1.29 -7.14 3.13
N THR A 32 1.60 -8.11 3.97
CA THR A 32 1.91 -7.83 5.36
C THR A 32 3.17 -6.94 5.45
N VAL A 33 2.93 -5.65 5.65
CA VAL A 33 4.02 -4.70 5.76
C VAL A 33 4.21 -4.30 7.22
N HIS A 34 5.40 -4.59 7.73
CA HIS A 34 5.71 -4.26 9.12
C HIS A 34 6.45 -2.93 9.18
N SER A 35 7.13 -2.61 8.09
CA SER A 35 7.88 -1.38 8.01
C SER A 35 7.08 -0.33 7.23
N GLY A 36 5.85 -0.12 7.67
CA GLY A 36 4.97 0.83 7.01
C GLY A 36 5.74 2.13 6.66
N PRO A 37 6.42 2.67 7.69
CA PRO A 37 7.20 3.90 7.51
C PRO A 37 8.49 3.62 6.75
N GLN A 38 9.13 2.51 7.10
CA GLN A 38 10.37 2.12 6.46
C GLN A 38 10.09 1.34 5.18
N LEU A 39 9.23 1.92 4.35
CA LEU A 39 8.87 1.29 3.10
C LEU A 39 9.25 2.22 1.94
N LEU A 40 9.78 1.61 0.89
CA LEU A 40 10.19 2.35 -0.29
C LEU A 40 9.27 2.00 -1.46
N PHE A 41 9.19 2.93 -2.41
CA PHE A 41 8.35 2.73 -3.58
C PHE A 41 8.73 1.44 -4.31
N ARG A 42 10.03 1.21 -4.40
CA ARG A 42 10.53 0.01 -5.06
C ARG A 42 9.99 -1.24 -4.38
N ASP A 43 10.30 -1.36 -3.10
CA ASP A 43 9.86 -2.50 -2.32
C ASP A 43 8.45 -2.90 -2.76
N VAL A 44 7.60 -1.90 -2.88
CA VAL A 44 6.23 -2.14 -3.29
C VAL A 44 6.22 -2.87 -4.63
N LEU A 45 6.91 -2.29 -5.59
CA LEU A 45 7.00 -2.88 -6.92
C LEU A 45 7.63 -4.27 -6.82
N ASP A 46 8.60 -4.38 -5.93
CA ASP A 46 9.30 -5.64 -5.73
C ASP A 46 8.31 -6.67 -5.18
N VAL A 47 7.27 -6.16 -4.54
CA VAL A 47 6.26 -7.03 -3.97
C VAL A 47 5.19 -7.32 -5.03
N ILE A 48 4.58 -6.26 -5.52
CA ILE A 48 3.55 -6.39 -6.54
C ILE A 48 4.00 -7.40 -7.59
N GLY A 49 5.25 -7.26 -8.01
CA GLY A 49 5.82 -8.16 -9.00
C GLY A 49 5.53 -9.61 -8.66
N GLN A 50 5.53 -9.89 -7.36
CA GLN A 50 5.26 -11.24 -6.89
C GLN A 50 3.77 -11.57 -7.02
N VAL A 51 2.97 -10.53 -6.90
CA VAL A 51 1.52 -10.69 -7.00
C VAL A 51 1.13 -10.76 -8.47
N LEU A 52 1.71 -9.87 -9.27
CA LEU A 52 1.42 -9.83 -10.69
C LEU A 52 2.71 -10.05 -11.47
N PRO A 53 3.13 -11.35 -11.55
CA PRO A 53 4.34 -11.71 -12.26
C PRO A 53 4.12 -11.66 -13.77
N GLU A 54 2.85 -11.73 -14.16
CA GLU A 54 2.49 -11.70 -15.56
C GLU A 54 2.06 -10.28 -15.96
N ALA A 55 2.11 -9.38 -14.99
CA ALA A 55 1.73 -8.00 -15.23
C ALA A 55 2.65 -7.08 -14.43
N THR A 56 3.86 -6.92 -14.93
CA THR A 56 4.84 -6.08 -14.27
C THR A 56 4.26 -4.69 -14.02
N THR A 57 4.49 -4.19 -12.81
CA THR A 57 4.00 -2.88 -12.44
C THR A 57 5.13 -2.02 -11.88
N THR A 58 5.07 -0.73 -12.18
CA THR A 58 6.08 0.20 -11.72
C THR A 58 5.47 1.18 -10.70
N ALA A 59 4.24 1.57 -10.97
CA ALA A 59 3.54 2.50 -10.09
C ALA A 59 2.23 1.86 -9.62
N PHE A 60 1.55 2.58 -8.74
CA PHE A 60 0.28 2.10 -8.21
C PHE A 60 -0.57 3.26 -7.69
N GLU A 61 -1.88 3.10 -7.82
CA GLU A 61 -2.81 4.12 -7.37
C GLU A 61 -3.45 3.71 -6.05
N TYR A 62 -3.94 4.70 -5.33
CA TYR A 62 -4.59 4.46 -4.05
C TYR A 62 -5.54 5.59 -3.69
N GLU A 63 -6.77 5.20 -3.36
CA GLU A 63 -7.79 6.17 -2.99
C GLU A 63 -7.38 6.93 -1.73
N ASP A 64 -7.38 8.25 -1.85
CA ASP A 64 -7.01 9.10 -0.73
C ASP A 64 -8.23 9.35 0.14
N GLU A 65 -8.14 10.39 0.95
CA GLU A 65 -9.23 10.75 1.84
C GLU A 65 -10.48 11.08 1.03
N ASP A 66 -10.26 11.68 -0.14
CA ASP A 66 -11.36 12.05 -1.01
C ASP A 66 -11.64 10.90 -1.98
N GLY A 67 -11.36 9.69 -1.52
CA GLY A 67 -11.59 8.51 -2.33
C GLY A 67 -11.13 8.73 -3.77
N ASP A 68 -10.15 9.62 -3.91
CA ASP A 68 -9.61 9.94 -5.22
C ASP A 68 -8.35 9.10 -5.46
N ARG A 69 -8.45 8.23 -6.46
CA ARG A 69 -7.33 7.36 -6.80
C ARG A 69 -6.09 8.20 -7.11
N ILE A 70 -5.11 8.10 -6.21
CA ILE A 70 -3.87 8.83 -6.37
C ILE A 70 -2.90 8.01 -7.22
N THR A 71 -1.73 8.60 -7.47
CA THR A 71 -0.72 7.94 -8.26
C THR A 71 0.65 8.11 -7.61
N VAL A 72 1.31 6.99 -7.37
CA VAL A 72 2.63 7.01 -6.76
C VAL A 72 3.68 6.57 -7.79
N ARG A 73 4.43 7.55 -8.26
CA ARG A 73 5.47 7.28 -9.25
C ARG A 73 6.84 7.64 -8.68
N SER A 74 6.88 7.83 -7.38
CA SER A 74 8.12 8.17 -6.70
C SER A 74 7.95 8.01 -5.19
N ASP A 75 9.08 7.86 -4.52
CA ASP A 75 9.08 7.69 -3.08
C ASP A 75 8.25 8.81 -2.44
N GLU A 76 8.46 10.02 -2.95
CA GLU A 76 7.74 11.18 -2.44
C GLU A 76 6.25 10.86 -2.31
N GLU A 77 5.66 10.46 -3.43
CA GLU A 77 4.24 10.13 -3.45
C GLU A 77 3.94 9.06 -2.40
N MET A 78 4.87 8.12 -2.28
CA MET A 78 4.71 7.04 -1.32
C MET A 78 4.55 7.58 0.10
N LYS A 79 5.63 8.16 0.60
CA LYS A 79 5.62 8.73 1.94
C LYS A 79 4.30 9.46 2.17
N ALA A 80 3.79 10.07 1.12
CA ALA A 80 2.54 10.80 1.18
C ALA A 80 1.39 9.81 1.38
N MET A 81 1.32 8.85 0.48
CA MET A 81 0.28 7.83 0.54
C MET A 81 0.23 7.19 1.93
N LEU A 82 1.41 6.93 2.48
CA LEU A 82 1.52 6.32 3.78
C LEU A 82 1.15 7.34 4.86
N SER A 83 1.50 8.59 4.59
CA SER A 83 1.21 9.67 5.52
C SER A 83 -0.29 9.79 5.71
N TYR A 84 -1.02 9.61 4.62
CA TYR A 84 -2.47 9.71 4.66
C TYR A 84 -3.08 8.49 5.36
N TYR A 85 -2.84 7.33 4.76
CA TYR A 85 -3.37 6.09 5.31
C TYR A 85 -3.33 6.10 6.84
N TYR A 86 -2.19 6.53 7.37
CA TYR A 86 -2.01 6.60 8.81
C TYR A 86 -2.80 7.76 9.40
N SER A 87 -2.78 8.87 8.69
CA SER A 87 -3.49 10.07 9.13
C SER A 87 -4.98 9.77 9.22
N THR A 88 -5.43 8.85 8.38
CA THR A 88 -6.83 8.47 8.35
C THR A 88 -7.07 7.22 9.21
N VAL A 89 -6.14 6.29 9.09
CA VAL A 89 -6.23 5.05 9.84
C VAL A 89 -6.35 5.36 11.33
N MET A 90 -5.50 6.28 11.79
CA MET A 90 -5.51 6.67 13.18
C MET A 90 -6.86 7.27 13.58
N GLU A 91 -7.58 7.74 12.57
CA GLU A 91 -8.89 8.33 12.79
C GLU A 91 -9.97 7.24 12.88
N GLN A 92 -9.78 6.21 12.06
CA GLN A 92 -10.72 5.10 12.04
C GLN A 92 -10.69 4.35 13.37
N GLN A 93 -9.64 4.61 14.13
CA GLN A 93 -9.49 3.97 15.43
C GLN A 93 -10.20 4.78 16.52
N VAL A 94 -10.09 6.10 16.39
CA VAL A 94 -10.71 7.00 17.35
C VAL A 94 -12.23 6.89 17.22
N ASN A 95 -12.67 6.55 16.02
CA ASN A 95 -14.10 6.41 15.75
C ASN A 95 -14.59 5.07 16.31
N GLY A 96 -14.07 4.00 15.73
CA GLY A 96 -14.45 2.66 16.16
C GLY A 96 -14.28 1.65 15.04
N GLN A 97 -14.88 1.97 13.90
CA GLN A 97 -14.80 1.10 12.73
C GLN A 97 -13.40 0.49 12.63
N LEU A 98 -13.34 -0.69 12.03
CA LEU A 98 -12.09 -1.38 11.86
C LEU A 98 -11.24 -0.66 10.79
N ILE A 99 -9.94 -0.86 10.88
CA ILE A 99 -9.03 -0.24 9.94
C ILE A 99 -9.11 -0.96 8.59
N GLU A 100 -8.98 -0.19 7.53
CA GLU A 100 -9.03 -0.75 6.19
C GLU A 100 -7.62 -0.84 5.60
N PRO A 101 -7.44 -1.86 4.72
CA PRO A 101 -6.15 -2.07 4.07
C PRO A 101 -5.90 -1.03 2.98
N LEU A 102 -4.63 -0.65 2.86
CA LEU A 102 -4.25 0.35 1.87
C LEU A 102 -4.60 -0.18 0.47
N GLN A 103 -5.84 0.05 0.09
CA GLN A 103 -6.32 -0.39 -1.21
C GLN A 103 -5.50 0.28 -2.33
N ILE A 104 -4.58 -0.49 -2.88
CA ILE A 104 -3.72 0.01 -3.95
C ILE A 104 -3.98 -0.81 -5.22
N PHE A 105 -3.65 -0.20 -6.34
CA PHE A 105 -3.83 -0.86 -7.63
C PHE A 105 -2.53 -0.88 -8.43
N PRO A 106 -2.14 -2.10 -8.87
CA PRO A 106 -0.92 -2.27 -9.65
C PRO A 106 -1.11 -1.76 -11.08
N ARG A 107 -0.41 -0.68 -11.39
CA ARG A 107 -0.49 -0.09 -12.72
C ARG A 107 0.49 -0.79 -13.66
N SER A 108 -0.03 -1.78 -14.37
CA SER A 108 0.78 -2.53 -15.32
C SER A 108 1.05 -1.69 -16.56
N GLY A 109 2.30 -1.71 -16.99
CA GLY A 109 2.70 -0.95 -18.17
C GLY A 109 3.86 -1.64 -18.89
N PRO A 110 4.10 -1.18 -20.15
CA PRO A 110 5.18 -1.74 -20.96
C PRO A 110 6.55 -1.26 -20.47
N SER A 111 6.62 0.03 -20.23
CA SER A 111 7.86 0.63 -19.76
C SER A 111 8.97 0.42 -20.79
N SER A 112 9.22 1.46 -21.56
CA SER A 112 10.25 1.41 -22.59
C SER A 112 11.61 1.73 -21.99
N GLY A 113 11.71 2.92 -21.40
CA GLY A 113 12.95 3.34 -20.77
C GLY A 113 13.61 2.19 -20.02
N GLY A 1 16.45 -16.09 -0.37
CA GLY A 1 16.44 -16.51 1.02
C GLY A 1 15.64 -15.54 1.88
N SER A 2 16.33 -14.91 2.82
CA SER A 2 15.70 -13.96 3.71
C SER A 2 16.30 -12.57 3.53
N SER A 3 15.52 -11.68 2.96
CA SER A 3 15.96 -10.31 2.72
C SER A 3 15.11 -9.33 3.52
N GLY A 4 15.59 -8.99 4.70
CA GLY A 4 14.88 -8.06 5.56
C GLY A 4 14.57 -8.70 6.92
N SER A 5 14.63 -7.88 7.95
CA SER A 5 14.35 -8.34 9.30
C SER A 5 14.37 -7.17 10.28
N SER A 6 15.53 -6.51 10.33
CA SER A 6 15.70 -5.37 11.22
C SER A 6 15.57 -5.83 12.67
N GLY A 7 16.15 -5.03 13.56
CA GLY A 7 16.11 -5.33 14.98
C GLY A 7 15.12 -4.42 15.70
N PRO A 8 13.95 -5.00 16.06
CA PRO A 8 12.92 -4.25 16.75
C PRO A 8 13.29 -4.04 18.22
N PHE A 9 13.80 -2.85 18.50
CA PHE A 9 14.20 -2.51 19.86
C PHE A 9 13.96 -1.03 20.14
N CYS A 10 12.81 -0.75 20.74
CA CYS A 10 12.45 0.62 21.06
C CYS A 10 12.35 1.42 19.77
N ALA A 11 11.24 1.22 19.07
CA ALA A 11 11.00 1.92 17.81
C ALA A 11 9.53 1.75 17.42
N MET A 12 9.12 0.51 17.25
CA MET A 12 7.75 0.21 16.87
C MET A 12 6.79 0.56 18.01
N GLU A 13 5.51 0.63 17.66
CA GLU A 13 4.48 0.94 18.63
C GLU A 13 3.10 0.88 17.98
N ASN A 14 3.03 1.35 16.75
CA ASN A 14 1.79 1.36 16.01
C ASN A 14 1.66 0.06 15.21
N GLN A 15 0.42 -0.36 15.00
CA GLN A 15 0.15 -1.58 14.26
C GLN A 15 0.95 -1.59 12.95
N VAL A 16 0.90 -2.73 12.29
CA VAL A 16 1.61 -2.89 11.02
C VAL A 16 0.71 -2.41 9.89
N LEU A 17 1.33 -2.21 8.73
CA LEU A 17 0.60 -1.76 7.55
C LEU A 17 0.23 -2.97 6.69
N VAL A 18 -0.94 -2.87 6.09
CA VAL A 18 -1.42 -3.95 5.23
C VAL A 18 -1.86 -3.36 3.88
N ILE A 19 -1.09 -3.71 2.85
CA ILE A 19 -1.38 -3.24 1.51
C ILE A 19 -2.17 -4.31 0.75
N ARG A 20 -3.37 -3.92 0.33
CA ARG A 20 -4.23 -4.83 -0.41
C ARG A 20 -4.12 -4.57 -1.91
N ILE A 21 -3.39 -5.44 -2.58
CA ILE A 21 -3.20 -5.31 -4.01
C ILE A 21 -4.48 -5.73 -4.73
N LYS A 22 -5.22 -4.73 -5.18
CA LYS A 22 -6.46 -4.97 -5.89
C LYS A 22 -6.17 -5.74 -7.19
N ILE A 23 -6.32 -7.04 -7.10
CA ILE A 23 -6.09 -7.90 -8.26
C ILE A 23 -7.09 -7.56 -9.36
N PRO A 24 -6.59 -7.60 -10.62
CA PRO A 24 -7.42 -7.29 -11.77
C PRO A 24 -8.38 -8.45 -12.07
N ASN A 25 -9.65 -8.11 -12.18
CA ASN A 25 -10.67 -9.11 -12.46
C ASN A 25 -10.53 -10.28 -11.49
N SER A 26 -10.18 -9.94 -10.26
CA SER A 26 -10.00 -10.94 -9.23
C SER A 26 -10.19 -10.31 -7.84
N GLY A 27 -9.61 -10.96 -6.84
CA GLY A 27 -9.71 -10.48 -5.48
C GLY A 27 -8.64 -9.41 -5.19
N ALA A 28 -8.08 -9.51 -4.00
CA ALA A 28 -7.05 -8.56 -3.59
C ALA A 28 -6.19 -9.20 -2.50
N VAL A 29 -4.89 -9.26 -2.77
CA VAL A 29 -3.95 -9.84 -1.83
C VAL A 29 -3.45 -8.75 -0.89
N ASP A 30 -3.22 -9.13 0.36
CA ASP A 30 -2.74 -8.20 1.36
C ASP A 30 -1.25 -8.45 1.61
N TRP A 31 -0.45 -7.42 1.38
CA TRP A 31 0.98 -7.52 1.58
C TRP A 31 1.29 -7.10 3.02
N THR A 32 1.55 -8.10 3.85
CA THR A 32 1.86 -7.85 5.24
C THR A 32 3.12 -6.98 5.37
N VAL A 33 2.88 -5.69 5.60
CA VAL A 33 3.98 -4.75 5.74
C VAL A 33 4.11 -4.35 7.22
N HIS A 34 5.35 -4.43 7.70
CA HIS A 34 5.63 -4.09 9.08
C HIS A 34 6.28 -2.71 9.14
N SER A 35 7.23 -2.49 8.24
CA SER A 35 7.92 -1.21 8.18
C SER A 35 7.12 -0.22 7.35
N GLY A 36 5.93 0.08 7.83
CA GLY A 36 5.06 1.02 7.14
C GLY A 36 5.83 2.25 6.67
N PRO A 37 6.53 2.90 7.65
CA PRO A 37 7.31 4.09 7.36
C PRO A 37 8.61 3.72 6.64
N GLN A 38 9.12 2.55 6.98
CA GLN A 38 10.35 2.07 6.36
C GLN A 38 10.05 1.30 5.08
N LEU A 39 9.11 1.83 4.32
CA LEU A 39 8.72 1.20 3.07
C LEU A 39 9.08 2.13 1.90
N LEU A 40 9.84 1.57 0.97
CA LEU A 40 10.27 2.33 -0.20
C LEU A 40 9.37 1.99 -1.38
N PHE A 41 9.34 2.89 -2.34
CA PHE A 41 8.53 2.69 -3.54
C PHE A 41 8.90 1.39 -4.25
N ARG A 42 10.20 1.20 -4.43
CA ARG A 42 10.70 0.00 -5.09
C ARG A 42 10.15 -1.25 -4.41
N ASP A 43 10.31 -1.28 -3.09
CA ASP A 43 9.84 -2.42 -2.31
C ASP A 43 8.44 -2.81 -2.79
N VAL A 44 7.57 -1.81 -2.86
CA VAL A 44 6.21 -2.03 -3.31
C VAL A 44 6.22 -2.76 -4.65
N LEU A 45 7.07 -2.27 -5.55
CA LEU A 45 7.19 -2.86 -6.87
C LEU A 45 7.82 -4.25 -6.75
N ASP A 46 8.77 -4.36 -5.83
CA ASP A 46 9.45 -5.62 -5.61
C ASP A 46 8.45 -6.65 -5.08
N VAL A 47 7.39 -6.14 -4.48
CA VAL A 47 6.35 -7.01 -3.94
C VAL A 47 5.27 -7.24 -4.99
N ILE A 48 4.66 -6.16 -5.43
CA ILE A 48 3.62 -6.23 -6.45
C ILE A 48 4.04 -7.24 -7.52
N GLY A 49 5.27 -7.09 -7.98
CA GLY A 49 5.80 -7.96 -9.01
C GLY A 49 5.47 -9.42 -8.70
N GLN A 50 5.61 -9.78 -7.43
CA GLN A 50 5.32 -11.14 -7.00
C GLN A 50 3.83 -11.43 -7.14
N VAL A 51 3.03 -10.40 -6.96
CA VAL A 51 1.59 -10.54 -7.07
C VAL A 51 1.20 -10.63 -8.54
N LEU A 52 1.85 -9.81 -9.35
CA LEU A 52 1.59 -9.78 -10.78
C LEU A 52 2.87 -10.13 -11.54
N PRO A 53 3.19 -11.45 -11.56
CA PRO A 53 4.38 -11.91 -12.25
C PRO A 53 4.19 -11.90 -13.77
N GLU A 54 2.93 -11.91 -14.17
CA GLU A 54 2.58 -11.90 -15.58
C GLU A 54 2.19 -10.49 -16.03
N ALA A 55 2.30 -9.56 -15.08
CA ALA A 55 1.96 -8.17 -15.36
C ALA A 55 2.76 -7.27 -14.42
N THR A 56 4.02 -7.06 -14.78
CA THR A 56 4.90 -6.21 -14.00
C THR A 56 4.20 -4.90 -13.65
N THR A 57 4.87 -4.11 -12.81
CA THR A 57 4.33 -2.84 -12.39
C THR A 57 5.43 -1.96 -11.81
N THR A 58 5.36 -0.67 -12.13
CA THR A 58 6.35 0.28 -11.65
C THR A 58 5.71 1.24 -10.65
N ALA A 59 4.45 1.57 -10.92
CA ALA A 59 3.72 2.49 -10.06
C ALA A 59 2.41 1.82 -9.62
N PHE A 60 1.70 2.51 -8.74
CA PHE A 60 0.44 2.00 -8.23
C PHE A 60 -0.43 3.14 -7.69
N GLU A 61 -1.74 2.94 -7.80
CA GLU A 61 -2.69 3.93 -7.33
C GLU A 61 -3.33 3.48 -6.01
N TYR A 62 -3.81 4.46 -5.26
CA TYR A 62 -4.45 4.18 -3.98
C TYR A 62 -5.52 5.21 -3.67
N GLU A 63 -6.69 4.71 -3.30
CA GLU A 63 -7.81 5.58 -2.96
C GLU A 63 -7.44 6.48 -1.77
N ASP A 64 -7.81 7.75 -1.90
CA ASP A 64 -7.52 8.71 -0.86
C ASP A 64 -8.79 8.93 -0.02
N GLU A 65 -8.89 10.12 0.55
CA GLU A 65 -10.04 10.46 1.38
C GLU A 65 -11.32 10.44 0.55
N ASP A 66 -11.28 11.13 -0.57
CA ASP A 66 -12.43 11.20 -1.47
C ASP A 66 -12.41 9.99 -2.39
N GLY A 67 -11.57 9.02 -2.06
CA GLY A 67 -11.45 7.82 -2.86
C GLY A 67 -10.76 8.11 -4.19
N ASP A 68 -10.05 9.24 -4.23
CA ASP A 68 -9.35 9.64 -5.43
C ASP A 68 -8.13 8.74 -5.63
N ARG A 69 -8.16 7.97 -6.70
CA ARG A 69 -7.07 7.07 -7.01
C ARG A 69 -5.79 7.87 -7.29
N ILE A 70 -4.95 7.96 -6.27
CA ILE A 70 -3.69 8.68 -6.40
C ILE A 70 -2.72 7.86 -7.26
N THR A 71 -1.57 8.47 -7.52
CA THR A 71 -0.56 7.81 -8.33
C THR A 71 0.84 8.02 -7.71
N VAL A 72 1.47 6.91 -7.36
CA VAL A 72 2.78 6.96 -6.76
C VAL A 72 3.83 6.54 -7.81
N ARG A 73 4.56 7.53 -8.29
CA ARG A 73 5.58 7.27 -9.29
C ARG A 73 6.97 7.52 -8.70
N SER A 74 6.98 7.93 -7.44
CA SER A 74 8.23 8.21 -6.74
C SER A 74 8.06 7.94 -5.25
N ASP A 75 9.19 8.02 -4.55
CA ASP A 75 9.17 7.79 -3.11
C ASP A 75 8.32 8.86 -2.43
N GLU A 76 8.48 10.09 -2.91
CA GLU A 76 7.74 11.21 -2.36
C GLU A 76 6.25 10.86 -2.26
N GLU A 77 5.68 10.50 -3.40
CA GLU A 77 4.28 10.14 -3.45
C GLU A 77 3.96 9.06 -2.43
N MET A 78 4.87 8.09 -2.33
CA MET A 78 4.70 7.00 -1.40
C MET A 78 4.47 7.52 0.02
N LYS A 79 5.50 8.13 0.57
CA LYS A 79 5.42 8.68 1.92
C LYS A 79 4.07 9.37 2.09
N ALA A 80 3.62 10.01 1.04
CA ALA A 80 2.35 10.72 1.06
C ALA A 80 1.22 9.70 1.27
N MET A 81 1.16 8.73 0.37
CA MET A 81 0.14 7.71 0.46
C MET A 81 0.09 7.09 1.85
N LEU A 82 1.28 6.84 2.39
CA LEU A 82 1.39 6.25 3.72
C LEU A 82 1.04 7.29 4.78
N SER A 83 1.44 8.53 4.48
CA SER A 83 1.17 9.63 5.39
C SER A 83 -0.34 9.80 5.60
N TYR A 84 -1.08 9.52 4.54
CA TYR A 84 -2.53 9.62 4.59
C TYR A 84 -3.15 8.41 5.29
N TYR A 85 -2.93 7.25 4.70
CA TYR A 85 -3.45 6.01 5.26
C TYR A 85 -3.41 6.04 6.79
N TYR A 86 -2.27 6.44 7.31
CA TYR A 86 -2.08 6.52 8.75
C TYR A 86 -2.87 7.69 9.34
N SER A 87 -2.83 8.80 8.62
CA SER A 87 -3.54 10.00 9.06
C SER A 87 -5.04 9.73 9.14
N THR A 88 -5.49 8.81 8.28
CA THR A 88 -6.90 8.46 8.25
C THR A 88 -7.15 7.21 9.11
N VAL A 89 -6.22 6.27 9.02
CA VAL A 89 -6.33 5.04 9.77
C VAL A 89 -6.49 5.36 11.25
N MET A 90 -5.57 6.18 11.75
CA MET A 90 -5.60 6.57 13.15
C MET A 90 -6.97 7.16 13.52
N GLU A 91 -7.60 7.77 12.54
CA GLU A 91 -8.91 8.37 12.74
C GLU A 91 -9.99 7.29 12.84
N GLN A 92 -9.78 6.22 12.09
CA GLN A 92 -10.72 5.11 12.08
C GLN A 92 -10.69 4.38 13.42
N GLN A 93 -9.61 4.58 14.15
CA GLN A 93 -9.44 3.95 15.45
C GLN A 93 -10.11 4.80 16.53
N VAL A 94 -9.82 6.10 16.49
CA VAL A 94 -10.38 7.03 17.47
C VAL A 94 -11.89 7.01 17.35
N ASN A 95 -12.38 6.72 16.15
CA ASN A 95 -13.80 6.67 15.90
C ASN A 95 -14.36 5.35 16.44
N GLY A 96 -13.82 4.26 15.92
CA GLY A 96 -14.25 2.94 16.34
C GLY A 96 -14.16 1.94 15.18
N GLN A 97 -14.73 2.33 14.05
CA GLN A 97 -14.71 1.49 12.87
C GLN A 97 -13.37 0.78 12.75
N LEU A 98 -13.40 -0.40 12.14
CA LEU A 98 -12.19 -1.19 11.94
C LEU A 98 -11.34 -0.53 10.86
N ILE A 99 -10.04 -0.77 10.95
CA ILE A 99 -9.11 -0.22 9.99
C ILE A 99 -9.20 -1.01 8.68
N GLU A 100 -9.02 -0.30 7.57
CA GLU A 100 -9.09 -0.92 6.26
C GLU A 100 -7.68 -1.03 5.67
N PRO A 101 -7.51 -2.07 4.80
CA PRO A 101 -6.23 -2.28 4.15
C PRO A 101 -6.00 -1.27 3.04
N LEU A 102 -4.76 -0.79 2.96
CA LEU A 102 -4.40 0.19 1.95
C LEU A 102 -4.83 -0.32 0.58
N GLN A 103 -6.03 0.06 0.18
CA GLN A 103 -6.56 -0.34 -1.10
C GLN A 103 -5.80 0.34 -2.24
N ILE A 104 -4.74 -0.33 -2.69
CA ILE A 104 -3.93 0.20 -3.76
C ILE A 104 -4.30 -0.50 -5.07
N PHE A 105 -3.51 -0.22 -6.09
CA PHE A 105 -3.75 -0.82 -7.41
C PHE A 105 -2.47 -0.82 -8.24
N PRO A 106 -2.12 -2.05 -8.74
CA PRO A 106 -0.92 -2.21 -9.54
C PRO A 106 -1.14 -1.65 -10.96
N ARG A 107 -0.65 -0.44 -11.17
CA ARG A 107 -0.79 0.21 -12.46
C ARG A 107 -0.48 -0.79 -13.58
N SER A 108 0.75 -1.27 -13.60
CA SER A 108 1.16 -2.22 -14.62
C SER A 108 1.14 -1.57 -15.99
N GLY A 109 2.05 -2.02 -16.85
CA GLY A 109 2.14 -1.48 -18.20
C GLY A 109 3.28 -2.16 -18.97
N PRO A 110 3.15 -2.12 -20.32
CA PRO A 110 4.16 -2.71 -21.19
C PRO A 110 5.41 -1.83 -21.25
N SER A 111 6.15 -1.85 -20.14
CA SER A 111 7.38 -1.07 -20.06
C SER A 111 8.57 -1.99 -19.83
N SER A 112 9.76 -1.42 -19.97
CA SER A 112 10.98 -2.18 -19.79
C SER A 112 11.21 -3.10 -20.98
N GLY A 113 10.41 -4.15 -21.03
CA GLY A 113 10.51 -5.12 -22.12
C GLY A 113 10.88 -6.50 -21.58
N GLY A 1 17.45 -19.39 13.95
CA GLY A 1 17.08 -19.67 12.58
C GLY A 1 17.16 -18.40 11.72
N SER A 2 18.08 -18.45 10.77
CA SER A 2 18.29 -17.32 9.88
C SER A 2 18.39 -16.02 10.68
N SER A 3 19.57 -15.80 11.25
CA SER A 3 19.82 -14.61 12.05
C SER A 3 20.94 -13.78 11.42
N GLY A 4 20.53 -12.70 10.78
CA GLY A 4 21.49 -11.81 10.13
C GLY A 4 21.29 -10.36 10.58
N SER A 5 22.39 -9.63 10.64
CA SER A 5 22.35 -8.24 11.06
C SER A 5 22.36 -7.33 9.82
N SER A 6 21.18 -7.12 9.27
CA SER A 6 21.04 -6.28 8.09
C SER A 6 19.56 -5.99 7.82
N GLY A 7 19.31 -4.82 7.25
CA GLY A 7 17.95 -4.42 6.94
C GLY A 7 17.37 -3.56 8.06
N PRO A 8 16.29 -4.10 8.70
CA PRO A 8 15.63 -3.40 9.78
C PRO A 8 16.46 -3.46 11.06
N PHE A 9 16.58 -2.30 11.71
CA PHE A 9 17.34 -2.22 12.94
C PHE A 9 16.43 -2.28 14.16
N CYS A 10 15.41 -1.43 14.16
CA CYS A 10 14.46 -1.40 15.25
C CYS A 10 13.11 -0.94 14.70
N ALA A 11 12.06 -1.56 15.19
CA ALA A 11 10.71 -1.23 14.76
C ALA A 11 9.70 -1.90 15.70
N MET A 12 8.80 -1.08 16.21
CA MET A 12 7.77 -1.57 17.12
C MET A 12 6.45 -0.84 16.90
N GLU A 13 5.36 -1.61 16.94
CA GLU A 13 4.04 -1.04 16.75
C GLU A 13 2.96 -2.08 17.07
N ASN A 14 1.93 -1.63 17.76
CA ASN A 14 0.84 -2.51 18.14
C ASN A 14 0.37 -3.29 16.91
N GLN A 15 0.08 -2.55 15.86
CA GLN A 15 -0.39 -3.15 14.62
C GLN A 15 0.62 -2.89 13.49
N VAL A 16 0.41 -3.58 12.39
CA VAL A 16 1.27 -3.43 11.23
C VAL A 16 0.47 -2.85 10.06
N LEU A 17 1.18 -2.59 8.97
CA LEU A 17 0.54 -2.05 7.78
C LEU A 17 0.23 -3.18 6.80
N VAL A 18 -0.99 -3.19 6.33
CA VAL A 18 -1.43 -4.21 5.38
C VAL A 18 -1.90 -3.54 4.09
N ILE A 19 -1.20 -3.87 3.02
CA ILE A 19 -1.52 -3.30 1.71
C ILE A 19 -2.30 -4.34 0.90
N ARG A 20 -3.45 -3.88 0.39
CA ARG A 20 -4.30 -4.76 -0.40
C ARG A 20 -4.18 -4.40 -1.88
N ILE A 21 -3.44 -5.23 -2.60
CA ILE A 21 -3.25 -5.02 -4.03
C ILE A 21 -4.46 -5.56 -4.79
N LYS A 22 -5.13 -4.65 -5.49
CA LYS A 22 -6.31 -5.03 -6.27
C LYS A 22 -5.88 -5.93 -7.42
N ILE A 23 -6.47 -7.12 -7.45
CA ILE A 23 -6.17 -8.08 -8.50
C ILE A 23 -7.25 -8.00 -9.58
N PRO A 24 -6.78 -8.14 -10.85
CA PRO A 24 -7.69 -8.08 -11.98
C PRO A 24 -8.49 -9.39 -12.10
N ASN A 25 -9.80 -9.24 -12.04
CA ASN A 25 -10.69 -10.40 -12.14
C ASN A 25 -10.08 -11.57 -11.37
N SER A 26 -10.15 -11.46 -10.05
CA SER A 26 -9.62 -12.51 -9.18
C SER A 26 -10.03 -12.24 -7.73
N GLY A 27 -9.42 -11.21 -7.15
CA GLY A 27 -9.70 -10.84 -5.78
C GLY A 27 -8.76 -9.75 -5.29
N ALA A 28 -7.83 -10.14 -4.44
CA ALA A 28 -6.86 -9.20 -3.90
C ALA A 28 -5.91 -9.94 -2.96
N VAL A 29 -4.73 -9.36 -2.79
CA VAL A 29 -3.73 -9.95 -1.92
C VAL A 29 -3.31 -8.93 -0.86
N ASP A 30 -3.04 -9.43 0.33
CA ASP A 30 -2.62 -8.58 1.43
C ASP A 30 -1.12 -8.77 1.68
N TRP A 31 -0.39 -7.67 1.55
CA TRP A 31 1.05 -7.71 1.75
C TRP A 31 1.32 -7.27 3.20
N THR A 32 1.69 -8.23 4.01
CA THR A 32 1.99 -7.96 5.42
C THR A 32 3.22 -7.06 5.53
N VAL A 33 2.98 -5.80 5.81
CA VAL A 33 4.05 -4.84 5.96
C VAL A 33 4.20 -4.46 7.43
N HIS A 34 5.43 -4.61 7.92
CA HIS A 34 5.73 -4.30 9.31
C HIS A 34 6.42 -2.94 9.39
N SER A 35 7.28 -2.69 8.41
CA SER A 35 8.01 -1.43 8.36
C SER A 35 7.19 -0.37 7.63
N GLY A 36 5.98 -0.15 8.13
CA GLY A 36 5.09 0.82 7.53
C GLY A 36 5.83 2.12 7.20
N PRO A 37 6.52 2.66 8.25
CA PRO A 37 7.26 3.90 8.09
C PRO A 37 8.57 3.64 7.32
N GLN A 38 9.09 2.44 7.48
CA GLN A 38 10.32 2.07 6.81
C GLN A 38 10.02 1.29 5.53
N LEU A 39 9.15 1.88 4.72
CA LEU A 39 8.77 1.26 3.46
C LEU A 39 9.19 2.16 2.30
N LEU A 40 9.65 1.53 1.24
CA LEU A 40 10.10 2.27 0.06
C LEU A 40 9.20 1.90 -1.13
N PHE A 41 9.26 2.73 -2.15
CA PHE A 41 8.47 2.51 -3.35
C PHE A 41 8.82 1.18 -4.01
N ARG A 42 10.11 1.04 -4.32
CA ARG A 42 10.60 -0.17 -4.95
C ARG A 42 10.02 -1.41 -4.26
N ASP A 43 10.17 -1.44 -2.94
CA ASP A 43 9.66 -2.55 -2.16
C ASP A 43 8.28 -2.96 -2.69
N VAL A 44 7.43 -1.95 -2.87
CA VAL A 44 6.09 -2.19 -3.36
C VAL A 44 6.17 -2.90 -4.72
N LEU A 45 7.00 -2.37 -5.58
CA LEU A 45 7.18 -2.94 -6.91
C LEU A 45 7.79 -4.35 -6.77
N ASP A 46 8.69 -4.47 -5.80
CA ASP A 46 9.35 -5.74 -5.57
C ASP A 46 8.31 -6.78 -5.16
N VAL A 47 7.29 -6.31 -4.45
CA VAL A 47 6.23 -7.20 -3.99
C VAL A 47 5.23 -7.42 -5.13
N ILE A 48 4.64 -6.31 -5.57
CA ILE A 48 3.67 -6.37 -6.65
C ILE A 48 4.21 -7.26 -7.78
N GLY A 49 5.50 -7.09 -8.05
CA GLY A 49 6.15 -7.87 -9.09
C GLY A 49 5.85 -9.36 -8.93
N GLN A 50 5.58 -9.74 -7.69
CA GLN A 50 5.28 -11.13 -7.39
C GLN A 50 3.78 -11.39 -7.52
N VAL A 51 3.01 -10.33 -7.32
CA VAL A 51 1.57 -10.43 -7.41
C VAL A 51 1.15 -10.42 -8.89
N LEU A 52 1.67 -9.44 -9.61
CA LEU A 52 1.37 -9.31 -11.03
C LEU A 52 2.67 -9.37 -11.82
N PRO A 53 3.18 -10.62 -11.99
CA PRO A 53 4.40 -10.84 -12.74
C PRO A 53 4.17 -10.69 -14.25
N GLU A 54 2.90 -10.78 -14.62
CA GLU A 54 2.52 -10.66 -16.01
C GLU A 54 1.85 -9.31 -16.28
N ALA A 55 1.84 -8.47 -15.24
CA ALA A 55 1.24 -7.15 -15.34
C ALA A 55 2.19 -6.13 -14.73
N THR A 56 2.81 -5.34 -15.61
CA THR A 56 3.73 -4.31 -15.17
C THR A 56 3.03 -3.32 -14.25
N THR A 57 3.81 -2.74 -13.35
CA THR A 57 3.29 -1.76 -12.41
C THR A 57 4.14 -0.50 -12.42
N THR A 58 5.23 -0.56 -11.67
CA THR A 58 6.13 0.58 -11.57
C THR A 58 5.40 1.80 -11.03
N ALA A 59 4.24 1.55 -10.44
CA ALA A 59 3.43 2.61 -9.89
C ALA A 59 2.04 2.07 -9.55
N PHE A 60 1.45 2.65 -8.51
CA PHE A 60 0.12 2.24 -8.08
C PHE A 60 -0.72 3.45 -7.66
N GLU A 61 -1.96 3.17 -7.31
CA GLU A 61 -2.87 4.22 -6.89
C GLU A 61 -3.53 3.86 -5.56
N TYR A 62 -3.97 4.88 -4.85
CA TYR A 62 -4.61 4.69 -3.56
C TYR A 62 -5.62 5.80 -3.28
N GLU A 63 -6.83 5.39 -2.90
CA GLU A 63 -7.88 6.34 -2.59
C GLU A 63 -7.47 7.23 -1.42
N ASP A 64 -7.75 8.51 -1.57
CA ASP A 64 -7.42 9.48 -0.54
C ASP A 64 -8.69 9.85 0.24
N GLU A 65 -8.68 11.06 0.79
CA GLU A 65 -9.81 11.54 1.55
C GLU A 65 -11.09 11.45 0.71
N ASP A 66 -11.05 12.09 -0.44
CA ASP A 66 -12.20 12.09 -1.34
C ASP A 66 -12.06 10.93 -2.33
N GLY A 67 -11.32 9.93 -1.91
CA GLY A 67 -11.11 8.75 -2.74
C GLY A 67 -10.98 9.15 -4.22
N ASP A 68 -10.02 10.04 -4.48
CA ASP A 68 -9.79 10.51 -5.83
C ASP A 68 -8.74 9.61 -6.49
N ARG A 69 -8.32 8.59 -5.76
CA ARG A 69 -7.33 7.66 -6.26
C ARG A 69 -6.06 8.40 -6.68
N ILE A 70 -5.07 8.34 -5.81
CA ILE A 70 -3.80 9.01 -6.08
C ILE A 70 -2.90 8.08 -6.91
N THR A 71 -1.73 8.59 -7.24
CA THR A 71 -0.78 7.82 -8.02
C THR A 71 0.63 7.98 -7.46
N VAL A 72 1.26 6.84 -7.19
CA VAL A 72 2.61 6.85 -6.65
C VAL A 72 3.59 6.34 -7.71
N ARG A 73 4.26 7.28 -8.35
CA ARG A 73 5.22 6.95 -9.38
C ARG A 73 6.65 7.21 -8.90
N SER A 74 6.74 7.63 -7.64
CA SER A 74 8.03 7.93 -7.04
C SER A 74 7.94 7.78 -5.53
N ASP A 75 9.12 7.66 -4.91
CA ASP A 75 9.19 7.50 -3.47
C ASP A 75 8.44 8.66 -2.80
N GLU A 76 8.66 9.85 -3.33
CA GLU A 76 8.02 11.04 -2.80
C GLU A 76 6.52 10.78 -2.59
N GLU A 77 5.86 10.43 -3.69
CA GLU A 77 4.44 10.15 -3.64
C GLU A 77 4.13 9.11 -2.56
N MET A 78 5.00 8.11 -2.48
CA MET A 78 4.84 7.05 -1.50
C MET A 78 4.59 7.63 -0.10
N LYS A 79 5.62 8.31 0.41
CA LYS A 79 5.53 8.90 1.73
C LYS A 79 4.15 9.54 1.91
N ALA A 80 3.77 10.35 0.92
CA ALA A 80 2.48 11.02 0.96
C ALA A 80 1.38 9.99 1.20
N MET A 81 1.32 9.02 0.30
CA MET A 81 0.33 7.96 0.39
C MET A 81 0.25 7.41 1.82
N LEU A 82 1.42 7.18 2.40
CA LEU A 82 1.51 6.66 3.74
C LEU A 82 1.09 7.75 4.74
N SER A 83 1.32 8.99 4.34
CA SER A 83 0.97 10.12 5.17
C SER A 83 -0.54 10.23 5.31
N TYR A 84 -1.24 9.53 4.43
CA TYR A 84 -2.69 9.54 4.44
C TYR A 84 -3.24 8.34 5.22
N TYR A 85 -2.78 7.16 4.83
CA TYR A 85 -3.22 5.94 5.49
C TYR A 85 -3.17 6.09 7.01
N TYR A 86 -2.06 6.63 7.48
CA TYR A 86 -1.88 6.84 8.91
C TYR A 86 -2.75 7.97 9.43
N SER A 87 -2.93 8.97 8.58
CA SER A 87 -3.74 10.12 8.93
C SER A 87 -5.22 9.72 9.00
N THR A 88 -5.56 8.70 8.23
CA THR A 88 -6.92 8.21 8.19
C THR A 88 -7.09 7.02 9.14
N VAL A 89 -6.09 6.15 9.12
CA VAL A 89 -6.12 4.97 9.97
C VAL A 89 -6.36 5.39 11.41
N MET A 90 -5.52 6.31 11.89
CA MET A 90 -5.65 6.81 13.25
C MET A 90 -7.05 7.37 13.51
N GLU A 91 -7.69 7.79 12.42
CA GLU A 91 -9.04 8.34 12.52
C GLU A 91 -10.07 7.23 12.61
N GLN A 92 -9.74 6.11 11.97
CA GLN A 92 -10.63 4.96 11.97
C GLN A 92 -10.66 4.32 13.36
N GLN A 93 -9.66 4.64 14.16
CA GLN A 93 -9.56 4.11 15.49
C GLN A 93 -10.31 5.00 16.48
N VAL A 94 -10.07 6.30 16.37
CA VAL A 94 -10.72 7.26 17.23
C VAL A 94 -12.24 7.16 17.05
N ASN A 95 -12.64 6.75 15.86
CA ASN A 95 -14.05 6.61 15.55
C ASN A 95 -14.60 5.36 16.24
N GLY A 96 -14.05 4.21 15.85
CA GLY A 96 -14.47 2.96 16.43
C GLY A 96 -14.21 1.80 15.46
N GLN A 97 -14.77 1.93 14.27
CA GLN A 97 -14.60 0.91 13.25
C GLN A 97 -13.15 0.42 13.21
N LEU A 98 -12.97 -0.75 12.64
CA LEU A 98 -11.64 -1.34 12.54
C LEU A 98 -10.87 -0.65 11.41
N ILE A 99 -9.58 -0.92 11.38
CA ILE A 99 -8.72 -0.33 10.36
C ILE A 99 -8.85 -1.14 9.06
N GLU A 100 -8.75 -0.43 7.95
CA GLU A 100 -8.85 -1.07 6.65
C GLU A 100 -7.46 -1.21 6.02
N PRO A 101 -7.35 -2.20 5.09
CA PRO A 101 -6.09 -2.44 4.40
C PRO A 101 -5.83 -1.37 3.34
N LEU A 102 -4.57 -0.97 3.26
CA LEU A 102 -4.18 0.04 2.29
C LEU A 102 -4.51 -0.45 0.88
N GLN A 103 -5.74 -0.18 0.47
CA GLN A 103 -6.19 -0.59 -0.85
C GLN A 103 -5.42 0.16 -1.93
N ILE A 104 -4.57 -0.58 -2.64
CA ILE A 104 -3.77 0.01 -3.71
C ILE A 104 -4.04 -0.73 -5.01
N PHE A 105 -3.73 -0.07 -6.12
CA PHE A 105 -3.92 -0.67 -7.43
C PHE A 105 -2.66 -0.56 -8.27
N PRO A 106 -2.20 -1.75 -8.77
CA PRO A 106 -1.02 -1.81 -9.60
C PRO A 106 -1.28 -1.27 -11.00
N ARG A 107 -0.94 0.00 -11.20
CA ARG A 107 -1.14 0.63 -12.49
C ARG A 107 -0.57 -0.23 -13.60
N SER A 108 -0.92 0.13 -14.83
CA SER A 108 -0.44 -0.61 -15.99
C SER A 108 -0.54 0.27 -17.25
N GLY A 109 0.26 -0.07 -18.23
CA GLY A 109 0.28 0.67 -19.48
C GLY A 109 0.88 -0.16 -20.61
N PRO A 110 0.94 0.46 -21.82
CA PRO A 110 1.49 -0.21 -22.98
C PRO A 110 3.02 -0.28 -22.90
N SER A 111 3.60 -1.07 -23.80
CA SER A 111 5.04 -1.23 -23.84
C SER A 111 5.52 -1.95 -22.57
N SER A 112 6.55 -2.76 -22.76
CA SER A 112 7.12 -3.51 -21.64
C SER A 112 8.07 -2.61 -20.85
N GLY A 113 7.78 -2.50 -19.56
CA GLY A 113 8.59 -1.68 -18.68
C GLY A 113 8.54 -0.21 -19.09
N GLY A 1 -6.99 -35.86 7.77
CA GLY A 1 -5.93 -35.60 8.74
C GLY A 1 -6.37 -34.55 9.77
N SER A 2 -5.55 -34.40 10.78
CA SER A 2 -5.84 -33.44 11.84
C SER A 2 -4.55 -33.08 12.60
N SER A 3 -4.29 -31.78 12.67
CA SER A 3 -3.11 -31.30 13.36
C SER A 3 -3.24 -29.81 13.65
N GLY A 4 -2.61 -29.38 14.74
CA GLY A 4 -2.65 -27.99 15.13
C GLY A 4 -2.87 -27.85 16.63
N SER A 5 -1.99 -27.10 17.27
CA SER A 5 -2.09 -26.87 18.70
C SER A 5 -1.63 -25.45 19.04
N SER A 6 -0.41 -25.14 18.64
CA SER A 6 0.15 -23.82 18.90
C SER A 6 -0.51 -22.79 17.98
N GLY A 7 -1.05 -21.76 18.61
CA GLY A 7 -1.70 -20.69 17.87
C GLY A 7 -2.71 -19.96 18.75
N PRO A 8 -2.17 -19.01 19.57
CA PRO A 8 -3.02 -18.23 20.46
C PRO A 8 -3.79 -17.16 19.69
N PHE A 9 -5.03 -16.95 20.12
CA PHE A 9 -5.89 -15.97 19.47
C PHE A 9 -6.13 -14.77 20.39
N CYS A 10 -5.78 -13.59 19.89
CA CYS A 10 -5.95 -12.37 20.66
C CYS A 10 -5.60 -11.19 19.74
N ALA A 11 -6.64 -10.45 19.37
CA ALA A 11 -6.46 -9.30 18.51
C ALA A 11 -7.64 -8.34 18.69
N MET A 12 -7.32 -7.05 18.74
CA MET A 12 -8.34 -6.03 18.91
C MET A 12 -8.01 -4.79 18.09
N GLU A 13 -6.88 -4.18 18.44
CA GLU A 13 -6.45 -2.98 17.74
C GLU A 13 -5.61 -3.34 16.51
N ASN A 14 -5.61 -2.44 15.54
CA ASN A 14 -4.86 -2.66 14.32
C ASN A 14 -3.37 -2.81 14.64
N GLN A 15 -2.61 -3.17 13.63
CA GLN A 15 -1.17 -3.36 13.80
C GLN A 15 -0.48 -3.39 12.43
N VAL A 16 0.76 -2.92 12.42
CA VAL A 16 1.54 -2.90 11.20
C VAL A 16 0.68 -2.34 10.06
N LEU A 17 1.20 -2.47 8.85
CA LEU A 17 0.50 -1.98 7.67
C LEU A 17 0.12 -3.16 6.78
N VAL A 18 -1.00 -3.01 6.09
CA VAL A 18 -1.48 -4.05 5.20
C VAL A 18 -1.86 -3.43 3.86
N ILE A 19 -1.14 -3.85 2.82
CA ILE A 19 -1.38 -3.35 1.48
C ILE A 19 -2.23 -4.36 0.71
N ARG A 20 -3.41 -3.92 0.30
CA ARG A 20 -4.32 -4.76 -0.44
C ARG A 20 -4.21 -4.47 -1.94
N ILE A 21 -3.43 -5.31 -2.62
CA ILE A 21 -3.23 -5.16 -4.06
C ILE A 21 -4.52 -5.57 -4.79
N LYS A 22 -5.08 -4.61 -5.51
CA LYS A 22 -6.29 -4.87 -6.26
C LYS A 22 -5.96 -5.61 -7.55
N ILE A 23 -6.11 -6.92 -7.50
CA ILE A 23 -5.82 -7.76 -8.64
C ILE A 23 -6.77 -7.40 -9.78
N PRO A 24 -6.22 -7.43 -11.03
CA PRO A 24 -7.00 -7.11 -12.21
C PRO A 24 -7.95 -8.26 -12.56
N ASN A 25 -9.24 -7.99 -12.40
CA ASN A 25 -10.26 -8.99 -12.69
C ASN A 25 -9.91 -10.30 -11.98
N SER A 26 -10.06 -10.27 -10.65
CA SER A 26 -9.76 -11.44 -9.85
C SER A 26 -10.19 -11.20 -8.40
N GLY A 27 -9.21 -10.86 -7.58
CA GLY A 27 -9.48 -10.60 -6.18
C GLY A 27 -8.59 -9.46 -5.65
N ALA A 28 -7.85 -9.77 -4.59
CA ALA A 28 -6.96 -8.80 -3.98
C ALA A 28 -6.15 -9.47 -2.89
N VAL A 29 -4.83 -9.31 -3.00
CA VAL A 29 -3.93 -9.90 -2.02
C VAL A 29 -3.47 -8.82 -1.04
N ASP A 30 -3.23 -9.24 0.19
CA ASP A 30 -2.79 -8.32 1.23
C ASP A 30 -1.30 -8.57 1.52
N TRP A 31 -0.51 -7.54 1.28
CA TRP A 31 0.92 -7.63 1.51
C TRP A 31 1.19 -7.21 2.96
N THR A 32 1.50 -8.20 3.79
CA THR A 32 1.78 -7.94 5.18
C THR A 32 3.05 -7.10 5.32
N VAL A 33 2.84 -5.82 5.54
CA VAL A 33 3.96 -4.90 5.71
C VAL A 33 4.18 -4.62 7.19
N HIS A 34 5.44 -4.37 7.53
CA HIS A 34 5.80 -4.10 8.91
C HIS A 34 6.48 -2.73 9.00
N SER A 35 7.35 -2.47 8.03
CA SER A 35 8.06 -1.20 7.99
C SER A 35 7.24 -0.16 7.24
N GLY A 36 5.96 -0.10 7.58
CA GLY A 36 5.05 0.85 6.95
C GLY A 36 5.74 2.20 6.72
N PRO A 37 6.33 2.73 7.83
CA PRO A 37 7.03 4.00 7.76
C PRO A 37 8.37 3.86 7.06
N GLN A 38 9.00 2.71 7.29
CA GLN A 38 10.29 2.43 6.68
C GLN A 38 10.12 1.65 5.38
N LEU A 39 9.08 2.03 4.64
CA LEU A 39 8.80 1.37 3.36
C LEU A 39 9.20 2.31 2.22
N LEU A 40 9.67 1.69 1.14
CA LEU A 40 10.09 2.45 -0.02
C LEU A 40 9.21 2.07 -1.21
N PHE A 41 9.25 2.92 -2.24
CA PHE A 41 8.47 2.69 -3.43
C PHE A 41 8.87 1.38 -4.12
N ARG A 42 10.17 1.26 -4.37
CA ARG A 42 10.69 0.08 -5.02
C ARG A 42 10.17 -1.18 -4.33
N ASP A 43 10.33 -1.20 -3.01
CA ASP A 43 9.87 -2.33 -2.23
C ASP A 43 8.51 -2.80 -2.74
N VAL A 44 7.60 -1.84 -2.86
CA VAL A 44 6.26 -2.14 -3.34
C VAL A 44 6.36 -2.85 -4.69
N LEU A 45 7.14 -2.26 -5.58
CA LEU A 45 7.33 -2.82 -6.90
C LEU A 45 8.01 -4.19 -6.79
N ASP A 46 8.84 -4.31 -5.77
CA ASP A 46 9.56 -5.55 -5.54
C ASP A 46 8.58 -6.62 -5.05
N VAL A 47 7.51 -6.15 -4.42
CA VAL A 47 6.49 -7.04 -3.90
C VAL A 47 5.49 -7.36 -5.00
N ILE A 48 4.87 -6.31 -5.52
CA ILE A 48 3.89 -6.46 -6.58
C ILE A 48 4.42 -7.46 -7.61
N GLY A 49 5.70 -7.33 -7.91
CA GLY A 49 6.34 -8.21 -8.88
C GLY A 49 6.00 -9.67 -8.59
N GLN A 50 5.82 -9.97 -7.32
CA GLN A 50 5.51 -11.32 -6.88
C GLN A 50 4.02 -11.61 -7.10
N VAL A 51 3.23 -10.56 -6.97
CA VAL A 51 1.79 -10.68 -7.15
C VAL A 51 1.46 -10.74 -8.65
N LEU A 52 2.12 -9.86 -9.40
CA LEU A 52 1.90 -9.80 -10.83
C LEU A 52 3.23 -10.04 -11.54
N PRO A 53 3.62 -11.35 -11.61
CA PRO A 53 4.86 -11.73 -12.26
C PRO A 53 4.73 -11.66 -13.78
N GLU A 54 3.48 -11.70 -14.23
CA GLU A 54 3.20 -11.65 -15.65
C GLU A 54 2.79 -10.24 -16.07
N ALA A 55 2.57 -9.41 -15.06
CA ALA A 55 2.18 -8.03 -15.30
C ALA A 55 2.98 -7.11 -14.38
N THR A 56 4.16 -6.73 -14.85
CA THR A 56 5.03 -5.85 -14.07
C THR A 56 4.26 -4.61 -13.63
N THR A 57 4.98 -3.73 -12.93
CA THR A 57 4.37 -2.51 -12.43
C THR A 57 5.45 -1.57 -11.88
N THR A 58 5.38 -0.32 -12.29
CA THR A 58 6.33 0.68 -11.84
C THR A 58 5.62 1.84 -11.17
N ALA A 59 4.36 1.60 -10.81
CA ALA A 59 3.55 2.62 -10.16
C ALA A 59 2.17 2.03 -9.83
N PHE A 60 1.52 2.66 -8.87
CA PHE A 60 0.20 2.21 -8.45
C PHE A 60 -0.62 3.38 -7.89
N GLU A 61 -1.92 3.14 -7.76
CA GLU A 61 -2.82 4.16 -7.24
C GLU A 61 -3.40 3.71 -5.90
N TYR A 62 -3.86 4.70 -5.14
CA TYR A 62 -4.44 4.42 -3.83
C TYR A 62 -5.50 5.47 -3.47
N GLU A 63 -6.66 4.97 -3.08
CA GLU A 63 -7.76 5.84 -2.70
C GLU A 63 -7.37 6.69 -1.48
N ASP A 64 -7.56 7.99 -1.62
CA ASP A 64 -7.24 8.92 -0.54
C ASP A 64 -8.50 9.18 0.28
N GLU A 65 -8.52 10.36 0.90
CA GLU A 65 -9.66 10.75 1.72
C GLU A 65 -10.88 11.03 0.83
N ASP A 66 -10.62 11.69 -0.28
CA ASP A 66 -11.68 12.02 -1.22
C ASP A 66 -11.80 10.92 -2.28
N GLY A 67 -11.21 9.77 -1.95
CA GLY A 67 -11.24 8.64 -2.86
C GLY A 67 -11.13 9.10 -4.31
N ASP A 68 -10.04 9.81 -4.59
CA ASP A 68 -9.79 10.31 -5.93
C ASP A 68 -8.74 9.43 -6.62
N ARG A 69 -8.35 8.38 -5.91
CA ARG A 69 -7.35 7.46 -6.43
C ARG A 69 -6.09 8.22 -6.83
N ILE A 70 -5.11 8.19 -5.94
CA ILE A 70 -3.85 8.87 -6.19
C ILE A 70 -2.94 7.97 -7.05
N THR A 71 -1.76 8.48 -7.34
CA THR A 71 -0.81 7.74 -8.15
C THR A 71 0.59 7.84 -7.54
N VAL A 72 1.14 6.68 -7.19
CA VAL A 72 2.46 6.63 -6.60
C VAL A 72 3.48 6.25 -7.68
N ARG A 73 4.27 7.24 -8.07
CA ARG A 73 5.29 7.03 -9.09
C ARG A 73 6.69 7.11 -8.48
N SER A 74 6.78 7.91 -7.42
CA SER A 74 8.05 8.10 -6.73
C SER A 74 7.85 7.94 -5.22
N ASP A 75 8.97 7.91 -4.51
CA ASP A 75 8.94 7.78 -3.07
C ASP A 75 8.12 8.92 -2.47
N GLU A 76 8.16 10.05 -3.16
CA GLU A 76 7.43 11.23 -2.71
C GLU A 76 5.96 10.89 -2.51
N GLU A 77 5.35 10.35 -3.55
CA GLU A 77 3.94 9.98 -3.49
C GLU A 77 3.72 8.89 -2.44
N MET A 78 4.68 7.98 -2.37
CA MET A 78 4.60 6.88 -1.41
C MET A 78 4.40 7.41 0.01
N LYS A 79 5.44 8.06 0.53
CA LYS A 79 5.39 8.61 1.87
C LYS A 79 4.04 9.29 2.08
N ALA A 80 3.60 9.99 1.04
CA ALA A 80 2.33 10.69 1.10
C ALA A 80 1.20 9.68 1.34
N MET A 81 1.11 8.72 0.44
CA MET A 81 0.08 7.69 0.54
C MET A 81 0.04 7.11 1.96
N LEU A 82 1.22 6.88 2.51
CA LEU A 82 1.33 6.33 3.85
C LEU A 82 0.96 7.40 4.87
N SER A 83 1.50 8.60 4.65
CA SER A 83 1.24 9.71 5.54
C SER A 83 -0.27 9.90 5.72
N TYR A 84 -1.01 9.53 4.69
CA TYR A 84 -2.46 9.65 4.72
C TYR A 84 -3.09 8.44 5.42
N TYR A 85 -2.88 7.28 4.82
CA TYR A 85 -3.42 6.04 5.36
C TYR A 85 -3.38 6.06 6.89
N TYR A 86 -2.22 6.44 7.41
CA TYR A 86 -2.04 6.49 8.85
C TYR A 86 -2.79 7.68 9.46
N SER A 87 -2.70 8.82 8.77
CA SER A 87 -3.36 10.02 9.23
C SER A 87 -4.88 9.79 9.31
N THR A 88 -5.34 8.88 8.47
CA THR A 88 -6.76 8.55 8.44
C THR A 88 -7.04 7.31 9.29
N VAL A 89 -6.17 6.33 9.14
CA VAL A 89 -6.31 5.09 9.88
C VAL A 89 -6.46 5.41 11.37
N MET A 90 -5.53 6.19 11.87
CA MET A 90 -5.55 6.58 13.27
C MET A 90 -6.88 7.23 13.65
N GLU A 91 -7.48 7.88 12.65
CA GLU A 91 -8.75 8.56 12.86
C GLU A 91 -9.88 7.54 12.91
N GLN A 92 -9.69 6.45 12.19
CA GLN A 92 -10.69 5.39 12.15
C GLN A 92 -10.76 4.67 13.50
N GLN A 93 -9.66 4.77 14.25
CA GLN A 93 -9.59 4.14 15.55
C GLN A 93 -10.23 5.03 16.61
N VAL A 94 -9.84 6.30 16.58
CA VAL A 94 -10.36 7.26 17.54
C VAL A 94 -11.88 7.37 17.36
N ASN A 95 -12.32 7.14 16.14
CA ASN A 95 -13.74 7.20 15.83
C ASN A 95 -14.43 5.94 16.36
N GLY A 96 -14.09 4.82 15.77
CA GLY A 96 -14.68 3.55 16.17
C GLY A 96 -14.53 2.51 15.06
N GLN A 97 -15.04 2.85 13.89
CA GLN A 97 -14.97 1.95 12.75
C GLN A 97 -13.62 1.24 12.72
N LEU A 98 -13.62 0.08 12.06
CA LEU A 98 -12.41 -0.71 11.95
C LEU A 98 -11.49 -0.09 10.90
N ILE A 99 -10.25 -0.56 10.89
CA ILE A 99 -9.27 -0.05 9.94
C ILE A 99 -9.36 -0.86 8.65
N GLU A 100 -9.12 -0.16 7.54
CA GLU A 100 -9.17 -0.80 6.23
C GLU A 100 -7.76 -0.93 5.65
N PRO A 101 -7.60 -1.95 4.78
CA PRO A 101 -6.31 -2.20 4.14
C PRO A 101 -6.03 -1.16 3.04
N LEU A 102 -4.78 -0.75 2.98
CA LEU A 102 -4.37 0.23 1.98
C LEU A 102 -4.70 -0.31 0.59
N GLN A 103 -5.92 -0.03 0.16
CA GLN A 103 -6.37 -0.48 -1.14
C GLN A 103 -5.61 0.26 -2.25
N ILE A 104 -4.78 -0.49 -2.95
CA ILE A 104 -3.98 0.06 -4.03
C ILE A 104 -4.36 -0.62 -5.34
N PHE A 105 -3.57 -0.33 -6.36
CA PHE A 105 -3.81 -0.91 -7.67
C PHE A 105 -2.54 -0.87 -8.53
N PRO A 106 -2.12 -2.08 -9.00
CA PRO A 106 -0.93 -2.19 -9.82
C PRO A 106 -1.20 -1.71 -11.25
N ARG A 107 -0.86 -0.45 -11.48
CA ARG A 107 -1.06 0.14 -12.79
C ARG A 107 -0.59 -0.81 -13.89
N SER A 108 0.69 -1.14 -13.83
CA SER A 108 1.28 -2.05 -14.81
C SER A 108 1.63 -1.28 -16.08
N GLY A 109 2.91 -1.28 -16.42
CA GLY A 109 3.37 -0.60 -17.61
C GLY A 109 4.78 -1.04 -17.97
N PRO A 110 5.51 -0.14 -18.69
CA PRO A 110 6.87 -0.43 -19.11
C PRO A 110 7.84 -0.32 -17.93
N SER A 111 9.04 -0.84 -18.15
CA SER A 111 10.06 -0.82 -17.12
C SER A 111 11.19 0.12 -17.53
N SER A 112 11.77 0.79 -16.54
CA SER A 112 12.85 1.71 -16.79
C SER A 112 12.40 2.81 -17.75
N GLY A 113 13.26 3.81 -17.91
CA GLY A 113 12.96 4.92 -18.80
C GLY A 113 11.60 5.54 -18.47
N GLY A 1 6.10 -21.34 5.35
CA GLY A 1 6.63 -20.29 6.20
C GLY A 1 8.02 -19.84 5.73
N SER A 2 8.02 -19.11 4.62
CA SER A 2 9.26 -18.62 4.06
C SER A 2 9.08 -17.17 3.58
N SER A 3 10.20 -16.47 3.50
CA SER A 3 10.18 -15.08 3.06
C SER A 3 9.38 -14.23 4.05
N GLY A 4 9.86 -13.02 4.26
CA GLY A 4 9.20 -12.10 5.18
C GLY A 4 10.11 -11.75 6.35
N SER A 5 9.93 -12.49 7.44
CA SER A 5 10.73 -12.27 8.64
C SER A 5 10.54 -10.83 9.13
N SER A 6 11.04 -10.58 10.33
CA SER A 6 10.93 -9.25 10.93
C SER A 6 11.94 -8.31 10.29
N GLY A 7 11.82 -7.03 10.61
CA GLY A 7 12.71 -6.03 10.08
C GLY A 7 13.67 -5.51 11.15
N PRO A 8 14.60 -4.61 10.72
CA PRO A 8 15.56 -4.04 11.64
C PRO A 8 14.92 -2.99 12.54
N PHE A 9 14.05 -3.46 13.43
CA PHE A 9 13.36 -2.59 14.35
C PHE A 9 13.31 -3.19 15.75
N CYS A 10 13.88 -2.44 16.70
CA CYS A 10 13.91 -2.89 18.08
C CYS A 10 12.52 -2.68 18.68
N ALA A 11 11.87 -1.60 18.25
CA ALA A 11 10.55 -1.28 18.73
C ALA A 11 9.50 -1.86 17.78
N MET A 12 8.30 -2.04 18.32
CA MET A 12 7.21 -2.60 17.53
C MET A 12 5.92 -2.67 18.35
N GLU A 13 5.59 -1.54 18.96
CA GLU A 13 4.38 -1.45 19.77
C GLU A 13 3.26 -0.77 18.99
N ASN A 14 2.79 -1.46 17.96
CA ASN A 14 1.73 -0.94 17.13
C ASN A 14 1.42 -1.93 16.02
N GLN A 15 0.24 -1.77 15.43
CA GLN A 15 -0.19 -2.64 14.35
C GLN A 15 0.73 -2.49 13.14
N VAL A 16 0.54 -3.37 12.17
CA VAL A 16 1.35 -3.34 10.96
C VAL A 16 0.49 -2.83 9.80
N LEU A 17 1.17 -2.39 8.75
CA LEU A 17 0.48 -1.88 7.58
C LEU A 17 0.11 -3.04 6.66
N VAL A 18 -1.01 -2.89 5.98
CA VAL A 18 -1.48 -3.92 5.07
C VAL A 18 -1.86 -3.28 3.73
N ILE A 19 -1.11 -3.62 2.71
CA ILE A 19 -1.35 -3.09 1.38
C ILE A 19 -2.18 -4.09 0.58
N ARG A 20 -3.39 -3.67 0.23
CA ARG A 20 -4.30 -4.51 -0.54
C ARG A 20 -4.14 -4.25 -2.04
N ILE A 21 -3.58 -5.23 -2.73
CA ILE A 21 -3.38 -5.10 -4.16
C ILE A 21 -4.60 -5.66 -4.90
N LYS A 22 -5.31 -4.77 -5.56
CA LYS A 22 -6.49 -5.16 -6.31
C LYS A 22 -6.07 -5.99 -7.53
N ILE A 23 -6.27 -7.30 -7.41
CA ILE A 23 -5.92 -8.20 -8.48
C ILE A 23 -6.91 -8.03 -9.63
N PRO A 24 -6.37 -8.12 -10.88
CA PRO A 24 -7.20 -7.98 -12.07
C PRO A 24 -8.03 -9.24 -12.31
N ASN A 25 -9.34 -9.08 -12.14
CA ASN A 25 -10.26 -10.19 -12.33
C ASN A 25 -9.75 -11.40 -11.56
N SER A 26 -9.83 -11.29 -10.23
CA SER A 26 -9.39 -12.38 -9.37
C SER A 26 -9.81 -12.09 -7.92
N GLY A 27 -9.28 -11.00 -7.39
CA GLY A 27 -9.58 -10.61 -6.02
C GLY A 27 -8.65 -9.49 -5.55
N ALA A 28 -7.94 -9.77 -4.47
CA ALA A 28 -7.02 -8.80 -3.91
C ALA A 28 -6.14 -9.48 -2.86
N VAL A 29 -4.87 -9.14 -2.88
CA VAL A 29 -3.92 -9.72 -1.93
C VAL A 29 -3.51 -8.64 -0.92
N ASP A 30 -3.15 -9.10 0.26
CA ASP A 30 -2.73 -8.20 1.33
C ASP A 30 -1.25 -8.41 1.63
N TRP A 31 -0.47 -7.37 1.36
CA TRP A 31 0.96 -7.43 1.60
C TRP A 31 1.22 -6.99 3.04
N THR A 32 1.50 -7.97 3.89
CA THR A 32 1.76 -7.70 5.29
C THR A 32 3.04 -6.87 5.44
N VAL A 33 2.84 -5.57 5.63
CA VAL A 33 3.96 -4.66 5.79
C VAL A 33 4.14 -4.32 7.27
N HIS A 34 5.34 -4.58 7.76
CA HIS A 34 5.65 -4.32 9.15
C HIS A 34 6.37 -2.97 9.26
N SER A 35 7.07 -2.61 8.20
CA SER A 35 7.80 -1.36 8.17
C SER A 35 6.99 -0.30 7.42
N GLY A 36 5.75 -0.13 7.86
CA GLY A 36 4.87 0.84 7.24
C GLY A 36 5.62 2.12 6.88
N PRO A 37 6.34 2.67 7.90
CA PRO A 37 7.11 3.89 7.71
C PRO A 37 8.39 3.61 6.91
N GLN A 38 9.08 2.55 7.32
CA GLN A 38 10.31 2.16 6.66
C GLN A 38 10.01 1.38 5.39
N LEU A 39 9.20 1.99 4.53
CA LEU A 39 8.83 1.36 3.28
C LEU A 39 9.20 2.28 2.12
N LEU A 40 9.78 1.67 1.08
CA LEU A 40 10.18 2.43 -0.09
C LEU A 40 9.30 2.02 -1.28
N PHE A 41 9.26 2.90 -2.27
CA PHE A 41 8.47 2.65 -3.46
C PHE A 41 8.88 1.34 -4.12
N ARG A 42 10.16 1.25 -4.44
CA ARG A 42 10.68 0.05 -5.08
C ARG A 42 10.18 -1.20 -4.36
N ASP A 43 10.46 -1.27 -3.08
CA ASP A 43 10.03 -2.40 -2.27
C ASP A 43 8.66 -2.86 -2.74
N VAL A 44 7.75 -1.90 -2.83
CA VAL A 44 6.38 -2.18 -3.26
C VAL A 44 6.42 -2.91 -4.60
N LEU A 45 7.13 -2.31 -5.55
CA LEU A 45 7.26 -2.89 -6.88
C LEU A 45 7.91 -4.27 -6.77
N ASP A 46 8.84 -4.37 -5.83
CA ASP A 46 9.54 -5.62 -5.62
C ASP A 46 8.56 -6.68 -5.11
N VAL A 47 7.53 -6.20 -4.41
CA VAL A 47 6.52 -7.09 -3.87
C VAL A 47 5.49 -7.40 -4.95
N ILE A 48 4.86 -6.35 -5.45
CA ILE A 48 3.85 -6.49 -6.48
C ILE A 48 4.37 -7.45 -7.55
N GLY A 49 5.66 -7.33 -7.83
CA GLY A 49 6.28 -8.17 -8.84
C GLY A 49 5.99 -9.65 -8.57
N GLN A 50 5.85 -9.98 -7.29
CA GLN A 50 5.58 -11.34 -6.88
C GLN A 50 4.09 -11.66 -7.06
N VAL A 51 3.28 -10.61 -6.96
CA VAL A 51 1.84 -10.77 -7.09
C VAL A 51 1.49 -10.81 -8.59
N LEU A 52 2.10 -9.92 -9.34
CA LEU A 52 1.86 -9.86 -10.77
C LEU A 52 3.18 -10.06 -11.51
N PRO A 53 3.60 -11.36 -11.59
CA PRO A 53 4.82 -11.72 -12.27
C PRO A 53 4.65 -11.64 -13.79
N GLU A 54 3.40 -11.72 -14.21
CA GLU A 54 3.09 -11.67 -15.63
C GLU A 54 2.60 -10.28 -16.02
N ALA A 55 2.44 -9.44 -15.00
CA ALA A 55 1.98 -8.08 -15.22
C ALA A 55 2.78 -7.13 -14.33
N THR A 56 3.99 -6.83 -14.77
CA THR A 56 4.87 -5.94 -14.03
C THR A 56 4.10 -4.67 -13.62
N THR A 57 4.78 -3.83 -12.85
CA THR A 57 4.19 -2.59 -12.38
C THR A 57 5.27 -1.65 -11.86
N THR A 58 5.19 -0.40 -12.29
CA THR A 58 6.15 0.60 -11.88
C THR A 58 5.44 1.78 -11.20
N ALA A 59 4.20 1.51 -10.77
CA ALA A 59 3.41 2.54 -10.11
C ALA A 59 2.04 1.96 -9.77
N PHE A 60 1.40 2.57 -8.78
CA PHE A 60 0.08 2.13 -8.35
C PHE A 60 -0.72 3.29 -7.75
N GLU A 61 -2.03 3.19 -7.88
CA GLU A 61 -2.91 4.22 -7.36
C GLU A 61 -3.53 3.78 -6.03
N TYR A 62 -3.90 4.76 -5.23
CA TYR A 62 -4.49 4.49 -3.92
C TYR A 62 -5.53 5.55 -3.57
N GLU A 63 -6.73 5.09 -3.23
CA GLU A 63 -7.80 5.98 -2.86
C GLU A 63 -7.41 6.82 -1.66
N ASP A 64 -7.61 8.12 -1.79
CA ASP A 64 -7.28 9.05 -0.73
C ASP A 64 -8.54 9.35 0.09
N GLU A 65 -8.46 10.43 0.86
CA GLU A 65 -9.57 10.83 1.70
C GLU A 65 -10.84 11.01 0.85
N ASP A 66 -10.78 11.99 -0.03
CA ASP A 66 -11.91 12.26 -0.91
C ASP A 66 -12.13 11.07 -1.84
N GLY A 67 -11.14 10.20 -1.88
CA GLY A 67 -11.22 9.02 -2.71
C GLY A 67 -11.18 9.39 -4.20
N ASP A 68 -10.05 9.96 -4.61
CA ASP A 68 -9.88 10.36 -5.99
C ASP A 68 -8.83 9.47 -6.64
N ARG A 69 -8.36 8.49 -5.88
CA ARG A 69 -7.36 7.56 -6.38
C ARG A 69 -6.09 8.32 -6.79
N ILE A 70 -5.11 8.27 -5.91
CA ILE A 70 -3.84 8.95 -6.17
C ILE A 70 -2.95 8.04 -7.02
N THR A 71 -1.75 8.54 -7.29
CA THR A 71 -0.80 7.79 -8.09
C THR A 71 0.60 7.87 -7.48
N VAL A 72 1.15 6.70 -7.21
CA VAL A 72 2.49 6.62 -6.62
C VAL A 72 3.49 6.18 -7.69
N ARG A 73 4.29 7.14 -8.13
CA ARG A 73 5.30 6.87 -9.14
C ARG A 73 6.71 7.08 -8.57
N SER A 74 6.74 7.68 -7.40
CA SER A 74 8.01 7.95 -6.74
C SER A 74 7.84 7.84 -5.22
N ASP A 75 8.97 7.66 -4.54
CA ASP A 75 8.95 7.54 -3.09
C ASP A 75 8.13 8.68 -2.50
N GLU A 76 8.31 9.86 -3.08
CA GLU A 76 7.59 11.03 -2.60
C GLU A 76 6.11 10.71 -2.42
N GLU A 77 5.49 10.29 -3.51
CA GLU A 77 4.07 9.96 -3.49
C GLU A 77 3.81 8.88 -2.43
N MET A 78 4.71 7.92 -2.37
CA MET A 78 4.59 6.83 -1.41
C MET A 78 4.39 7.38 0.01
N LYS A 79 5.41 8.04 0.52
CA LYS A 79 5.36 8.61 1.85
C LYS A 79 3.98 9.26 2.06
N ALA A 80 3.52 9.96 1.05
CA ALA A 80 2.24 10.63 1.11
C ALA A 80 1.14 9.58 1.37
N MET A 81 1.08 8.61 0.48
CA MET A 81 0.08 7.55 0.60
C MET A 81 0.11 6.93 2.01
N LEU A 82 1.32 6.72 2.50
CA LEU A 82 1.50 6.14 3.82
C LEU A 82 1.09 7.17 4.88
N SER A 83 1.50 8.41 4.65
CA SER A 83 1.18 9.48 5.58
C SER A 83 -0.34 9.60 5.75
N TYR A 84 -1.03 9.61 4.61
CA TYR A 84 -2.48 9.72 4.62
C TYR A 84 -3.11 8.51 5.31
N TYR A 85 -2.87 7.34 4.73
CA TYR A 85 -3.41 6.11 5.29
C TYR A 85 -3.37 6.13 6.82
N TYR A 86 -2.23 6.56 7.34
CA TYR A 86 -2.05 6.62 8.78
C TYR A 86 -2.85 7.79 9.38
N SER A 87 -2.71 8.95 8.75
CA SER A 87 -3.41 10.13 9.20
C SER A 87 -4.91 9.86 9.29
N THR A 88 -5.36 8.93 8.45
CA THR A 88 -6.77 8.57 8.42
C THR A 88 -7.01 7.33 9.27
N VAL A 89 -6.14 6.34 9.09
CA VAL A 89 -6.25 5.10 9.84
C VAL A 89 -6.38 5.40 11.32
N MET A 90 -5.50 6.26 11.80
CA MET A 90 -5.50 6.64 13.20
C MET A 90 -6.85 7.27 13.59
N GLU A 91 -7.50 7.86 12.60
CA GLU A 91 -8.79 8.49 12.82
C GLU A 91 -9.89 7.44 12.87
N GLN A 92 -9.65 6.34 12.16
CA GLN A 92 -10.61 5.26 12.11
C GLN A 92 -10.67 4.54 13.46
N GLN A 93 -9.59 4.66 14.21
CA GLN A 93 -9.51 4.03 15.52
C GLN A 93 -10.19 4.91 16.58
N VAL A 94 -9.89 6.19 16.51
CA VAL A 94 -10.46 7.14 17.46
C VAL A 94 -11.99 7.07 17.37
N ASN A 95 -12.47 6.67 16.20
CA ASN A 95 -13.90 6.55 15.98
C ASN A 95 -14.39 5.21 16.51
N GLY A 96 -13.76 4.16 16.03
CA GLY A 96 -14.13 2.81 16.45
C GLY A 96 -14.05 1.83 15.27
N GLN A 97 -14.67 2.22 14.17
CA GLN A 97 -14.67 1.39 12.98
C GLN A 97 -13.32 0.70 12.80
N LEU A 98 -13.36 -0.47 12.20
CA LEU A 98 -12.15 -1.24 11.97
C LEU A 98 -11.31 -0.52 10.90
N ILE A 99 -10.00 -0.73 11.00
CA ILE A 99 -9.07 -0.11 10.07
C ILE A 99 -9.17 -0.84 8.72
N GLU A 100 -8.99 -0.07 7.66
CA GLU A 100 -9.05 -0.62 6.32
C GLU A 100 -7.65 -0.73 5.72
N PRO A 101 -7.49 -1.71 4.79
CA PRO A 101 -6.21 -1.93 4.14
C PRO A 101 -5.92 -0.84 3.10
N LEU A 102 -4.63 -0.57 2.92
CA LEU A 102 -4.21 0.44 1.97
C LEU A 102 -4.59 0.01 0.56
N GLN A 103 -5.88 0.18 0.25
CA GLN A 103 -6.38 -0.19 -1.06
C GLN A 103 -5.58 0.50 -2.16
N ILE A 104 -4.88 -0.31 -2.94
CA ILE A 104 -4.06 0.21 -4.03
C ILE A 104 -4.39 -0.55 -5.31
N PHE A 105 -3.66 -0.22 -6.36
CA PHE A 105 -3.87 -0.85 -7.65
C PHE A 105 -2.58 -0.84 -8.48
N PRO A 106 -2.16 -2.07 -8.90
CA PRO A 106 -0.95 -2.21 -9.70
C PRO A 106 -1.19 -1.76 -11.14
N ARG A 107 -0.64 -0.60 -11.45
CA ARG A 107 -0.79 -0.04 -12.79
C ARG A 107 0.11 -0.80 -13.78
N SER A 108 -0.53 -1.57 -14.65
CA SER A 108 0.19 -2.34 -15.63
C SER A 108 -0.02 -1.73 -17.02
N GLY A 109 -1.28 -1.68 -17.43
CA GLY A 109 -1.62 -1.12 -18.72
C GLY A 109 -2.39 -2.15 -19.57
N PRO A 110 -2.72 -1.72 -20.82
CA PRO A 110 -3.44 -2.59 -21.73
C PRO A 110 -2.52 -3.67 -22.30
N SER A 111 -1.42 -3.22 -22.90
CA SER A 111 -0.47 -4.14 -23.48
C SER A 111 0.55 -4.58 -22.42
N SER A 112 1.18 -5.72 -22.69
CA SER A 112 2.17 -6.25 -21.77
C SER A 112 3.22 -5.18 -21.45
N GLY A 113 3.97 -5.44 -20.39
CA GLY A 113 5.00 -4.51 -19.96
C GLY A 113 6.13 -4.42 -21.01
N GLY A 1 8.04 -20.48 -13.96
CA GLY A 1 8.29 -19.77 -12.72
C GLY A 1 8.63 -18.30 -12.99
N SER A 2 8.52 -17.49 -11.94
CA SER A 2 8.81 -16.07 -12.07
C SER A 2 9.80 -15.65 -10.99
N SER A 3 9.41 -15.87 -9.74
CA SER A 3 10.26 -15.52 -8.61
C SER A 3 10.44 -14.00 -8.55
N GLY A 4 10.71 -13.53 -7.34
CA GLY A 4 10.91 -12.10 -7.14
C GLY A 4 12.24 -11.82 -6.43
N SER A 5 12.24 -10.78 -5.63
CA SER A 5 13.43 -10.39 -4.89
C SER A 5 13.08 -9.37 -3.81
N SER A 6 12.74 -9.89 -2.64
CA SER A 6 12.38 -9.04 -1.53
C SER A 6 13.62 -8.37 -0.95
N GLY A 7 14.57 -9.20 -0.53
CA GLY A 7 15.81 -8.70 0.03
C GLY A 7 15.90 -9.00 1.53
N PRO A 8 17.14 -8.99 2.05
CA PRO A 8 17.37 -9.26 3.46
C PRO A 8 16.97 -8.06 4.32
N PHE A 9 15.68 -7.99 4.62
CA PHE A 9 15.16 -6.90 5.43
C PHE A 9 14.01 -7.38 6.30
N CYS A 10 14.23 -7.27 7.62
CA CYS A 10 13.22 -7.69 8.58
C CYS A 10 12.96 -6.53 9.53
N ALA A 11 11.72 -6.45 9.99
CA ALA A 11 11.32 -5.39 10.91
C ALA A 11 10.07 -5.82 11.66
N MET A 12 9.69 -5.00 12.62
CA MET A 12 8.49 -5.28 13.42
C MET A 12 7.74 -3.99 13.76
N GLU A 13 8.35 -3.20 14.64
CA GLU A 13 7.74 -1.94 15.05
C GLU A 13 6.50 -2.21 15.90
N ASN A 14 5.92 -1.12 16.39
CA ASN A 14 4.73 -1.22 17.21
C ASN A 14 3.55 -1.70 16.36
N GLN A 15 3.32 -0.98 15.27
CA GLN A 15 2.24 -1.31 14.36
C GLN A 15 2.80 -1.68 12.99
N VAL A 16 2.01 -2.46 12.27
CA VAL A 16 2.41 -2.90 10.93
C VAL A 16 1.42 -2.37 9.90
N LEU A 17 1.86 -2.34 8.66
CA LEU A 17 1.01 -1.86 7.58
C LEU A 17 0.55 -3.05 6.73
N VAL A 18 -0.66 -2.95 6.23
CA VAL A 18 -1.23 -4.01 5.40
C VAL A 18 -1.71 -3.40 4.08
N ILE A 19 -0.97 -3.72 3.03
CA ILE A 19 -1.30 -3.21 1.70
C ILE A 19 -2.07 -4.29 0.93
N ARG A 20 -3.26 -3.92 0.46
CA ARG A 20 -4.10 -4.84 -0.28
C ARG A 20 -4.01 -4.54 -1.78
N ILE A 21 -3.13 -5.27 -2.45
CA ILE A 21 -2.95 -5.09 -3.89
C ILE A 21 -4.21 -5.55 -4.62
N LYS A 22 -4.71 -4.68 -5.48
CA LYS A 22 -5.90 -4.98 -6.25
C LYS A 22 -5.58 -6.05 -7.30
N ILE A 23 -6.43 -7.07 -7.35
CA ILE A 23 -6.24 -8.16 -8.29
C ILE A 23 -7.38 -8.14 -9.32
N PRO A 24 -7.00 -8.42 -10.59
CA PRO A 24 -7.98 -8.44 -11.67
C PRO A 24 -8.84 -9.70 -11.60
N ASN A 25 -10.15 -9.48 -11.65
CA ASN A 25 -11.10 -10.59 -11.60
C ASN A 25 -10.62 -11.62 -10.57
N SER A 26 -10.33 -11.12 -9.38
CA SER A 26 -9.86 -11.99 -8.30
C SER A 26 -9.64 -11.17 -7.04
N GLY A 27 -9.89 -11.81 -5.90
CA GLY A 27 -9.71 -11.16 -4.62
C GLY A 27 -8.37 -10.43 -4.54
N ALA A 28 -8.33 -9.42 -3.69
CA ALA A 28 -7.11 -8.64 -3.52
C ALA A 28 -6.23 -9.30 -2.45
N VAL A 29 -4.94 -9.29 -2.72
CA VAL A 29 -3.98 -9.87 -1.79
C VAL A 29 -3.45 -8.80 -0.85
N ASP A 30 -3.17 -9.21 0.37
CA ASP A 30 -2.65 -8.28 1.37
C ASP A 30 -1.17 -8.60 1.64
N TRP A 31 -0.33 -7.59 1.39
CA TRP A 31 1.10 -7.75 1.60
C TRP A 31 1.41 -7.32 3.03
N THR A 32 1.67 -8.31 3.87
CA THR A 32 1.99 -8.06 5.26
C THR A 32 3.25 -7.19 5.36
N VAL A 33 3.04 -5.91 5.59
CA VAL A 33 4.14 -4.98 5.70
C VAL A 33 4.30 -4.58 7.18
N HIS A 34 5.54 -4.72 7.65
CA HIS A 34 5.85 -4.40 9.04
C HIS A 34 6.56 -3.04 9.09
N SER A 35 7.35 -2.80 8.06
CA SER A 35 8.11 -1.54 7.98
C SER A 35 7.28 -0.48 7.25
N GLY A 36 6.03 -0.35 7.70
CA GLY A 36 5.14 0.62 7.09
C GLY A 36 5.86 1.93 6.78
N PRO A 37 6.57 2.46 7.82
CA PRO A 37 7.31 3.70 7.67
C PRO A 37 8.59 3.48 6.88
N GLN A 38 9.27 2.38 7.20
CA GLN A 38 10.50 2.04 6.52
C GLN A 38 10.21 1.26 5.23
N LEU A 39 9.35 1.84 4.42
CA LEU A 39 8.97 1.23 3.16
C LEU A 39 9.35 2.16 2.00
N LEU A 40 9.83 1.54 0.92
CA LEU A 40 10.22 2.30 -0.25
C LEU A 40 9.32 1.93 -1.43
N PHE A 41 9.24 2.84 -2.39
CA PHE A 41 8.42 2.62 -3.57
C PHE A 41 8.81 1.31 -4.26
N ARG A 42 10.12 1.11 -4.41
CA ARG A 42 10.63 -0.08 -5.05
C ARG A 42 10.06 -1.34 -4.38
N ASP A 43 10.34 -1.44 -3.08
CA ASP A 43 9.87 -2.58 -2.31
C ASP A 43 8.48 -2.97 -2.78
N VAL A 44 7.62 -1.98 -2.92
CA VAL A 44 6.26 -2.21 -3.35
C VAL A 44 6.29 -2.94 -4.70
N LEU A 45 7.01 -2.35 -5.64
CA LEU A 45 7.13 -2.93 -6.97
C LEU A 45 7.74 -4.33 -6.87
N ASP A 46 8.74 -4.43 -6.00
CA ASP A 46 9.41 -5.70 -5.79
C ASP A 46 8.42 -6.72 -5.25
N VAL A 47 7.37 -6.22 -4.61
CA VAL A 47 6.34 -7.08 -4.05
C VAL A 47 5.29 -7.36 -5.13
N ILE A 48 4.68 -6.28 -5.61
CA ILE A 48 3.65 -6.40 -6.63
C ILE A 48 4.12 -7.40 -7.70
N GLY A 49 5.37 -7.23 -8.09
CA GLY A 49 5.94 -8.11 -9.11
C GLY A 49 5.62 -9.58 -8.82
N GLN A 50 5.51 -9.89 -7.53
CA GLN A 50 5.20 -11.25 -7.12
C GLN A 50 3.70 -11.50 -7.24
N VAL A 51 2.93 -10.45 -7.00
CA VAL A 51 1.48 -10.54 -7.08
C VAL A 51 1.05 -10.60 -8.55
N LEU A 52 1.52 -9.61 -9.31
CA LEU A 52 1.19 -9.53 -10.71
C LEU A 52 2.48 -9.55 -11.54
N PRO A 53 3.04 -10.78 -11.69
CA PRO A 53 4.27 -10.95 -12.44
C PRO A 53 4.01 -10.85 -13.95
N GLU A 54 2.74 -11.03 -14.31
CA GLU A 54 2.35 -10.96 -15.70
C GLU A 54 1.84 -9.56 -16.05
N ALA A 55 1.66 -8.76 -15.00
CA ALA A 55 1.18 -7.40 -15.17
C ALA A 55 2.11 -6.45 -14.42
N THR A 56 2.87 -5.69 -15.20
CA THR A 56 3.80 -4.72 -14.62
C THR A 56 3.05 -3.71 -13.77
N THR A 57 3.82 -2.77 -13.20
CA THR A 57 3.23 -1.74 -12.36
C THR A 57 4.02 -0.44 -12.49
N THR A 58 5.15 -0.39 -11.81
CA THR A 58 6.00 0.78 -11.85
C THR A 58 5.28 1.98 -11.23
N ALA A 59 4.17 1.69 -10.57
CA ALA A 59 3.39 2.73 -9.93
C ALA A 59 2.00 2.18 -9.59
N PHE A 60 1.39 2.78 -8.58
CA PHE A 60 0.06 2.36 -8.15
C PHE A 60 -0.78 3.56 -7.72
N GLU A 61 -2.02 3.28 -7.36
CA GLU A 61 -2.93 4.32 -6.93
C GLU A 61 -3.56 3.95 -5.58
N TYR A 62 -4.00 4.97 -4.86
CA TYR A 62 -4.62 4.76 -3.57
C TYR A 62 -5.66 5.84 -3.28
N GLU A 63 -6.86 5.39 -2.97
CA GLU A 63 -7.96 6.31 -2.67
C GLU A 63 -7.56 7.25 -1.53
N ASP A 64 -7.78 8.54 -1.78
CA ASP A 64 -7.45 9.55 -0.79
C ASP A 64 -8.73 9.93 -0.01
N GLU A 65 -8.58 10.95 0.81
CA GLU A 65 -9.70 11.42 1.61
C GLU A 65 -10.91 11.71 0.73
N ASP A 66 -10.66 12.45 -0.34
CA ASP A 66 -11.72 12.80 -1.28
C ASP A 66 -12.08 11.57 -2.11
N GLY A 67 -11.18 10.59 -2.11
CA GLY A 67 -11.39 9.37 -2.86
C GLY A 67 -11.31 9.62 -4.36
N ASP A 68 -10.14 10.07 -4.79
CA ASP A 68 -9.92 10.35 -6.20
C ASP A 68 -8.83 9.42 -6.74
N ARG A 69 -8.35 8.55 -5.87
CA ARG A 69 -7.31 7.61 -6.24
C ARG A 69 -6.05 8.35 -6.67
N ILE A 70 -5.10 8.43 -5.74
CA ILE A 70 -3.84 9.11 -6.02
C ILE A 70 -2.94 8.20 -6.86
N THR A 71 -1.78 8.72 -7.20
CA THR A 71 -0.82 7.98 -8.00
C THR A 71 0.56 8.05 -7.37
N VAL A 72 1.18 6.89 -7.21
CA VAL A 72 2.50 6.80 -6.64
C VAL A 72 3.50 6.33 -7.70
N ARG A 73 4.35 7.25 -8.12
CA ARG A 73 5.35 6.94 -9.13
C ARG A 73 6.76 6.98 -8.52
N SER A 74 6.89 7.79 -7.48
CA SER A 74 8.16 7.92 -6.79
C SER A 74 7.97 7.81 -5.29
N ASP A 75 9.09 7.69 -4.58
CA ASP A 75 9.05 7.57 -3.13
C ASP A 75 8.33 8.79 -2.54
N GLU A 76 8.46 9.90 -3.24
CA GLU A 76 7.84 11.13 -2.79
C GLU A 76 6.33 10.93 -2.60
N GLU A 77 5.72 10.31 -3.61
CA GLU A 77 4.30 10.05 -3.55
C GLU A 77 3.98 8.98 -2.50
N MET A 78 4.89 8.02 -2.39
CA MET A 78 4.73 6.94 -1.44
C MET A 78 4.54 7.49 -0.02
N LYS A 79 5.59 8.13 0.48
CA LYS A 79 5.56 8.71 1.81
C LYS A 79 4.23 9.46 2.00
N ALA A 80 3.73 9.99 0.90
CA ALA A 80 2.47 10.72 0.92
C ALA A 80 1.32 9.75 1.16
N MET A 81 1.24 8.75 0.31
CA MET A 81 0.20 7.75 0.42
C MET A 81 0.13 7.17 1.83
N LEU A 82 1.31 6.94 2.39
CA LEU A 82 1.40 6.39 3.73
C LEU A 82 1.04 7.47 4.75
N SER A 83 1.31 8.71 4.36
CA SER A 83 1.03 9.84 5.23
C SER A 83 -0.48 10.01 5.39
N TYR A 84 -1.21 9.41 4.47
CA TYR A 84 -2.66 9.48 4.51
C TYR A 84 -3.25 8.28 5.24
N TYR A 85 -2.79 7.10 4.85
CA TYR A 85 -3.26 5.87 5.47
C TYR A 85 -3.25 5.97 6.99
N TYR A 86 -2.13 6.44 7.51
CA TYR A 86 -1.97 6.58 8.95
C TYR A 86 -2.80 7.76 9.47
N SER A 87 -2.84 8.83 8.67
CA SER A 87 -3.59 10.01 9.04
C SER A 87 -5.08 9.68 9.12
N THR A 88 -5.49 8.70 8.32
CA THR A 88 -6.88 8.28 8.30
C THR A 88 -7.09 7.08 9.21
N VAL A 89 -6.17 6.12 9.10
CA VAL A 89 -6.24 4.92 9.90
C VAL A 89 -6.44 5.29 11.37
N MET A 90 -5.65 6.26 11.81
CA MET A 90 -5.73 6.73 13.19
C MET A 90 -7.13 7.31 13.48
N GLU A 91 -7.78 7.77 12.43
CA GLU A 91 -9.10 8.35 12.57
C GLU A 91 -10.16 7.25 12.64
N GLN A 92 -9.85 6.13 11.99
CA GLN A 92 -10.76 5.00 11.97
C GLN A 92 -10.82 4.34 13.35
N GLN A 93 -9.80 4.63 14.14
CA GLN A 93 -9.72 4.08 15.48
C GLN A 93 -10.45 4.98 16.48
N VAL A 94 -10.22 6.28 16.33
CA VAL A 94 -10.86 7.25 17.20
C VAL A 94 -12.37 7.25 16.95
N ASN A 95 -12.73 6.96 15.71
CA ASN A 95 -14.13 6.92 15.34
C ASN A 95 -14.80 5.72 16.01
N GLY A 96 -14.12 4.58 15.93
CA GLY A 96 -14.64 3.36 16.52
C GLY A 96 -14.95 2.31 15.44
N GLN A 97 -14.20 2.40 14.35
CA GLN A 97 -14.37 1.47 13.24
C GLN A 97 -13.08 0.68 13.00
N LEU A 98 -13.24 -0.44 12.32
CA LEU A 98 -12.10 -1.29 12.01
C LEU A 98 -11.21 -0.60 10.96
N ILE A 99 -9.93 -0.91 11.02
CA ILE A 99 -8.99 -0.32 10.09
C ILE A 99 -9.03 -1.11 8.77
N GLU A 100 -8.86 -0.37 7.68
CA GLU A 100 -8.87 -0.99 6.36
C GLU A 100 -7.46 -1.03 5.79
N PRO A 101 -7.23 -2.04 4.90
CA PRO A 101 -5.93 -2.21 4.27
C PRO A 101 -5.71 -1.17 3.18
N LEU A 102 -4.47 -0.75 3.05
CA LEU A 102 -4.11 0.25 2.05
C LEU A 102 -4.49 -0.27 0.66
N GLN A 103 -5.75 -0.05 0.30
CA GLN A 103 -6.25 -0.48 -0.99
C GLN A 103 -5.49 0.21 -2.12
N ILE A 104 -4.51 -0.49 -2.66
CA ILE A 104 -3.71 0.05 -3.74
C ILE A 104 -4.05 -0.68 -5.04
N PHE A 105 -3.53 -0.15 -6.13
CA PHE A 105 -3.77 -0.75 -7.44
C PHE A 105 -2.51 -0.67 -8.31
N PRO A 106 -2.09 -1.87 -8.81
CA PRO A 106 -0.91 -1.95 -9.66
C PRO A 106 -1.21 -1.43 -11.06
N ARG A 107 -0.78 -0.19 -11.31
CA ARG A 107 -0.99 0.43 -12.60
C ARG A 107 -0.19 -0.31 -13.68
N SER A 108 -0.90 -1.16 -14.41
CA SER A 108 -0.27 -1.93 -15.47
C SER A 108 -0.19 -1.09 -16.75
N GLY A 109 1.04 -0.82 -17.17
CA GLY A 109 1.27 -0.03 -18.36
C GLY A 109 2.74 -0.08 -18.78
N PRO A 110 3.06 0.74 -19.82
CA PRO A 110 4.43 0.79 -20.33
C PRO A 110 5.34 1.57 -19.38
N SER A 111 6.50 0.99 -19.09
CA SER A 111 7.46 1.61 -18.21
C SER A 111 8.51 2.37 -19.02
N SER A 112 8.54 3.68 -18.83
CA SER A 112 9.49 4.52 -19.54
C SER A 112 9.25 4.42 -21.05
N GLY A 113 9.50 5.52 -21.73
CA GLY A 113 9.32 5.57 -23.17
C GLY A 113 10.45 6.36 -23.83
#